data_2ARA
# 
_entry.id   2ARA 
# 
_audit_conform.dict_name       mmcif_pdbx.dic 
_audit_conform.dict_version    5.392 
_audit_conform.dict_location   http://mmcif.pdb.org/dictionaries/ascii/mmcif_pdbx.dic 
# 
loop_
_database_2.database_id 
_database_2.database_code 
_database_2.pdbx_database_accession 
_database_2.pdbx_DOI 
PDB   2ARA         pdb_00002ara 10.2210/pdb2ara/pdb 
WWPDB D_1000177774 ?            ?                   
# 
loop_
_pdbx_audit_revision_history.ordinal 
_pdbx_audit_revision_history.data_content_type 
_pdbx_audit_revision_history.major_revision 
_pdbx_audit_revision_history.minor_revision 
_pdbx_audit_revision_history.revision_date 
1 'Structure model' 1 0 1997-05-15 
2 'Structure model' 1 1 2008-03-24 
3 'Structure model' 1 2 2011-07-13 
4 'Structure model' 1 3 2023-08-09 
5 'Structure model' 1 4 2024-05-22 
# 
_pdbx_audit_revision_details.ordinal             1 
_pdbx_audit_revision_details.revision_ordinal    1 
_pdbx_audit_revision_details.data_content_type   'Structure model' 
_pdbx_audit_revision_details.provider            repository 
_pdbx_audit_revision_details.type                'Initial release' 
_pdbx_audit_revision_details.description         ? 
_pdbx_audit_revision_details.details             ? 
# 
loop_
_pdbx_audit_revision_group.ordinal 
_pdbx_audit_revision_group.revision_ordinal 
_pdbx_audit_revision_group.data_content_type 
_pdbx_audit_revision_group.group 
1 2 'Structure model' 'Version format compliance' 
2 3 'Structure model' 'Version format compliance' 
3 4 'Structure model' 'Database references'       
4 4 'Structure model' 'Refinement description'    
5 5 'Structure model' 'Data collection'           
# 
loop_
_pdbx_audit_revision_category.ordinal 
_pdbx_audit_revision_category.revision_ordinal 
_pdbx_audit_revision_category.data_content_type 
_pdbx_audit_revision_category.category 
1 4 'Structure model' database_2                    
2 4 'Structure model' pdbx_initial_refinement_model 
3 5 'Structure model' chem_comp_atom                
4 5 'Structure model' chem_comp_bond                
# 
loop_
_pdbx_audit_revision_item.ordinal 
_pdbx_audit_revision_item.revision_ordinal 
_pdbx_audit_revision_item.data_content_type 
_pdbx_audit_revision_item.item 
1 4 'Structure model' '_database_2.pdbx_DOI'                
2 4 'Structure model' '_database_2.pdbx_database_accession' 
# 
_pdbx_database_status.status_code                     REL 
_pdbx_database_status.entry_id                        2ARA 
_pdbx_database_status.recvd_initial_deposition_date   1996-10-30 
_pdbx_database_status.deposit_site                    ? 
_pdbx_database_status.process_site                    BNL 
_pdbx_database_status.SG_entry                        . 
_pdbx_database_status.status_code_sf                  ? 
_pdbx_database_status.status_code_mr                  ? 
_pdbx_database_status.pdb_format_compatible           Y 
_pdbx_database_status.status_code_cs                  ? 
_pdbx_database_status.status_code_nmr_data            ? 
_pdbx_database_status.methods_development_category    ? 
# 
loop_
_pdbx_database_related.db_name 
_pdbx_database_related.db_id 
_pdbx_database_related.content_type 
_pdbx_database_related.details 
PDB 2ARC unspecified . 
PDB 2AAC unspecified . 
PDB 1XJA unspecified . 
PDB 2K9S unspecified . 
# 
loop_
_audit_author.name 
_audit_author.pdbx_ordinal 
'Soisson, S.M.' 1 
'Wolberger, C.' 2 
# 
_citation.id                        primary 
_citation.title                     'Structural basis for ligand-regulated oligomerization of AraC.' 
_citation.journal_abbrev            Science 
_citation.journal_volume            276 
_citation.page_first                421 
_citation.page_last                 425 
_citation.year                      1997 
_citation.journal_id_ASTM           SCIEAS 
_citation.country                   US 
_citation.journal_id_ISSN           0036-8075 
_citation.journal_id_CSD            0038 
_citation.book_publisher            ? 
_citation.pdbx_database_id_PubMed   9103202 
_citation.pdbx_database_id_DOI      10.1126/science.276.5311.421 
# 
loop_
_citation_author.citation_id 
_citation_author.name 
_citation_author.ordinal 
_citation_author.identifier_ORCID 
primary 'Soisson, S.M.'             1 ? 
primary 'MacDougall-Shackleton, B.' 2 ? 
primary 'Schleif, R.'               3 ? 
primary 'Wolberger, C.'             4 ? 
# 
_entity.id                         1 
_entity.type                       polymer 
_entity.src_method                 man 
_entity.pdbx_description           ARAC 
_entity.formula_weight             17426.826 
_entity.pdbx_number_of_molecules   1 
_entity.pdbx_ec                    ? 
_entity.pdbx_mutation              ? 
_entity.pdbx_fragment              'SUGAR-BINDING/DIMERIZATION DOMAIN' 
_entity.details                    ? 
# 
_entity_name_com.entity_id   1 
_entity_name_com.name        'ARABINOSE OPERON REGULATORY PROTEIN' 
# 
_entity_poly.entity_id                      1 
_entity_poly.type                           'polypeptide(L)' 
_entity_poly.nstd_linkage                   no 
_entity_poly.nstd_monomer                   no 
_entity_poly.pdbx_seq_one_letter_code       
;LVAGLTPIEANGYLDFFIDRPLGMKGYILNLTIRGQGVVKNQGREFVCRPGDILLFPPGEIHHYGRHPEAREWYHQWVYF
RPRAYWHEWLNWPSIFANTGFFRPDEAHQPHFSDLFGQIINAGQGEGRYSELLAINLLEQLLLRRMEAI
;
_entity_poly.pdbx_seq_one_letter_code_can   
;LVAGLTPIEANGYLDFFIDRPLGMKGYILNLTIRGQGVVKNQGREFVCRPGDILLFPPGEIHHYGRHPEAREWYHQWVYF
RPRAYWHEWLNWPSIFANTGFFRPDEAHQPHFSDLFGQIINAGQGEGRYSELLAINLLEQLLLRRMEAI
;
_entity_poly.pdbx_strand_id                 A 
_entity_poly.pdbx_target_identifier         ? 
# 
loop_
_entity_poly_seq.entity_id 
_entity_poly_seq.num 
_entity_poly_seq.mon_id 
_entity_poly_seq.hetero 
1 1   LEU n 
1 2   VAL n 
1 3   ALA n 
1 4   GLY n 
1 5   LEU n 
1 6   THR n 
1 7   PRO n 
1 8   ILE n 
1 9   GLU n 
1 10  ALA n 
1 11  ASN n 
1 12  GLY n 
1 13  TYR n 
1 14  LEU n 
1 15  ASP n 
1 16  PHE n 
1 17  PHE n 
1 18  ILE n 
1 19  ASP n 
1 20  ARG n 
1 21  PRO n 
1 22  LEU n 
1 23  GLY n 
1 24  MET n 
1 25  LYS n 
1 26  GLY n 
1 27  TYR n 
1 28  ILE n 
1 29  LEU n 
1 30  ASN n 
1 31  LEU n 
1 32  THR n 
1 33  ILE n 
1 34  ARG n 
1 35  GLY n 
1 36  GLN n 
1 37  GLY n 
1 38  VAL n 
1 39  VAL n 
1 40  LYS n 
1 41  ASN n 
1 42  GLN n 
1 43  GLY n 
1 44  ARG n 
1 45  GLU n 
1 46  PHE n 
1 47  VAL n 
1 48  CYS n 
1 49  ARG n 
1 50  PRO n 
1 51  GLY n 
1 52  ASP n 
1 53  ILE n 
1 54  LEU n 
1 55  LEU n 
1 56  PHE n 
1 57  PRO n 
1 58  PRO n 
1 59  GLY n 
1 60  GLU n 
1 61  ILE n 
1 62  HIS n 
1 63  HIS n 
1 64  TYR n 
1 65  GLY n 
1 66  ARG n 
1 67  HIS n 
1 68  PRO n 
1 69  GLU n 
1 70  ALA n 
1 71  ARG n 
1 72  GLU n 
1 73  TRP n 
1 74  TYR n 
1 75  HIS n 
1 76  GLN n 
1 77  TRP n 
1 78  VAL n 
1 79  TYR n 
1 80  PHE n 
1 81  ARG n 
1 82  PRO n 
1 83  ARG n 
1 84  ALA n 
1 85  TYR n 
1 86  TRP n 
1 87  HIS n 
1 88  GLU n 
1 89  TRP n 
1 90  LEU n 
1 91  ASN n 
1 92  TRP n 
1 93  PRO n 
1 94  SER n 
1 95  ILE n 
1 96  PHE n 
1 97  ALA n 
1 98  ASN n 
1 99  THR n 
1 100 GLY n 
1 101 PHE n 
1 102 PHE n 
1 103 ARG n 
1 104 PRO n 
1 105 ASP n 
1 106 GLU n 
1 107 ALA n 
1 108 HIS n 
1 109 GLN n 
1 110 PRO n 
1 111 HIS n 
1 112 PHE n 
1 113 SER n 
1 114 ASP n 
1 115 LEU n 
1 116 PHE n 
1 117 GLY n 
1 118 GLN n 
1 119 ILE n 
1 120 ILE n 
1 121 ASN n 
1 122 ALA n 
1 123 GLY n 
1 124 GLN n 
1 125 GLY n 
1 126 GLU n 
1 127 GLY n 
1 128 ARG n 
1 129 TYR n 
1 130 SER n 
1 131 GLU n 
1 132 LEU n 
1 133 LEU n 
1 134 ALA n 
1 135 ILE n 
1 136 ASN n 
1 137 LEU n 
1 138 LEU n 
1 139 GLU n 
1 140 GLN n 
1 141 LEU n 
1 142 LEU n 
1 143 LEU n 
1 144 ARG n 
1 145 ARG n 
1 146 MET n 
1 147 GLU n 
1 148 ALA n 
1 149 ILE n 
# 
_entity_src_gen.entity_id                          1 
_entity_src_gen.pdbx_src_id                        1 
_entity_src_gen.pdbx_alt_source_flag               sample 
_entity_src_gen.pdbx_seq_type                      ? 
_entity_src_gen.pdbx_beg_seq_num                   ? 
_entity_src_gen.pdbx_end_seq_num                   ? 
_entity_src_gen.gene_src_common_name               ? 
_entity_src_gen.gene_src_genus                     Escherichia 
_entity_src_gen.pdbx_gene_src_gene                 ARAC 
_entity_src_gen.gene_src_species                   ? 
_entity_src_gen.gene_src_strain                    ? 
_entity_src_gen.gene_src_tissue                    ? 
_entity_src_gen.gene_src_tissue_fraction           ? 
_entity_src_gen.gene_src_details                   ? 
_entity_src_gen.pdbx_gene_src_fragment             ? 
_entity_src_gen.pdbx_gene_src_scientific_name      'Escherichia coli' 
_entity_src_gen.pdbx_gene_src_ncbi_taxonomy_id     562 
_entity_src_gen.pdbx_gene_src_variant              ? 
_entity_src_gen.pdbx_gene_src_cell_line            ? 
_entity_src_gen.pdbx_gene_src_atcc                 ? 
_entity_src_gen.pdbx_gene_src_organ                ? 
_entity_src_gen.pdbx_gene_src_organelle            ? 
_entity_src_gen.pdbx_gene_src_cell                 ? 
_entity_src_gen.pdbx_gene_src_cellular_location    ? 
_entity_src_gen.host_org_common_name               ? 
_entity_src_gen.pdbx_host_org_scientific_name      'Escherichia coli' 
_entity_src_gen.pdbx_host_org_ncbi_taxonomy_id     562 
_entity_src_gen.host_org_genus                     Escherichia 
_entity_src_gen.pdbx_host_org_gene                 ARAC 
_entity_src_gen.pdbx_host_org_organ                ? 
_entity_src_gen.host_org_species                   ? 
_entity_src_gen.pdbx_host_org_tissue               ? 
_entity_src_gen.pdbx_host_org_tissue_fraction      ? 
_entity_src_gen.pdbx_host_org_strain               ? 
_entity_src_gen.pdbx_host_org_variant              ? 
_entity_src_gen.pdbx_host_org_cell_line            ? 
_entity_src_gen.pdbx_host_org_atcc                 ? 
_entity_src_gen.pdbx_host_org_culture_collection   ? 
_entity_src_gen.pdbx_host_org_cell                 ? 
_entity_src_gen.pdbx_host_org_organelle            ? 
_entity_src_gen.pdbx_host_org_cellular_location    ? 
_entity_src_gen.pdbx_host_org_vector_type          ? 
_entity_src_gen.pdbx_host_org_vector               ? 
_entity_src_gen.host_org_details                   ? 
_entity_src_gen.expression_system_id               ? 
_entity_src_gen.plasmid_name                       ? 
_entity_src_gen.plasmid_details                    ? 
_entity_src_gen.pdbx_description                   ? 
# 
loop_
_chem_comp.id 
_chem_comp.type 
_chem_comp.mon_nstd_flag 
_chem_comp.name 
_chem_comp.pdbx_synonyms 
_chem_comp.formula 
_chem_comp.formula_weight 
ALA 'L-peptide linking' y ALANINE         ? 'C3 H7 N O2'     89.093  
ARG 'L-peptide linking' y ARGININE        ? 'C6 H15 N4 O2 1' 175.209 
ASN 'L-peptide linking' y ASPARAGINE      ? 'C4 H8 N2 O3'    132.118 
ASP 'L-peptide linking' y 'ASPARTIC ACID' ? 'C4 H7 N O4'     133.103 
CYS 'L-peptide linking' y CYSTEINE        ? 'C3 H7 N O2 S'   121.158 
GLN 'L-peptide linking' y GLUTAMINE       ? 'C5 H10 N2 O3'   146.144 
GLU 'L-peptide linking' y 'GLUTAMIC ACID' ? 'C5 H9 N O4'     147.129 
GLY 'peptide linking'   y GLYCINE         ? 'C2 H5 N O2'     75.067  
HIS 'L-peptide linking' y HISTIDINE       ? 'C6 H10 N3 O2 1' 156.162 
ILE 'L-peptide linking' y ISOLEUCINE      ? 'C6 H13 N O2'    131.173 
LEU 'L-peptide linking' y LEUCINE         ? 'C6 H13 N O2'    131.173 
LYS 'L-peptide linking' y LYSINE          ? 'C6 H15 N2 O2 1' 147.195 
MET 'L-peptide linking' y METHIONINE      ? 'C5 H11 N O2 S'  149.211 
PHE 'L-peptide linking' y PHENYLALANINE   ? 'C9 H11 N O2'    165.189 
PRO 'L-peptide linking' y PROLINE         ? 'C5 H9 N O2'     115.130 
SER 'L-peptide linking' y SERINE          ? 'C3 H7 N O3'     105.093 
THR 'L-peptide linking' y THREONINE       ? 'C4 H9 N O3'     119.119 
TRP 'L-peptide linking' y TRYPTOPHAN      ? 'C11 H12 N2 O2'  204.225 
TYR 'L-peptide linking' y TYROSINE        ? 'C9 H11 N O3'    181.189 
VAL 'L-peptide linking' y VALINE          ? 'C5 H11 N O2'    117.146 
# 
loop_
_pdbx_poly_seq_scheme.asym_id 
_pdbx_poly_seq_scheme.entity_id 
_pdbx_poly_seq_scheme.seq_id 
_pdbx_poly_seq_scheme.mon_id 
_pdbx_poly_seq_scheme.ndb_seq_num 
_pdbx_poly_seq_scheme.pdb_seq_num 
_pdbx_poly_seq_scheme.auth_seq_num 
_pdbx_poly_seq_scheme.pdb_mon_id 
_pdbx_poly_seq_scheme.auth_mon_id 
_pdbx_poly_seq_scheme.pdb_strand_id 
_pdbx_poly_seq_scheme.pdb_ins_code 
_pdbx_poly_seq_scheme.hetero 
A 1 1   LEU 1   19  19  LEU LEU A . n 
A 1 2   VAL 2   20  20  VAL VAL A . n 
A 1 3   ALA 3   21  21  ALA ALA A . n 
A 1 4   GLY 4   22  22  GLY GLY A . n 
A 1 5   LEU 5   23  23  LEU LEU A . n 
A 1 6   THR 6   24  24  THR THR A . n 
A 1 7   PRO 7   25  25  PRO PRO A . n 
A 1 8   ILE 8   26  26  ILE ILE A . n 
A 1 9   GLU 9   27  27  GLU GLU A . n 
A 1 10  ALA 10  28  28  ALA ALA A . n 
A 1 11  ASN 11  29  29  ASN ASN A . n 
A 1 12  GLY 12  30  30  GLY GLY A . n 
A 1 13  TYR 13  31  31  TYR TYR A . n 
A 1 14  LEU 14  32  32  LEU LEU A . n 
A 1 15  ASP 15  33  33  ASP ASP A . n 
A 1 16  PHE 16  34  34  PHE PHE A . n 
A 1 17  PHE 17  35  35  PHE PHE A . n 
A 1 18  ILE 18  36  36  ILE ILE A . n 
A 1 19  ASP 19  37  37  ASP ASP A . n 
A 1 20  ARG 20  38  38  ARG ARG A . n 
A 1 21  PRO 21  39  39  PRO PRO A . n 
A 1 22  LEU 22  40  40  LEU LEU A . n 
A 1 23  GLY 23  41  41  GLY GLY A . n 
A 1 24  MET 24  42  42  MET MET A . n 
A 1 25  LYS 25  43  43  LYS LYS A . n 
A 1 26  GLY 26  44  44  GLY GLY A . n 
A 1 27  TYR 27  45  45  TYR TYR A . n 
A 1 28  ILE 28  46  46  ILE ILE A . n 
A 1 29  LEU 29  47  47  LEU LEU A . n 
A 1 30  ASN 30  48  48  ASN ASN A . n 
A 1 31  LEU 31  49  49  LEU LEU A . n 
A 1 32  THR 32  50  50  THR THR A . n 
A 1 33  ILE 33  51  51  ILE ILE A . n 
A 1 34  ARG 34  52  52  ARG ARG A . n 
A 1 35  GLY 35  53  53  GLY GLY A . n 
A 1 36  GLN 36  54  54  GLN GLN A . n 
A 1 37  GLY 37  55  55  GLY GLY A . n 
A 1 38  VAL 38  56  56  VAL VAL A . n 
A 1 39  VAL 39  57  57  VAL VAL A . n 
A 1 40  LYS 40  58  58  LYS LYS A . n 
A 1 41  ASN 41  59  59  ASN ASN A . n 
A 1 42  GLN 42  60  60  GLN GLN A . n 
A 1 43  GLY 43  61  61  GLY GLY A . n 
A 1 44  ARG 44  62  62  ARG ARG A . n 
A 1 45  GLU 45  63  63  GLU GLU A . n 
A 1 46  PHE 46  64  64  PHE PHE A . n 
A 1 47  VAL 47  65  65  VAL VAL A . n 
A 1 48  CYS 48  66  66  CYS CYS A . n 
A 1 49  ARG 49  67  67  ARG ARG A . n 
A 1 50  PRO 50  68  68  PRO PRO A . n 
A 1 51  GLY 51  69  69  GLY GLY A . n 
A 1 52  ASP 52  70  70  ASP ASP A . n 
A 1 53  ILE 53  71  71  ILE ILE A . n 
A 1 54  LEU 54  72  72  LEU LEU A . n 
A 1 55  LEU 55  73  73  LEU LEU A . n 
A 1 56  PHE 56  74  74  PHE PHE A . n 
A 1 57  PRO 57  75  75  PRO PRO A . n 
A 1 58  PRO 58  76  76  PRO PRO A . n 
A 1 59  GLY 59  77  77  GLY GLY A . n 
A 1 60  GLU 60  78  78  GLU GLU A . n 
A 1 61  ILE 61  79  79  ILE ILE A . n 
A 1 62  HIS 62  80  80  HIS HIS A . n 
A 1 63  HIS 63  81  81  HIS HIS A . n 
A 1 64  TYR 64  82  82  TYR TYR A . n 
A 1 65  GLY 65  83  83  GLY GLY A . n 
A 1 66  ARG 66  84  84  ARG ARG A . n 
A 1 67  HIS 67  85  85  HIS HIS A . n 
A 1 68  PRO 68  86  86  PRO PRO A . n 
A 1 69  GLU 69  87  87  GLU GLU A . n 
A 1 70  ALA 70  88  88  ALA ALA A . n 
A 1 71  ARG 71  89  89  ARG ARG A . n 
A 1 72  GLU 72  90  90  GLU GLU A . n 
A 1 73  TRP 73  91  91  TRP TRP A . n 
A 1 74  TYR 74  92  92  TYR TYR A . n 
A 1 75  HIS 75  93  93  HIS HIS A . n 
A 1 76  GLN 76  94  94  GLN GLN A . n 
A 1 77  TRP 77  95  95  TRP TRP A . n 
A 1 78  VAL 78  96  96  VAL VAL A . n 
A 1 79  TYR 79  97  97  TYR TYR A . n 
A 1 80  PHE 80  98  98  PHE PHE A . n 
A 1 81  ARG 81  99  99  ARG ARG A . n 
A 1 82  PRO 82  100 100 PRO PRO A . n 
A 1 83  ARG 83  101 101 ARG ARG A . n 
A 1 84  ALA 84  102 102 ALA ALA A . n 
A 1 85  TYR 85  103 103 TYR TYR A . n 
A 1 86  TRP 86  104 104 TRP TRP A . n 
A 1 87  HIS 87  105 105 HIS HIS A . n 
A 1 88  GLU 88  106 106 GLU GLU A . n 
A 1 89  TRP 89  107 107 TRP TRP A . n 
A 1 90  LEU 90  108 108 LEU LEU A . n 
A 1 91  ASN 91  109 109 ASN ASN A . n 
A 1 92  TRP 92  110 110 TRP TRP A . n 
A 1 93  PRO 93  111 111 PRO PRO A . n 
A 1 94  SER 94  112 112 SER SER A . n 
A 1 95  ILE 95  113 113 ILE ILE A . n 
A 1 96  PHE 96  114 114 PHE PHE A . n 
A 1 97  ALA 97  115 115 ALA ALA A . n 
A 1 98  ASN 98  116 116 ASN ASN A . n 
A 1 99  THR 99  117 117 THR THR A . n 
A 1 100 GLY 100 118 118 GLY GLY A . n 
A 1 101 PHE 101 119 119 PHE PHE A . n 
A 1 102 PHE 102 120 120 PHE PHE A . n 
A 1 103 ARG 103 121 121 ARG ARG A . n 
A 1 104 PRO 104 122 122 PRO PRO A . n 
A 1 105 ASP 105 123 123 ASP ASP A . n 
A 1 106 GLU 106 124 124 GLU GLU A . n 
A 1 107 ALA 107 125 125 ALA ALA A . n 
A 1 108 HIS 108 126 126 HIS HIS A . n 
A 1 109 GLN 109 127 127 GLN GLN A . n 
A 1 110 PRO 110 128 128 PRO PRO A . n 
A 1 111 HIS 111 129 129 HIS HIS A . n 
A 1 112 PHE 112 130 130 PHE PHE A . n 
A 1 113 SER 113 131 131 SER SER A . n 
A 1 114 ASP 114 132 132 ASP ASP A . n 
A 1 115 LEU 115 133 133 LEU LEU A . n 
A 1 116 PHE 116 134 134 PHE PHE A . n 
A 1 117 GLY 117 135 135 GLY GLY A . n 
A 1 118 GLN 118 136 136 GLN GLN A . n 
A 1 119 ILE 119 137 137 ILE ILE A . n 
A 1 120 ILE 120 138 138 ILE ILE A . n 
A 1 121 ASN 121 139 139 ASN ASN A . n 
A 1 122 ALA 122 140 140 ALA ALA A . n 
A 1 123 GLY 123 141 141 GLY GLY A . n 
A 1 124 GLN 124 142 142 GLN GLN A . n 
A 1 125 GLY 125 143 143 GLY GLY A . n 
A 1 126 GLU 126 144 144 GLU GLU A . n 
A 1 127 GLY 127 145 145 GLY GLY A . n 
A 1 128 ARG 128 146 146 ARG ARG A . n 
A 1 129 TYR 129 147 147 TYR TYR A . n 
A 1 130 SER 130 148 148 SER SER A . n 
A 1 131 GLU 131 149 149 GLU GLU A . n 
A 1 132 LEU 132 150 150 LEU LEU A . n 
A 1 133 LEU 133 151 151 LEU LEU A . n 
A 1 134 ALA 134 152 152 ALA ALA A . n 
A 1 135 ILE 135 153 153 ILE ILE A . n 
A 1 136 ASN 136 154 154 ASN ASN A . n 
A 1 137 LEU 137 155 155 LEU LEU A . n 
A 1 138 LEU 138 156 156 LEU LEU A . n 
A 1 139 GLU 139 157 157 GLU GLU A . n 
A 1 140 GLN 140 158 158 GLN GLN A . n 
A 1 141 LEU 141 159 159 LEU LEU A . n 
A 1 142 LEU 142 160 160 LEU LEU A . n 
A 1 143 LEU 143 161 161 LEU LEU A . n 
A 1 144 ARG 144 162 162 ARG ARG A . n 
A 1 145 ARG 145 163 163 ARG ARG A . n 
A 1 146 MET 146 164 164 MET MET A . n 
A 1 147 GLU 147 165 165 GLU GLU A . n 
A 1 148 ALA 148 166 166 ALA ALA A . n 
A 1 149 ILE 149 167 167 ILE ILE A . n 
# 
loop_
_pdbx_unobs_or_zero_occ_atoms.id 
_pdbx_unobs_or_zero_occ_atoms.PDB_model_num 
_pdbx_unobs_or_zero_occ_atoms.polymer_flag 
_pdbx_unobs_or_zero_occ_atoms.occupancy_flag 
_pdbx_unobs_or_zero_occ_atoms.auth_asym_id 
_pdbx_unobs_or_zero_occ_atoms.auth_comp_id 
_pdbx_unobs_or_zero_occ_atoms.auth_seq_id 
_pdbx_unobs_or_zero_occ_atoms.PDB_ins_code 
_pdbx_unobs_or_zero_occ_atoms.auth_atom_id 
_pdbx_unobs_or_zero_occ_atoms.label_alt_id 
_pdbx_unobs_or_zero_occ_atoms.label_asym_id 
_pdbx_unobs_or_zero_occ_atoms.label_comp_id 
_pdbx_unobs_or_zero_occ_atoms.label_seq_id 
_pdbx_unobs_or_zero_occ_atoms.label_atom_id 
1  1 Y 1 A LYS 43  ? CG  ? A LYS 25  CG  
2  1 Y 1 A LYS 43  ? CD  ? A LYS 25  CD  
3  1 Y 1 A LYS 43  ? CE  ? A LYS 25  CE  
4  1 Y 1 A LYS 43  ? NZ  ? A LYS 25  NZ  
5  1 Y 1 A VAL 65  ? CG1 ? A VAL 47  CG1 
6  1 Y 1 A VAL 65  ? CG2 ? A VAL 47  CG2 
7  1 Y 1 A GLU 87  ? CG  ? A GLU 69  CG  
8  1 Y 1 A GLU 87  ? CD  ? A GLU 69  CD  
9  1 Y 1 A GLU 87  ? OE1 ? A GLU 69  OE1 
10 1 Y 1 A GLU 87  ? OE2 ? A GLU 69  OE2 
11 1 Y 1 A GLU 106 ? CG  ? A GLU 88  CG  
12 1 Y 1 A GLU 106 ? CD  ? A GLU 88  CD  
13 1 Y 1 A GLU 106 ? OE1 ? A GLU 88  OE1 
14 1 Y 1 A GLU 106 ? OE2 ? A GLU 88  OE2 
15 1 Y 1 A ASP 123 ? CG  ? A ASP 105 CG  
16 1 Y 1 A ASP 123 ? OD1 ? A ASP 105 OD1 
17 1 Y 1 A ASP 123 ? OD2 ? A ASP 105 OD2 
18 1 Y 1 A GLU 124 ? CG  ? A GLU 106 CG  
19 1 Y 1 A GLU 124 ? CD  ? A GLU 106 CD  
20 1 Y 1 A GLU 124 ? OE1 ? A GLU 106 OE1 
21 1 Y 1 A GLU 124 ? OE2 ? A GLU 106 OE2 
22 1 Y 1 A GLN 127 ? CG  ? A GLN 109 CG  
23 1 Y 1 A GLN 127 ? CD  ? A GLN 109 CD  
24 1 Y 1 A GLN 127 ? OE1 ? A GLN 109 OE1 
25 1 Y 1 A GLN 127 ? NE2 ? A GLN 109 NE2 
26 1 Y 1 A ASN 139 ? CG  ? A ASN 121 CG  
27 1 Y 1 A ASN 139 ? OD1 ? A ASN 121 OD1 
28 1 Y 1 A ASN 139 ? ND2 ? A ASN 121 ND2 
29 1 Y 1 A GLU 144 ? CG  ? A GLU 126 CG  
30 1 Y 1 A GLU 144 ? CD  ? A GLU 126 CD  
31 1 Y 1 A GLU 144 ? OE1 ? A GLU 126 OE1 
32 1 Y 1 A GLU 144 ? OE2 ? A GLU 126 OE2 
33 1 Y 1 A ARG 146 ? CG  ? A ARG 128 CG  
34 1 Y 1 A ARG 146 ? CD  ? A ARG 128 CD  
35 1 Y 1 A ARG 146 ? NE  ? A ARG 128 NE  
36 1 Y 1 A ARG 146 ? CZ  ? A ARG 128 CZ  
37 1 Y 1 A ARG 146 ? NH1 ? A ARG 128 NH1 
38 1 Y 1 A ARG 146 ? NH2 ? A ARG 128 NH2 
39 1 Y 1 A GLU 149 ? CG  ? A GLU 131 CG  
40 1 Y 1 A GLU 149 ? CD  ? A GLU 131 CD  
41 1 Y 1 A GLU 149 ? OE1 ? A GLU 131 OE1 
42 1 Y 1 A GLU 149 ? OE2 ? A GLU 131 OE2 
43 1 Y 1 A GLU 165 ? CG  ? A GLU 147 CG  
44 1 Y 1 A GLU 165 ? CD  ? A GLU 147 CD  
45 1 Y 1 A GLU 165 ? OE1 ? A GLU 147 OE1 
46 1 Y 1 A GLU 165 ? OE2 ? A GLU 147 OE2 
# 
loop_
_software.name 
_software.classification 
_software.version 
_software.citation_id 
_software.pdbx_ordinal 
DENZO     'data reduction' .   ? 1 
SCALEPACK 'data scaling'   .   ? 2 
X-PLOR    'model building' 3.8 ? 3 
X-PLOR    refinement       3.8 ? 4 
X-PLOR    phasing          3.8 ? 5 
# 
_cell.entry_id           2ARA 
_cell.length_a           57.370 
_cell.length_b           57.370 
_cell.length_c           83.450 
_cell.angle_alpha        90.00 
_cell.angle_beta         90.00 
_cell.angle_gamma        120.00 
_cell.Z_PDB              6 
_cell.pdbx_unique_axis   ? 
_cell.length_a_esd       ? 
_cell.length_b_esd       ? 
_cell.length_c_esd       ? 
_cell.angle_alpha_esd    ? 
_cell.angle_beta_esd     ? 
_cell.angle_gamma_esd    ? 
# 
_symmetry.entry_id                         2ARA 
_symmetry.space_group_name_H-M             'P 31 2 1' 
_symmetry.pdbx_full_space_group_name_H-M   ? 
_symmetry.cell_setting                     ? 
_symmetry.Int_Tables_number                152 
_symmetry.space_group_name_Hall            ? 
# 
_exptl.entry_id          2ARA 
_exptl.method            'X-RAY DIFFRACTION' 
_exptl.crystals_number   1 
# 
_exptl_crystal.id                    1 
_exptl_crystal.density_meas          ? 
_exptl_crystal.density_Matthews      1.93 
_exptl_crystal.density_percent_sol   36. 
_exptl_crystal.description           ? 
_exptl_crystal.F_000                 ? 
_exptl_crystal.preparation           ? 
# 
_exptl_crystal_grow.crystal_id      1 
_exptl_crystal_grow.method          'VAPOR DIFFUSION, HANGING DROP' 
_exptl_crystal_grow.temp            ? 
_exptl_crystal_grow.temp_details    ? 
_exptl_crystal_grow.pH              9.0 
_exptl_crystal_grow.pdbx_pH_range   ? 
_exptl_crystal_grow.pdbx_details    
;PROTEIN WAS CRYSTALLIZED BY HANGING-DROP VAPOR DIFFUSION FROM 20% PEG 4000, 0.1M TRIS-HCL, PH 9.0, 5 MM KCL, 0.2 M SODIUM ACETATE., vapor diffusion - hanging drop
;
# 
_diffrn.id                     1 
_diffrn.ambient_temp           100 
_diffrn.ambient_temp_details   ? 
_diffrn.crystal_id             1 
# 
_diffrn_detector.diffrn_id              1 
_diffrn_detector.detector               'IMAGE PLATE' 
_diffrn_detector.type                   FUJI 
_diffrn_detector.pdbx_collection_date   1996-02 
_diffrn_detector.details                'SPHERICAL RH COATED MIRROR' 
# 
_diffrn_radiation.diffrn_id                        1 
_diffrn_radiation.wavelength_id                    1 
_diffrn_radiation.pdbx_monochromatic_or_laue_m_l   M 
_diffrn_radiation.monochromator                    'SAGITALLY FOCUSED SI(111) DOUBLE CRYSTAL MONOCHROMATOR' 
_diffrn_radiation.pdbx_diffrn_protocol             ? 
_diffrn_radiation.pdbx_scattering_type             x-ray 
# 
_diffrn_radiation_wavelength.id           1 
_diffrn_radiation_wavelength.wavelength   1.072 
_diffrn_radiation_wavelength.wt           1.0 
# 
_diffrn_source.diffrn_id                   1 
_diffrn_source.source                      SYNCHROTRON 
_diffrn_source.type                        'NSLS BEAMLINE X4A' 
_diffrn_source.pdbx_synchrotron_site       NSLS 
_diffrn_source.pdbx_synchrotron_beamline   X4A 
_diffrn_source.pdbx_wavelength             1.072 
_diffrn_source.pdbx_wavelength_list        ? 
# 
_reflns.entry_id                     2ARA 
_reflns.observed_criterion_sigma_I   2. 
_reflns.observed_criterion_sigma_F   ? 
_reflns.d_resolution_low             30.0 
_reflns.d_resolution_high            2.7 
_reflns.number_obs                   4676 
_reflns.number_all                   ? 
_reflns.percent_possible_obs         99. 
_reflns.pdbx_Rmerge_I_obs            0.065 
_reflns.pdbx_Rsym_value              0.065 
_reflns.pdbx_netI_over_sigmaI        16.5 
_reflns.B_iso_Wilson_estimate        41.9 
_reflns.pdbx_redundancy              11.0 
_reflns.R_free_details               ? 
_reflns.limit_h_max                  ? 
_reflns.limit_h_min                  ? 
_reflns.limit_k_max                  ? 
_reflns.limit_k_min                  ? 
_reflns.limit_l_max                  ? 
_reflns.limit_l_min                  ? 
_reflns.observed_criterion_F_max     ? 
_reflns.observed_criterion_F_min     ? 
_reflns.pdbx_chi_squared             ? 
_reflns.pdbx_scaling_rejects         ? 
_reflns.pdbx_diffrn_id               1 
_reflns.pdbx_ordinal                 1 
# 
_reflns_shell.d_res_high             1.8 
_reflns_shell.d_res_low              2.82 
_reflns_shell.percent_possible_all   99. 
_reflns_shell.Rmerge_I_obs           0.065 
_reflns_shell.pdbx_Rsym_value        0.293 
_reflns_shell.meanI_over_sigI_obs    3. 
_reflns_shell.pdbx_redundancy        4.9 
_reflns_shell.percent_possible_obs   ? 
_reflns_shell.number_unique_all      ? 
_reflns_shell.number_measured_all    ? 
_reflns_shell.number_measured_obs    ? 
_reflns_shell.number_unique_obs      ? 
_reflns_shell.pdbx_chi_squared       ? 
_reflns_shell.pdbx_diffrn_id         ? 
_reflns_shell.pdbx_ordinal           1 
# 
_refine.entry_id                                 2ARA 
_refine.ls_number_reflns_obs                     3796 
_refine.ls_number_reflns_all                     ? 
_refine.pdbx_ls_sigma_I                          ? 
_refine.pdbx_ls_sigma_F                          2.0 
_refine.pdbx_data_cutoff_high_absF               100000.0 
_refine.pdbx_data_cutoff_low_absF                0.1 
_refine.pdbx_data_cutoff_high_rms_absF           ? 
_refine.ls_d_res_low                             7.0 
_refine.ls_d_res_high                            2.8 
_refine.ls_percent_reflns_obs                    97.4 
_refine.ls_R_factor_obs                          0.216 
_refine.ls_R_factor_all                          ? 
_refine.ls_R_factor_R_work                       0.216 
_refine.ls_R_factor_R_free                       0.337 
_refine.ls_R_factor_R_free_error                 0.0185 
_refine.ls_R_factor_R_free_error_details         ? 
_refine.ls_percent_reflns_R_free                 10.0 
_refine.ls_number_reflns_R_free                  329 
_refine.ls_number_parameters                     ? 
_refine.ls_number_restraints                     ? 
_refine.occupancy_min                            ? 
_refine.occupancy_max                            ? 
_refine.B_iso_mean                               31.2 
_refine.aniso_B[1][1]                            ? 
_refine.aniso_B[2][2]                            ? 
_refine.aniso_B[3][3]                            ? 
_refine.aniso_B[1][2]                            ? 
_refine.aniso_B[1][3]                            ? 
_refine.aniso_B[2][3]                            ? 
_refine.solvent_model_details                    ? 
_refine.solvent_model_param_ksol                 ? 
_refine.solvent_model_param_bsol                 ? 
_refine.pdbx_ls_cross_valid_method               THROUGHOUT 
_refine.details                                  'SIMULATED-ANNEALING TORSION ANGLE REFINEMENT' 
_refine.pdbx_starting_model                      'PDB ENTRY 2ARC' 
_refine.pdbx_method_to_determine_struct          'MOLECULAR REPLACEMENT' 
_refine.pdbx_isotropic_thermal_model             RESTRAINED 
_refine.pdbx_stereochemistry_target_values       ? 
_refine.pdbx_stereochem_target_val_spec_case     ? 
_refine.pdbx_R_Free_selection_details            RANDOM 
_refine.pdbx_overall_ESU_R                       ? 
_refine.pdbx_overall_ESU_R_Free                  ? 
_refine.overall_SU_ML                            ? 
_refine.overall_SU_B                             ? 
_refine.pdbx_refine_id                           'X-RAY DIFFRACTION' 
_refine.ls_redundancy_reflns_obs                 ? 
_refine.pdbx_overall_phase_error                 ? 
_refine.B_iso_min                                ? 
_refine.B_iso_max                                ? 
_refine.correlation_coeff_Fo_to_Fc               ? 
_refine.correlation_coeff_Fo_to_Fc_free          ? 
_refine.pdbx_solvent_vdw_probe_radii             ? 
_refine.pdbx_solvent_ion_probe_radii             ? 
_refine.pdbx_solvent_shrinkage_radii             ? 
_refine.overall_SU_R_Cruickshank_DPI             ? 
_refine.overall_SU_R_free                        ? 
_refine.ls_wR_factor_R_free                      ? 
_refine.ls_wR_factor_R_work                      ? 
_refine.overall_FOM_free_R_set                   ? 
_refine.overall_FOM_work_R_set                   ? 
_refine.pdbx_diffrn_id                           1 
_refine.pdbx_TLS_residual_ADP_flag               ? 
_refine.pdbx_overall_SU_R_free_Cruickshank_DPI   ? 
_refine.pdbx_overall_SU_R_Blow_DPI               ? 
_refine.pdbx_overall_SU_R_free_Blow_DPI          ? 
# 
_refine_analyze.entry_id                        2ARA 
_refine_analyze.Luzzati_coordinate_error_obs    0.4 
_refine_analyze.Luzzati_sigma_a_obs             ? 
_refine_analyze.Luzzati_d_res_low_obs           7.00 
_refine_analyze.Luzzati_coordinate_error_free   ? 
_refine_analyze.Luzzati_sigma_a_free            ? 
_refine_analyze.Luzzati_d_res_low_free          ? 
_refine_analyze.number_disordered_residues      ? 
_refine_analyze.occupancy_sum_hydrogen          ? 
_refine_analyze.occupancy_sum_non_hydrogen      ? 
_refine_analyze.pdbx_refine_id                  'X-RAY DIFFRACTION' 
_refine_analyze.pdbx_Luzzati_d_res_high_obs     ? 
# 
_refine_hist.pdbx_refine_id                   'X-RAY DIFFRACTION' 
_refine_hist.cycle_id                         LAST 
_refine_hist.pdbx_number_atoms_protein        1192 
_refine_hist.pdbx_number_atoms_nucleic_acid   0 
_refine_hist.pdbx_number_atoms_ligand         0 
_refine_hist.number_atoms_solvent             0 
_refine_hist.number_atoms_total               1192 
_refine_hist.d_res_high                       2.8 
_refine_hist.d_res_low                        7.0 
# 
loop_
_refine_ls_restr.type 
_refine_ls_restr.dev_ideal 
_refine_ls_restr.dev_ideal_target 
_refine_ls_restr.weight 
_refine_ls_restr.number 
_refine_ls_restr.pdbx_refine_id 
_refine_ls_restr.pdbx_restraint_function 
x_bond_d                0.017 ?     ? ? 'X-RAY DIFFRACTION' ? 
x_bond_d_na             ?     ?     ? ? 'X-RAY DIFFRACTION' ? 
x_bond_d_prot           ?     ?     ? ? 'X-RAY DIFFRACTION' ? 
x_angle_d               ?     ?     ? ? 'X-RAY DIFFRACTION' ? 
x_angle_d_na            ?     ?     ? ? 'X-RAY DIFFRACTION' ? 
x_angle_d_prot          ?     ?     ? ? 'X-RAY DIFFRACTION' ? 
x_angle_deg             1.95  ?     ? ? 'X-RAY DIFFRACTION' ? 
x_angle_deg_na          ?     ?     ? ? 'X-RAY DIFFRACTION' ? 
x_angle_deg_prot        ?     ?     ? ? 'X-RAY DIFFRACTION' ? 
x_dihedral_angle_d      25.24 ?     ? ? 'X-RAY DIFFRACTION' ? 
x_dihedral_angle_d_na   ?     ?     ? ? 'X-RAY DIFFRACTION' ? 
x_dihedral_angle_d_prot ?     ?     ? ? 'X-RAY DIFFRACTION' ? 
x_improper_angle_d      1.70  ?     ? ? 'X-RAY DIFFRACTION' ? 
x_improper_angle_d_na   ?     ?     ? ? 'X-RAY DIFFRACTION' ? 
x_improper_angle_d_prot ?     ?     ? ? 'X-RAY DIFFRACTION' ? 
x_mcbond_it             4.67  6.99  ? ? 'X-RAY DIFFRACTION' ? 
x_mcangle_it            5.11  10.22 ? ? 'X-RAY DIFFRACTION' ? 
x_scbond_it             6.57  9.86  ? ? 'X-RAY DIFFRACTION' ? 
x_scangle_it            11.88 11.88 ? ? 'X-RAY DIFFRACTION' ? 
# 
_refine_ls_shell.pdbx_total_number_of_bins_used   8 
_refine_ls_shell.d_res_high                       2.8 
_refine_ls_shell.d_res_low                        2.92 
_refine_ls_shell.number_reflns_R_work             409 
_refine_ls_shell.R_factor_R_work                  0.335 
_refine_ls_shell.percent_reflns_obs               95.0 
_refine_ls_shell.R_factor_R_free                  0.541 
_refine_ls_shell.R_factor_R_free_error            0.085 
_refine_ls_shell.percent_reflns_R_free            10.0 
_refine_ls_shell.number_reflns_R_free             43 
_refine_ls_shell.pdbx_refine_id                   'X-RAY DIFFRACTION' 
_refine_ls_shell.redundancy_reflns_obs            ? 
_refine_ls_shell.number_reflns_all                ? 
_refine_ls_shell.number_reflns_obs                ? 
_refine_ls_shell.R_factor_all                     ? 
# 
loop_
_pdbx_xplor_file.serial_no 
_pdbx_xplor_file.param_file 
_pdbx_xplor_file.topol_file 
_pdbx_xplor_file.pdbx_refine_id 
1 PARHCSDX.PRO TOPHCSDX.PRO 'X-RAY DIFFRACTION' 
2 ?            ?            'X-RAY DIFFRACTION' 
# 
_struct.entry_id                  2ARA 
_struct.title                     'APO FORM OF ESCHERICHIA COLI REGULATORY PROTEIN ARAC' 
_struct.pdbx_model_details        ? 
_struct.pdbx_CASP_flag            ? 
_struct.pdbx_model_type_details   ? 
# 
_struct_keywords.entry_id        2ARA 
_struct_keywords.pdbx_keywords   'TRANSCRIPTION REGULATION' 
_struct_keywords.text            'TRANSCRIPTION REGULATION, JELLY-ROLL, CARBOHYDRATE BINDING, COILED-COIL' 
# 
_struct_asym.id                            A 
_struct_asym.pdbx_blank_PDB_chainid_flag   N 
_struct_asym.pdbx_modified                 N 
_struct_asym.entity_id                     1 
_struct_asym.details                       ? 
# 
_struct_ref.id                         1 
_struct_ref.db_name                    UNP 
_struct_ref.db_code                    ARAC_ECOLI 
_struct_ref.entity_id                  1 
_struct_ref.pdbx_db_accession          P0A9E0 
_struct_ref.pdbx_align_begin           1 
_struct_ref.pdbx_seq_one_letter_code   
;MAEAQNDPLLPGYSFNAHLVAGLTPIEANGYLDFFIDRPLGMKGYILNLTIRGQGVVKNQGREFVCRPGDILLFPPGEIH
HYGRHPEAREWYHQWVYFRPRAYWHEWLNWPSIFANTGFFRPDEAHQPHFSDLFGQIINAGQGEGRYSELLAINLLEQLL
LRRMEAINESLHPPMDNRVREACQYISDHLADSNFDIASVAQHVCLSPSRLSHLFRQQLGISVLSWREDQRISQAKLLLS
TTRMPIATVGRNVGFDDQLYFSRVFKKCTGASPSEFRAGCEEKVNDVAVKLS
;
_struct_ref.pdbx_db_isoform            ? 
# 
_struct_ref_seq.align_id                      1 
_struct_ref_seq.ref_id                        1 
_struct_ref_seq.pdbx_PDB_id_code              2ARA 
_struct_ref_seq.pdbx_strand_id                A 
_struct_ref_seq.seq_align_beg                 1 
_struct_ref_seq.pdbx_seq_align_beg_ins_code   ? 
_struct_ref_seq.seq_align_end                 149 
_struct_ref_seq.pdbx_seq_align_end_ins_code   ? 
_struct_ref_seq.pdbx_db_accession             P0A9E0 
_struct_ref_seq.db_align_beg                  19 
_struct_ref_seq.pdbx_db_align_beg_ins_code    ? 
_struct_ref_seq.db_align_end                  167 
_struct_ref_seq.pdbx_db_align_end_ins_code    ? 
_struct_ref_seq.pdbx_auth_seq_align_beg       19 
_struct_ref_seq.pdbx_auth_seq_align_end       167 
# 
_pdbx_struct_assembly.id                   1 
_pdbx_struct_assembly.details              author_defined_assembly 
_pdbx_struct_assembly.method_details       ? 
_pdbx_struct_assembly.oligomeric_details   dimeric 
_pdbx_struct_assembly.oligomeric_count     2 
# 
_pdbx_struct_assembly_gen.assembly_id       1 
_pdbx_struct_assembly_gen.oper_expression   1,2 
_pdbx_struct_assembly_gen.asym_id_list      A 
# 
loop_
_pdbx_struct_oper_list.id 
_pdbx_struct_oper_list.type 
_pdbx_struct_oper_list.name 
_pdbx_struct_oper_list.symmetry_operation 
_pdbx_struct_oper_list.matrix[1][1] 
_pdbx_struct_oper_list.matrix[1][2] 
_pdbx_struct_oper_list.matrix[1][3] 
_pdbx_struct_oper_list.vector[1] 
_pdbx_struct_oper_list.matrix[2][1] 
_pdbx_struct_oper_list.matrix[2][2] 
_pdbx_struct_oper_list.matrix[2][3] 
_pdbx_struct_oper_list.vector[2] 
_pdbx_struct_oper_list.matrix[3][1] 
_pdbx_struct_oper_list.matrix[3][2] 
_pdbx_struct_oper_list.matrix[3][3] 
_pdbx_struct_oper_list.vector[3] 
1 'identity operation'         1_555 x,y,z              1.0000000000  0.0000000000 0.0000000000 0.0000000000 0.0000000000 1.0000000000 0.0000000000 0.0000000000   0.0000000000 0.0000000000 1.0000000000  0.0000000000  
2 'crystal symmetry operation' 6_765 -x+2,-x+y+1,-z+1/3 -0.7809286827 0.5701963628 0.2550029421 8.3616422052 0.5701963628 0.4841006850 0.6637187918 -17.1157649896 0.2550029421 0.6637187918 -0.7031720024 31.0880764992 
# 
_struct_biol.id                    1 
_struct_biol.details               
;CRYSTALLOGRAPHIC SYMMETRY GENERATES TWO POSSIBLE DIMER
FORMS OF ARAC.  THESE DIMER FORMS ARE DESCRIBED IN THE
JRNL REFERENCE.
;
_struct_biol.pdbx_parent_biol_id   ? 
# 
loop_
_struct_conf.conf_type_id 
_struct_conf.id 
_struct_conf.pdbx_PDB_helix_id 
_struct_conf.beg_label_comp_id 
_struct_conf.beg_label_asym_id 
_struct_conf.beg_label_seq_id 
_struct_conf.pdbx_beg_PDB_ins_code 
_struct_conf.end_label_comp_id 
_struct_conf.end_label_asym_id 
_struct_conf.end_label_seq_id 
_struct_conf.pdbx_end_PDB_ins_code 
_struct_conf.beg_auth_comp_id 
_struct_conf.beg_auth_asym_id 
_struct_conf.beg_auth_seq_id 
_struct_conf.end_auth_comp_id 
_struct_conf.end_auth_asym_id 
_struct_conf.end_auth_seq_id 
_struct_conf.pdbx_PDB_helix_class 
_struct_conf.details 
_struct_conf.pdbx_PDB_helix_length 
HELX_P HELX_P1 1 TYR A 85  ? LEU A 90  ? TYR A 103 LEU A 108 5 ? 6  
HELX_P HELX_P2 2 GLU A 106 ? GLN A 124 ? GLU A 124 GLN A 142 1 ? 19 
HELX_P HELX_P3 3 SER A 130 ? MET A 146 ? SER A 148 MET A 164 1 ? 17 
# 
_struct_conf_type.id          HELX_P 
_struct_conf_type.criteria    ? 
_struct_conf_type.reference   ? 
# 
loop_
_struct_sheet.id 
_struct_sheet.type 
_struct_sheet.number_strands 
_struct_sheet.details 
A ? 5 ? 
B ? 3 ? 
# 
loop_
_struct_sheet_order.sheet_id 
_struct_sheet_order.range_id_1 
_struct_sheet_order.range_id_2 
_struct_sheet_order.offset 
_struct_sheet_order.sense 
A 1 2 ? anti-parallel 
A 2 3 ? anti-parallel 
A 3 4 ? anti-parallel 
A 4 5 ? anti-parallel 
B 1 2 ? anti-parallel 
B 2 3 ? anti-parallel 
# 
loop_
_struct_sheet_range.sheet_id 
_struct_sheet_range.id 
_struct_sheet_range.beg_label_comp_id 
_struct_sheet_range.beg_label_asym_id 
_struct_sheet_range.beg_label_seq_id 
_struct_sheet_range.pdbx_beg_PDB_ins_code 
_struct_sheet_range.end_label_comp_id 
_struct_sheet_range.end_label_asym_id 
_struct_sheet_range.end_label_seq_id 
_struct_sheet_range.pdbx_end_PDB_ins_code 
_struct_sheet_range.beg_auth_comp_id 
_struct_sheet_range.beg_auth_asym_id 
_struct_sheet_range.beg_auth_seq_id 
_struct_sheet_range.end_auth_comp_id 
_struct_sheet_range.end_auth_asym_id 
_struct_sheet_range.end_auth_seq_id 
A 1 VAL A 2  ? GLU A 9   ? VAL A 20  GLU A 27  
A 2 GLU A 72 ? PHE A 80  ? GLU A 90  PHE A 98  
A 3 TYR A 27 ? GLY A 35  ? TYR A 45  GLY A 53  
A 4 ILE A 53 ? PHE A 56  ? ILE A 71  PHE A 74  
A 5 THR A 99 ? PHE A 101 ? THR A 117 PHE A 119 
B 1 ILE A 18 ? ARG A 20  ? ILE A 36  ARG A 38  
B 2 HIS A 62 ? ARG A 66  ? HIS A 80  ARG A 84  
B 3 GLY A 37 ? VAL A 39  ? GLY A 55  VAL A 57  
# 
loop_
_pdbx_struct_sheet_hbond.sheet_id 
_pdbx_struct_sheet_hbond.range_id_1 
_pdbx_struct_sheet_hbond.range_id_2 
_pdbx_struct_sheet_hbond.range_1_label_atom_id 
_pdbx_struct_sheet_hbond.range_1_label_comp_id 
_pdbx_struct_sheet_hbond.range_1_label_asym_id 
_pdbx_struct_sheet_hbond.range_1_label_seq_id 
_pdbx_struct_sheet_hbond.range_1_PDB_ins_code 
_pdbx_struct_sheet_hbond.range_1_auth_atom_id 
_pdbx_struct_sheet_hbond.range_1_auth_comp_id 
_pdbx_struct_sheet_hbond.range_1_auth_asym_id 
_pdbx_struct_sheet_hbond.range_1_auth_seq_id 
_pdbx_struct_sheet_hbond.range_2_label_atom_id 
_pdbx_struct_sheet_hbond.range_2_label_comp_id 
_pdbx_struct_sheet_hbond.range_2_label_asym_id 
_pdbx_struct_sheet_hbond.range_2_label_seq_id 
_pdbx_struct_sheet_hbond.range_2_PDB_ins_code 
_pdbx_struct_sheet_hbond.range_2_auth_atom_id 
_pdbx_struct_sheet_hbond.range_2_auth_comp_id 
_pdbx_struct_sheet_hbond.range_2_auth_asym_id 
_pdbx_struct_sheet_hbond.range_2_auth_seq_id 
A 1 2 O VAL A 2  ? O VAL A 20 N TYR A 79  ? N TYR A 97  
A 2 3 O TYR A 74 ? O TYR A 92 N ARG A 34  ? N ARG A 52  
A 3 4 O ILE A 28 ? O ILE A 46 N PHE A 56  ? N PHE A 74  
A 4 5 O LEU A 55 ? O LEU A 73 N GLY A 100 ? N GLY A 118 
B 1 2 O ILE A 18 ? O ILE A 36 N TYR A 64  ? N TYR A 82  
B 2 3 O GLY A 65 ? O GLY A 83 N VAL A 38  ? N VAL A 56  
# 
loop_
_pdbx_validate_rmsd_angle.id 
_pdbx_validate_rmsd_angle.PDB_model_num 
_pdbx_validate_rmsd_angle.auth_atom_id_1 
_pdbx_validate_rmsd_angle.auth_asym_id_1 
_pdbx_validate_rmsd_angle.auth_comp_id_1 
_pdbx_validate_rmsd_angle.auth_seq_id_1 
_pdbx_validate_rmsd_angle.PDB_ins_code_1 
_pdbx_validate_rmsd_angle.label_alt_id_1 
_pdbx_validate_rmsd_angle.auth_atom_id_2 
_pdbx_validate_rmsd_angle.auth_asym_id_2 
_pdbx_validate_rmsd_angle.auth_comp_id_2 
_pdbx_validate_rmsd_angle.auth_seq_id_2 
_pdbx_validate_rmsd_angle.PDB_ins_code_2 
_pdbx_validate_rmsd_angle.label_alt_id_2 
_pdbx_validate_rmsd_angle.auth_atom_id_3 
_pdbx_validate_rmsd_angle.auth_asym_id_3 
_pdbx_validate_rmsd_angle.auth_comp_id_3 
_pdbx_validate_rmsd_angle.auth_seq_id_3 
_pdbx_validate_rmsd_angle.PDB_ins_code_3 
_pdbx_validate_rmsd_angle.label_alt_id_3 
_pdbx_validate_rmsd_angle.angle_value 
_pdbx_validate_rmsd_angle.angle_target_value 
_pdbx_validate_rmsd_angle.angle_deviation 
_pdbx_validate_rmsd_angle.angle_standard_deviation 
_pdbx_validate_rmsd_angle.linker_flag 
1 1 N  A VAL 20 ? ? CA A VAL 20  ? ? C  A VAL 20  ? ? 91.73  111.00 -19.27 2.70 N 
2 1 CA A LEU 23 ? ? CB A LEU 23  ? ? CG A LEU 23  ? ? 129.66 115.30 14.36  2.30 N 
3 1 C  A ARG 99 ? ? N  A PRO 100 ? ? CA A PRO 100 ? ? 130.16 119.30 10.86  1.50 Y 
# 
loop_
_pdbx_validate_torsion.id 
_pdbx_validate_torsion.PDB_model_num 
_pdbx_validate_torsion.auth_comp_id 
_pdbx_validate_torsion.auth_asym_id 
_pdbx_validate_torsion.auth_seq_id 
_pdbx_validate_torsion.PDB_ins_code 
_pdbx_validate_torsion.label_alt_id 
_pdbx_validate_torsion.phi 
_pdbx_validate_torsion.psi 
1  1 TYR A 31  ? ? -62.33  -99.21  
2  1 GLN A 60  ? ? 35.75   78.65   
3  1 VAL A 65  ? ? -160.76 105.16  
4  1 PRO A 86  ? ? -38.99  -16.55  
5  1 GLU A 90  ? ? -173.32 -177.45 
6  1 TRP A 91  ? ? -159.64 77.57   
7  1 ALA A 102 ? ? -36.13  -71.13  
8  1 TRP A 104 ? ? -37.65  -39.18  
9  1 ILE A 113 ? ? -134.18 -35.24  
10 1 ALA A 115 ? ? 61.64   -153.27 
11 1 ASN A 116 ? ? -107.89 49.25   
12 1 ARG A 121 ? ? 168.58  85.14   
13 1 GLU A 124 ? ? -29.64  -49.42  
14 1 ARG A 146 ? ? -65.70  -78.05  
15 1 GLU A 165 ? ? -47.91  -10.56  
# 
loop_
_pdbx_validate_planes.id 
_pdbx_validate_planes.PDB_model_num 
_pdbx_validate_planes.auth_comp_id 
_pdbx_validate_planes.auth_asym_id 
_pdbx_validate_planes.auth_seq_id 
_pdbx_validate_planes.PDB_ins_code 
_pdbx_validate_planes.label_alt_id 
_pdbx_validate_planes.rmsd 
_pdbx_validate_planes.type 
1 1 TYR A 92 ? ? 0.084 'SIDE CHAIN' 
2 1 TYR A 97 ? ? 0.078 'SIDE CHAIN' 
# 
loop_
_chem_comp_atom.comp_id 
_chem_comp_atom.atom_id 
_chem_comp_atom.type_symbol 
_chem_comp_atom.pdbx_aromatic_flag 
_chem_comp_atom.pdbx_stereo_config 
_chem_comp_atom.pdbx_ordinal 
ALA N    N N N 1   
ALA CA   C N S 2   
ALA C    C N N 3   
ALA O    O N N 4   
ALA CB   C N N 5   
ALA OXT  O N N 6   
ALA H    H N N 7   
ALA H2   H N N 8   
ALA HA   H N N 9   
ALA HB1  H N N 10  
ALA HB2  H N N 11  
ALA HB3  H N N 12  
ALA HXT  H N N 13  
ARG N    N N N 14  
ARG CA   C N S 15  
ARG C    C N N 16  
ARG O    O N N 17  
ARG CB   C N N 18  
ARG CG   C N N 19  
ARG CD   C N N 20  
ARG NE   N N N 21  
ARG CZ   C N N 22  
ARG NH1  N N N 23  
ARG NH2  N N N 24  
ARG OXT  O N N 25  
ARG H    H N N 26  
ARG H2   H N N 27  
ARG HA   H N N 28  
ARG HB2  H N N 29  
ARG HB3  H N N 30  
ARG HG2  H N N 31  
ARG HG3  H N N 32  
ARG HD2  H N N 33  
ARG HD3  H N N 34  
ARG HE   H N N 35  
ARG HH11 H N N 36  
ARG HH12 H N N 37  
ARG HH21 H N N 38  
ARG HH22 H N N 39  
ARG HXT  H N N 40  
ASN N    N N N 41  
ASN CA   C N S 42  
ASN C    C N N 43  
ASN O    O N N 44  
ASN CB   C N N 45  
ASN CG   C N N 46  
ASN OD1  O N N 47  
ASN ND2  N N N 48  
ASN OXT  O N N 49  
ASN H    H N N 50  
ASN H2   H N N 51  
ASN HA   H N N 52  
ASN HB2  H N N 53  
ASN HB3  H N N 54  
ASN HD21 H N N 55  
ASN HD22 H N N 56  
ASN HXT  H N N 57  
ASP N    N N N 58  
ASP CA   C N S 59  
ASP C    C N N 60  
ASP O    O N N 61  
ASP CB   C N N 62  
ASP CG   C N N 63  
ASP OD1  O N N 64  
ASP OD2  O N N 65  
ASP OXT  O N N 66  
ASP H    H N N 67  
ASP H2   H N N 68  
ASP HA   H N N 69  
ASP HB2  H N N 70  
ASP HB3  H N N 71  
ASP HD2  H N N 72  
ASP HXT  H N N 73  
CYS N    N N N 74  
CYS CA   C N R 75  
CYS C    C N N 76  
CYS O    O N N 77  
CYS CB   C N N 78  
CYS SG   S N N 79  
CYS OXT  O N N 80  
CYS H    H N N 81  
CYS H2   H N N 82  
CYS HA   H N N 83  
CYS HB2  H N N 84  
CYS HB3  H N N 85  
CYS HG   H N N 86  
CYS HXT  H N N 87  
GLN N    N N N 88  
GLN CA   C N S 89  
GLN C    C N N 90  
GLN O    O N N 91  
GLN CB   C N N 92  
GLN CG   C N N 93  
GLN CD   C N N 94  
GLN OE1  O N N 95  
GLN NE2  N N N 96  
GLN OXT  O N N 97  
GLN H    H N N 98  
GLN H2   H N N 99  
GLN HA   H N N 100 
GLN HB2  H N N 101 
GLN HB3  H N N 102 
GLN HG2  H N N 103 
GLN HG3  H N N 104 
GLN HE21 H N N 105 
GLN HE22 H N N 106 
GLN HXT  H N N 107 
GLU N    N N N 108 
GLU CA   C N S 109 
GLU C    C N N 110 
GLU O    O N N 111 
GLU CB   C N N 112 
GLU CG   C N N 113 
GLU CD   C N N 114 
GLU OE1  O N N 115 
GLU OE2  O N N 116 
GLU OXT  O N N 117 
GLU H    H N N 118 
GLU H2   H N N 119 
GLU HA   H N N 120 
GLU HB2  H N N 121 
GLU HB3  H N N 122 
GLU HG2  H N N 123 
GLU HG3  H N N 124 
GLU HE2  H N N 125 
GLU HXT  H N N 126 
GLY N    N N N 127 
GLY CA   C N N 128 
GLY C    C N N 129 
GLY O    O N N 130 
GLY OXT  O N N 131 
GLY H    H N N 132 
GLY H2   H N N 133 
GLY HA2  H N N 134 
GLY HA3  H N N 135 
GLY HXT  H N N 136 
HIS N    N N N 137 
HIS CA   C N S 138 
HIS C    C N N 139 
HIS O    O N N 140 
HIS CB   C N N 141 
HIS CG   C Y N 142 
HIS ND1  N Y N 143 
HIS CD2  C Y N 144 
HIS CE1  C Y N 145 
HIS NE2  N Y N 146 
HIS OXT  O N N 147 
HIS H    H N N 148 
HIS H2   H N N 149 
HIS HA   H N N 150 
HIS HB2  H N N 151 
HIS HB3  H N N 152 
HIS HD1  H N N 153 
HIS HD2  H N N 154 
HIS HE1  H N N 155 
HIS HE2  H N N 156 
HIS HXT  H N N 157 
ILE N    N N N 158 
ILE CA   C N S 159 
ILE C    C N N 160 
ILE O    O N N 161 
ILE CB   C N S 162 
ILE CG1  C N N 163 
ILE CG2  C N N 164 
ILE CD1  C N N 165 
ILE OXT  O N N 166 
ILE H    H N N 167 
ILE H2   H N N 168 
ILE HA   H N N 169 
ILE HB   H N N 170 
ILE HG12 H N N 171 
ILE HG13 H N N 172 
ILE HG21 H N N 173 
ILE HG22 H N N 174 
ILE HG23 H N N 175 
ILE HD11 H N N 176 
ILE HD12 H N N 177 
ILE HD13 H N N 178 
ILE HXT  H N N 179 
LEU N    N N N 180 
LEU CA   C N S 181 
LEU C    C N N 182 
LEU O    O N N 183 
LEU CB   C N N 184 
LEU CG   C N N 185 
LEU CD1  C N N 186 
LEU CD2  C N N 187 
LEU OXT  O N N 188 
LEU H    H N N 189 
LEU H2   H N N 190 
LEU HA   H N N 191 
LEU HB2  H N N 192 
LEU HB3  H N N 193 
LEU HG   H N N 194 
LEU HD11 H N N 195 
LEU HD12 H N N 196 
LEU HD13 H N N 197 
LEU HD21 H N N 198 
LEU HD22 H N N 199 
LEU HD23 H N N 200 
LEU HXT  H N N 201 
LYS N    N N N 202 
LYS CA   C N S 203 
LYS C    C N N 204 
LYS O    O N N 205 
LYS CB   C N N 206 
LYS CG   C N N 207 
LYS CD   C N N 208 
LYS CE   C N N 209 
LYS NZ   N N N 210 
LYS OXT  O N N 211 
LYS H    H N N 212 
LYS H2   H N N 213 
LYS HA   H N N 214 
LYS HB2  H N N 215 
LYS HB3  H N N 216 
LYS HG2  H N N 217 
LYS HG3  H N N 218 
LYS HD2  H N N 219 
LYS HD3  H N N 220 
LYS HE2  H N N 221 
LYS HE3  H N N 222 
LYS HZ1  H N N 223 
LYS HZ2  H N N 224 
LYS HZ3  H N N 225 
LYS HXT  H N N 226 
MET N    N N N 227 
MET CA   C N S 228 
MET C    C N N 229 
MET O    O N N 230 
MET CB   C N N 231 
MET CG   C N N 232 
MET SD   S N N 233 
MET CE   C N N 234 
MET OXT  O N N 235 
MET H    H N N 236 
MET H2   H N N 237 
MET HA   H N N 238 
MET HB2  H N N 239 
MET HB3  H N N 240 
MET HG2  H N N 241 
MET HG3  H N N 242 
MET HE1  H N N 243 
MET HE2  H N N 244 
MET HE3  H N N 245 
MET HXT  H N N 246 
PHE N    N N N 247 
PHE CA   C N S 248 
PHE C    C N N 249 
PHE O    O N N 250 
PHE CB   C N N 251 
PHE CG   C Y N 252 
PHE CD1  C Y N 253 
PHE CD2  C Y N 254 
PHE CE1  C Y N 255 
PHE CE2  C Y N 256 
PHE CZ   C Y N 257 
PHE OXT  O N N 258 
PHE H    H N N 259 
PHE H2   H N N 260 
PHE HA   H N N 261 
PHE HB2  H N N 262 
PHE HB3  H N N 263 
PHE HD1  H N N 264 
PHE HD2  H N N 265 
PHE HE1  H N N 266 
PHE HE2  H N N 267 
PHE HZ   H N N 268 
PHE HXT  H N N 269 
PRO N    N N N 270 
PRO CA   C N S 271 
PRO C    C N N 272 
PRO O    O N N 273 
PRO CB   C N N 274 
PRO CG   C N N 275 
PRO CD   C N N 276 
PRO OXT  O N N 277 
PRO H    H N N 278 
PRO HA   H N N 279 
PRO HB2  H N N 280 
PRO HB3  H N N 281 
PRO HG2  H N N 282 
PRO HG3  H N N 283 
PRO HD2  H N N 284 
PRO HD3  H N N 285 
PRO HXT  H N N 286 
SER N    N N N 287 
SER CA   C N S 288 
SER C    C N N 289 
SER O    O N N 290 
SER CB   C N N 291 
SER OG   O N N 292 
SER OXT  O N N 293 
SER H    H N N 294 
SER H2   H N N 295 
SER HA   H N N 296 
SER HB2  H N N 297 
SER HB3  H N N 298 
SER HG   H N N 299 
SER HXT  H N N 300 
THR N    N N N 301 
THR CA   C N S 302 
THR C    C N N 303 
THR O    O N N 304 
THR CB   C N R 305 
THR OG1  O N N 306 
THR CG2  C N N 307 
THR OXT  O N N 308 
THR H    H N N 309 
THR H2   H N N 310 
THR HA   H N N 311 
THR HB   H N N 312 
THR HG1  H N N 313 
THR HG21 H N N 314 
THR HG22 H N N 315 
THR HG23 H N N 316 
THR HXT  H N N 317 
TRP N    N N N 318 
TRP CA   C N S 319 
TRP C    C N N 320 
TRP O    O N N 321 
TRP CB   C N N 322 
TRP CG   C Y N 323 
TRP CD1  C Y N 324 
TRP CD2  C Y N 325 
TRP NE1  N Y N 326 
TRP CE2  C Y N 327 
TRP CE3  C Y N 328 
TRP CZ2  C Y N 329 
TRP CZ3  C Y N 330 
TRP CH2  C Y N 331 
TRP OXT  O N N 332 
TRP H    H N N 333 
TRP H2   H N N 334 
TRP HA   H N N 335 
TRP HB2  H N N 336 
TRP HB3  H N N 337 
TRP HD1  H N N 338 
TRP HE1  H N N 339 
TRP HE3  H N N 340 
TRP HZ2  H N N 341 
TRP HZ3  H N N 342 
TRP HH2  H N N 343 
TRP HXT  H N N 344 
TYR N    N N N 345 
TYR CA   C N S 346 
TYR C    C N N 347 
TYR O    O N N 348 
TYR CB   C N N 349 
TYR CG   C Y N 350 
TYR CD1  C Y N 351 
TYR CD2  C Y N 352 
TYR CE1  C Y N 353 
TYR CE2  C Y N 354 
TYR CZ   C Y N 355 
TYR OH   O N N 356 
TYR OXT  O N N 357 
TYR H    H N N 358 
TYR H2   H N N 359 
TYR HA   H N N 360 
TYR HB2  H N N 361 
TYR HB3  H N N 362 
TYR HD1  H N N 363 
TYR HD2  H N N 364 
TYR HE1  H N N 365 
TYR HE2  H N N 366 
TYR HH   H N N 367 
TYR HXT  H N N 368 
VAL N    N N N 369 
VAL CA   C N S 370 
VAL C    C N N 371 
VAL O    O N N 372 
VAL CB   C N N 373 
VAL CG1  C N N 374 
VAL CG2  C N N 375 
VAL OXT  O N N 376 
VAL H    H N N 377 
VAL H2   H N N 378 
VAL HA   H N N 379 
VAL HB   H N N 380 
VAL HG11 H N N 381 
VAL HG12 H N N 382 
VAL HG13 H N N 383 
VAL HG21 H N N 384 
VAL HG22 H N N 385 
VAL HG23 H N N 386 
VAL HXT  H N N 387 
# 
loop_
_chem_comp_bond.comp_id 
_chem_comp_bond.atom_id_1 
_chem_comp_bond.atom_id_2 
_chem_comp_bond.value_order 
_chem_comp_bond.pdbx_aromatic_flag 
_chem_comp_bond.pdbx_stereo_config 
_chem_comp_bond.pdbx_ordinal 
ALA N   CA   sing N N 1   
ALA N   H    sing N N 2   
ALA N   H2   sing N N 3   
ALA CA  C    sing N N 4   
ALA CA  CB   sing N N 5   
ALA CA  HA   sing N N 6   
ALA C   O    doub N N 7   
ALA C   OXT  sing N N 8   
ALA CB  HB1  sing N N 9   
ALA CB  HB2  sing N N 10  
ALA CB  HB3  sing N N 11  
ALA OXT HXT  sing N N 12  
ARG N   CA   sing N N 13  
ARG N   H    sing N N 14  
ARG N   H2   sing N N 15  
ARG CA  C    sing N N 16  
ARG CA  CB   sing N N 17  
ARG CA  HA   sing N N 18  
ARG C   O    doub N N 19  
ARG C   OXT  sing N N 20  
ARG CB  CG   sing N N 21  
ARG CB  HB2  sing N N 22  
ARG CB  HB3  sing N N 23  
ARG CG  CD   sing N N 24  
ARG CG  HG2  sing N N 25  
ARG CG  HG3  sing N N 26  
ARG CD  NE   sing N N 27  
ARG CD  HD2  sing N N 28  
ARG CD  HD3  sing N N 29  
ARG NE  CZ   sing N N 30  
ARG NE  HE   sing N N 31  
ARG CZ  NH1  sing N N 32  
ARG CZ  NH2  doub N N 33  
ARG NH1 HH11 sing N N 34  
ARG NH1 HH12 sing N N 35  
ARG NH2 HH21 sing N N 36  
ARG NH2 HH22 sing N N 37  
ARG OXT HXT  sing N N 38  
ASN N   CA   sing N N 39  
ASN N   H    sing N N 40  
ASN N   H2   sing N N 41  
ASN CA  C    sing N N 42  
ASN CA  CB   sing N N 43  
ASN CA  HA   sing N N 44  
ASN C   O    doub N N 45  
ASN C   OXT  sing N N 46  
ASN CB  CG   sing N N 47  
ASN CB  HB2  sing N N 48  
ASN CB  HB3  sing N N 49  
ASN CG  OD1  doub N N 50  
ASN CG  ND2  sing N N 51  
ASN ND2 HD21 sing N N 52  
ASN ND2 HD22 sing N N 53  
ASN OXT HXT  sing N N 54  
ASP N   CA   sing N N 55  
ASP N   H    sing N N 56  
ASP N   H2   sing N N 57  
ASP CA  C    sing N N 58  
ASP CA  CB   sing N N 59  
ASP CA  HA   sing N N 60  
ASP C   O    doub N N 61  
ASP C   OXT  sing N N 62  
ASP CB  CG   sing N N 63  
ASP CB  HB2  sing N N 64  
ASP CB  HB3  sing N N 65  
ASP CG  OD1  doub N N 66  
ASP CG  OD2  sing N N 67  
ASP OD2 HD2  sing N N 68  
ASP OXT HXT  sing N N 69  
CYS N   CA   sing N N 70  
CYS N   H    sing N N 71  
CYS N   H2   sing N N 72  
CYS CA  C    sing N N 73  
CYS CA  CB   sing N N 74  
CYS CA  HA   sing N N 75  
CYS C   O    doub N N 76  
CYS C   OXT  sing N N 77  
CYS CB  SG   sing N N 78  
CYS CB  HB2  sing N N 79  
CYS CB  HB3  sing N N 80  
CYS SG  HG   sing N N 81  
CYS OXT HXT  sing N N 82  
GLN N   CA   sing N N 83  
GLN N   H    sing N N 84  
GLN N   H2   sing N N 85  
GLN CA  C    sing N N 86  
GLN CA  CB   sing N N 87  
GLN CA  HA   sing N N 88  
GLN C   O    doub N N 89  
GLN C   OXT  sing N N 90  
GLN CB  CG   sing N N 91  
GLN CB  HB2  sing N N 92  
GLN CB  HB3  sing N N 93  
GLN CG  CD   sing N N 94  
GLN CG  HG2  sing N N 95  
GLN CG  HG3  sing N N 96  
GLN CD  OE1  doub N N 97  
GLN CD  NE2  sing N N 98  
GLN NE2 HE21 sing N N 99  
GLN NE2 HE22 sing N N 100 
GLN OXT HXT  sing N N 101 
GLU N   CA   sing N N 102 
GLU N   H    sing N N 103 
GLU N   H2   sing N N 104 
GLU CA  C    sing N N 105 
GLU CA  CB   sing N N 106 
GLU CA  HA   sing N N 107 
GLU C   O    doub N N 108 
GLU C   OXT  sing N N 109 
GLU CB  CG   sing N N 110 
GLU CB  HB2  sing N N 111 
GLU CB  HB3  sing N N 112 
GLU CG  CD   sing N N 113 
GLU CG  HG2  sing N N 114 
GLU CG  HG3  sing N N 115 
GLU CD  OE1  doub N N 116 
GLU CD  OE2  sing N N 117 
GLU OE2 HE2  sing N N 118 
GLU OXT HXT  sing N N 119 
GLY N   CA   sing N N 120 
GLY N   H    sing N N 121 
GLY N   H2   sing N N 122 
GLY CA  C    sing N N 123 
GLY CA  HA2  sing N N 124 
GLY CA  HA3  sing N N 125 
GLY C   O    doub N N 126 
GLY C   OXT  sing N N 127 
GLY OXT HXT  sing N N 128 
HIS N   CA   sing N N 129 
HIS N   H    sing N N 130 
HIS N   H2   sing N N 131 
HIS CA  C    sing N N 132 
HIS CA  CB   sing N N 133 
HIS CA  HA   sing N N 134 
HIS C   O    doub N N 135 
HIS C   OXT  sing N N 136 
HIS CB  CG   sing N N 137 
HIS CB  HB2  sing N N 138 
HIS CB  HB3  sing N N 139 
HIS CG  ND1  sing Y N 140 
HIS CG  CD2  doub Y N 141 
HIS ND1 CE1  doub Y N 142 
HIS ND1 HD1  sing N N 143 
HIS CD2 NE2  sing Y N 144 
HIS CD2 HD2  sing N N 145 
HIS CE1 NE2  sing Y N 146 
HIS CE1 HE1  sing N N 147 
HIS NE2 HE2  sing N N 148 
HIS OXT HXT  sing N N 149 
ILE N   CA   sing N N 150 
ILE N   H    sing N N 151 
ILE N   H2   sing N N 152 
ILE CA  C    sing N N 153 
ILE CA  CB   sing N N 154 
ILE CA  HA   sing N N 155 
ILE C   O    doub N N 156 
ILE C   OXT  sing N N 157 
ILE CB  CG1  sing N N 158 
ILE CB  CG2  sing N N 159 
ILE CB  HB   sing N N 160 
ILE CG1 CD1  sing N N 161 
ILE CG1 HG12 sing N N 162 
ILE CG1 HG13 sing N N 163 
ILE CG2 HG21 sing N N 164 
ILE CG2 HG22 sing N N 165 
ILE CG2 HG23 sing N N 166 
ILE CD1 HD11 sing N N 167 
ILE CD1 HD12 sing N N 168 
ILE CD1 HD13 sing N N 169 
ILE OXT HXT  sing N N 170 
LEU N   CA   sing N N 171 
LEU N   H    sing N N 172 
LEU N   H2   sing N N 173 
LEU CA  C    sing N N 174 
LEU CA  CB   sing N N 175 
LEU CA  HA   sing N N 176 
LEU C   O    doub N N 177 
LEU C   OXT  sing N N 178 
LEU CB  CG   sing N N 179 
LEU CB  HB2  sing N N 180 
LEU CB  HB3  sing N N 181 
LEU CG  CD1  sing N N 182 
LEU CG  CD2  sing N N 183 
LEU CG  HG   sing N N 184 
LEU CD1 HD11 sing N N 185 
LEU CD1 HD12 sing N N 186 
LEU CD1 HD13 sing N N 187 
LEU CD2 HD21 sing N N 188 
LEU CD2 HD22 sing N N 189 
LEU CD2 HD23 sing N N 190 
LEU OXT HXT  sing N N 191 
LYS N   CA   sing N N 192 
LYS N   H    sing N N 193 
LYS N   H2   sing N N 194 
LYS CA  C    sing N N 195 
LYS CA  CB   sing N N 196 
LYS CA  HA   sing N N 197 
LYS C   O    doub N N 198 
LYS C   OXT  sing N N 199 
LYS CB  CG   sing N N 200 
LYS CB  HB2  sing N N 201 
LYS CB  HB3  sing N N 202 
LYS CG  CD   sing N N 203 
LYS CG  HG2  sing N N 204 
LYS CG  HG3  sing N N 205 
LYS CD  CE   sing N N 206 
LYS CD  HD2  sing N N 207 
LYS CD  HD3  sing N N 208 
LYS CE  NZ   sing N N 209 
LYS CE  HE2  sing N N 210 
LYS CE  HE3  sing N N 211 
LYS NZ  HZ1  sing N N 212 
LYS NZ  HZ2  sing N N 213 
LYS NZ  HZ3  sing N N 214 
LYS OXT HXT  sing N N 215 
MET N   CA   sing N N 216 
MET N   H    sing N N 217 
MET N   H2   sing N N 218 
MET CA  C    sing N N 219 
MET CA  CB   sing N N 220 
MET CA  HA   sing N N 221 
MET C   O    doub N N 222 
MET C   OXT  sing N N 223 
MET CB  CG   sing N N 224 
MET CB  HB2  sing N N 225 
MET CB  HB3  sing N N 226 
MET CG  SD   sing N N 227 
MET CG  HG2  sing N N 228 
MET CG  HG3  sing N N 229 
MET SD  CE   sing N N 230 
MET CE  HE1  sing N N 231 
MET CE  HE2  sing N N 232 
MET CE  HE3  sing N N 233 
MET OXT HXT  sing N N 234 
PHE N   CA   sing N N 235 
PHE N   H    sing N N 236 
PHE N   H2   sing N N 237 
PHE CA  C    sing N N 238 
PHE CA  CB   sing N N 239 
PHE CA  HA   sing N N 240 
PHE C   O    doub N N 241 
PHE C   OXT  sing N N 242 
PHE CB  CG   sing N N 243 
PHE CB  HB2  sing N N 244 
PHE CB  HB3  sing N N 245 
PHE CG  CD1  doub Y N 246 
PHE CG  CD2  sing Y N 247 
PHE CD1 CE1  sing Y N 248 
PHE CD1 HD1  sing N N 249 
PHE CD2 CE2  doub Y N 250 
PHE CD2 HD2  sing N N 251 
PHE CE1 CZ   doub Y N 252 
PHE CE1 HE1  sing N N 253 
PHE CE2 CZ   sing Y N 254 
PHE CE2 HE2  sing N N 255 
PHE CZ  HZ   sing N N 256 
PHE OXT HXT  sing N N 257 
PRO N   CA   sing N N 258 
PRO N   CD   sing N N 259 
PRO N   H    sing N N 260 
PRO CA  C    sing N N 261 
PRO CA  CB   sing N N 262 
PRO CA  HA   sing N N 263 
PRO C   O    doub N N 264 
PRO C   OXT  sing N N 265 
PRO CB  CG   sing N N 266 
PRO CB  HB2  sing N N 267 
PRO CB  HB3  sing N N 268 
PRO CG  CD   sing N N 269 
PRO CG  HG2  sing N N 270 
PRO CG  HG3  sing N N 271 
PRO CD  HD2  sing N N 272 
PRO CD  HD3  sing N N 273 
PRO OXT HXT  sing N N 274 
SER N   CA   sing N N 275 
SER N   H    sing N N 276 
SER N   H2   sing N N 277 
SER CA  C    sing N N 278 
SER CA  CB   sing N N 279 
SER CA  HA   sing N N 280 
SER C   O    doub N N 281 
SER C   OXT  sing N N 282 
SER CB  OG   sing N N 283 
SER CB  HB2  sing N N 284 
SER CB  HB3  sing N N 285 
SER OG  HG   sing N N 286 
SER OXT HXT  sing N N 287 
THR N   CA   sing N N 288 
THR N   H    sing N N 289 
THR N   H2   sing N N 290 
THR CA  C    sing N N 291 
THR CA  CB   sing N N 292 
THR CA  HA   sing N N 293 
THR C   O    doub N N 294 
THR C   OXT  sing N N 295 
THR CB  OG1  sing N N 296 
THR CB  CG2  sing N N 297 
THR CB  HB   sing N N 298 
THR OG1 HG1  sing N N 299 
THR CG2 HG21 sing N N 300 
THR CG2 HG22 sing N N 301 
THR CG2 HG23 sing N N 302 
THR OXT HXT  sing N N 303 
TRP N   CA   sing N N 304 
TRP N   H    sing N N 305 
TRP N   H2   sing N N 306 
TRP CA  C    sing N N 307 
TRP CA  CB   sing N N 308 
TRP CA  HA   sing N N 309 
TRP C   O    doub N N 310 
TRP C   OXT  sing N N 311 
TRP CB  CG   sing N N 312 
TRP CB  HB2  sing N N 313 
TRP CB  HB3  sing N N 314 
TRP CG  CD1  doub Y N 315 
TRP CG  CD2  sing Y N 316 
TRP CD1 NE1  sing Y N 317 
TRP CD1 HD1  sing N N 318 
TRP CD2 CE2  doub Y N 319 
TRP CD2 CE3  sing Y N 320 
TRP NE1 CE2  sing Y N 321 
TRP NE1 HE1  sing N N 322 
TRP CE2 CZ2  sing Y N 323 
TRP CE3 CZ3  doub Y N 324 
TRP CE3 HE3  sing N N 325 
TRP CZ2 CH2  doub Y N 326 
TRP CZ2 HZ2  sing N N 327 
TRP CZ3 CH2  sing Y N 328 
TRP CZ3 HZ3  sing N N 329 
TRP CH2 HH2  sing N N 330 
TRP OXT HXT  sing N N 331 
TYR N   CA   sing N N 332 
TYR N   H    sing N N 333 
TYR N   H2   sing N N 334 
TYR CA  C    sing N N 335 
TYR CA  CB   sing N N 336 
TYR CA  HA   sing N N 337 
TYR C   O    doub N N 338 
TYR C   OXT  sing N N 339 
TYR CB  CG   sing N N 340 
TYR CB  HB2  sing N N 341 
TYR CB  HB3  sing N N 342 
TYR CG  CD1  doub Y N 343 
TYR CG  CD2  sing Y N 344 
TYR CD1 CE1  sing Y N 345 
TYR CD1 HD1  sing N N 346 
TYR CD2 CE2  doub Y N 347 
TYR CD2 HD2  sing N N 348 
TYR CE1 CZ   doub Y N 349 
TYR CE1 HE1  sing N N 350 
TYR CE2 CZ   sing Y N 351 
TYR CE2 HE2  sing N N 352 
TYR CZ  OH   sing N N 353 
TYR OH  HH   sing N N 354 
TYR OXT HXT  sing N N 355 
VAL N   CA   sing N N 356 
VAL N   H    sing N N 357 
VAL N   H2   sing N N 358 
VAL CA  C    sing N N 359 
VAL CA  CB   sing N N 360 
VAL CA  HA   sing N N 361 
VAL C   O    doub N N 362 
VAL C   OXT  sing N N 363 
VAL CB  CG1  sing N N 364 
VAL CB  CG2  sing N N 365 
VAL CB  HB   sing N N 366 
VAL CG1 HG11 sing N N 367 
VAL CG1 HG12 sing N N 368 
VAL CG1 HG13 sing N N 369 
VAL CG2 HG21 sing N N 370 
VAL CG2 HG22 sing N N 371 
VAL CG2 HG23 sing N N 372 
VAL OXT HXT  sing N N 373 
# 
_pdbx_initial_refinement_model.id               1 
_pdbx_initial_refinement_model.entity_id_list   ? 
_pdbx_initial_refinement_model.type             'experimental model' 
_pdbx_initial_refinement_model.source_name      PDB 
_pdbx_initial_refinement_model.accession_code   2ARC 
_pdbx_initial_refinement_model.details          'PDB ENTRY 2ARC' 
# 
_atom_sites.entry_id                    2ARA 
_atom_sites.fract_transf_matrix[1][1]   0.00323809 
_atom_sites.fract_transf_matrix[1][2]   -0.00913379 
_atom_sites.fract_transf_matrix[1][3]   0.01764122 
_atom_sites.fract_transf_matrix[2][1]   -0.00414980 
_atom_sites.fract_transf_matrix[2][2]   -0.01958170 
_atom_sites.fract_transf_matrix[2][3]   0.00210532 
_atom_sites.fract_transf_matrix[3][1]   0.01114214 
_atom_sites.fract_transf_matrix[3][2]   -0.00273331 
_atom_sites.fract_transf_matrix[3][3]   -0.00346035 
_atom_sites.fract_transf_vector[1]      0.634105 
_atom_sites.fract_transf_vector[2]      0.567163 
_atom_sites.fract_transf_vector[3]      0.150477 
# 
loop_
_atom_type.symbol 
C 
N 
O 
S 
# 
loop_
_atom_site.group_PDB 
_atom_site.id 
_atom_site.type_symbol 
_atom_site.label_atom_id 
_atom_site.label_alt_id 
_atom_site.label_comp_id 
_atom_site.label_asym_id 
_atom_site.label_entity_id 
_atom_site.label_seq_id 
_atom_site.pdbx_PDB_ins_code 
_atom_site.Cartn_x 
_atom_site.Cartn_y 
_atom_site.Cartn_z 
_atom_site.occupancy 
_atom_site.B_iso_or_equiv 
_atom_site.pdbx_formal_charge 
_atom_site.auth_seq_id 
_atom_site.auth_comp_id 
_atom_site.auth_asym_id 
_atom_site.auth_atom_id 
_atom_site.pdbx_PDB_model_num 
ATOM 1    N N   . LEU A 1 1   ? -3.298  4.348   12.722  1.00 69.99 ? 19  LEU A N   1 
ATOM 2    C CA  . LEU A 1 1   ? -3.714  3.229   11.831  1.00 67.56 ? 19  LEU A CA  1 
ATOM 3    C C   . LEU A 1 1   ? -5.207  3.172   11.687  1.00 64.38 ? 19  LEU A C   1 
ATOM 4    O O   . LEU A 1 1   ? -5.965  3.197   12.679  1.00 66.58 ? 19  LEU A O   1 
ATOM 5    C CB  . LEU A 1 1   ? -3.094  1.891   12.286  1.00 64.73 ? 19  LEU A CB  1 
ATOM 6    C CG  . LEU A 1 1   ? -1.643  1.713   11.963  1.00 59.86 ? 19  LEU A CG  1 
ATOM 7    C CD1 . LEU A 1 1   ? -1.527  1.265   10.546  1.00 59.79 ? 19  LEU A CD1 1 
ATOM 8    C CD2 . LEU A 1 1   ? -0.956  3.038   12.117  1.00 55.41 ? 19  LEU A CD2 1 
ATOM 9    N N   . VAL A 1 2   ? -5.541  3.418   10.454  1.00 47.82 ? 20  VAL A N   1 
ATOM 10   C CA  . VAL A 1 2   ? -6.855  3.418   9.886   1.00 29.78 ? 20  VAL A CA  1 
ATOM 11   C C   . VAL A 1 2   ? -6.355  2.770   8.612   1.00 26.58 ? 20  VAL A C   1 
ATOM 12   O O   . VAL A 1 2   ? -5.236  3.069   8.139   1.00 19.76 ? 20  VAL A O   1 
ATOM 13   C CB  . VAL A 1 2   ? -7.349  4.827   9.580   1.00 16.32 ? 20  VAL A CB  1 
ATOM 14   C CG1 . VAL A 1 2   ? -6.183  5.664   9.157   1.00 26.51 ? 20  VAL A CG1 1 
ATOM 15   C CG2 . VAL A 1 2   ? -8.424  4.794   8.475   1.00 18.86 ? 20  VAL A CG2 1 
ATOM 16   N N   . ALA A 1 3   ? -6.992  1.698   8.249   1.00 32.37 ? 21  ALA A N   1 
ATOM 17   C CA  . ALA A 1 3   ? -6.572  0.988   7.068   1.00 42.03 ? 21  ALA A CA  1 
ATOM 18   C C   . ALA A 1 3   ? -7.817  0.390   6.472   1.00 40.85 ? 21  ALA A C   1 
ATOM 19   O O   . ALA A 1 3   ? -8.896  0.479   7.060   1.00 35.84 ? 21  ALA A O   1 
ATOM 20   C CB  . ALA A 1 3   ? -5.550  -0.143  7.468   1.00 41.03 ? 21  ALA A CB  1 
ATOM 21   N N   . GLY A 1 4   ? -7.704  -0.135  5.267   1.00 36.06 ? 22  GLY A N   1 
ATOM 22   C CA  . GLY A 1 4   ? -8.862  -0.701  4.605   1.00 35.42 ? 22  GLY A CA  1 
ATOM 23   C C   . GLY A 1 4   ? -8.476  -1.253  3.254   1.00 30.60 ? 22  GLY A C   1 
ATOM 24   O O   . GLY A 1 4   ? -7.325  -1.222  2.832   1.00 20.80 ? 22  GLY A O   1 
ATOM 25   N N   . LEU A 1 5   ? -9.468  -1.814  2.582   1.00 38.06 ? 23  LEU A N   1 
ATOM 26   C CA  . LEU A 1 5   ? -9.278  -2.399  1.259   1.00 30.47 ? 23  LEU A CA  1 
ATOM 27   C C   . LEU A 1 5   ? -10.246 -1.723  0.281   1.00 31.81 ? 23  LEU A C   1 
ATOM 28   O O   . LEU A 1 5   ? -11.406 -1.468  0.625   1.00 26.32 ? 23  LEU A O   1 
ATOM 29   C CB  . LEU A 1 5   ? -9.475  -3.914  1.350   1.00 13.29 ? 23  LEU A CB  1 
ATOM 30   C CG  . LEU A 1 5   ? -10.629 -4.763  0.883   1.00 2.00  ? 23  LEU A CG  1 
ATOM 31   C CD1 . LEU A 1 5   ? -10.547 -5.021  -0.578  1.00 2.00  ? 23  LEU A CD1 1 
ATOM 32   C CD2 . LEU A 1 5   ? -10.461 -6.117  1.627   1.00 33.28 ? 23  LEU A CD2 1 
ATOM 33   N N   . THR A 1 6   ? -9.740  -1.359  -0.897  1.00 24.59 ? 24  THR A N   1 
ATOM 34   C CA  . THR A 1 6   ? -10.539 -0.676  -1.883  1.00 15.52 ? 24  THR A CA  1 
ATOM 35   C C   . THR A 1 6   ? -10.676 -1.494  -3.153  1.00 17.96 ? 24  THR A C   1 
ATOM 36   O O   . THR A 1 6   ? -9.683  -1.701  -3.856  1.00 15.94 ? 24  THR A O   1 
ATOM 37   C CB  . THR A 1 6   ? -9.913  0.687   -2.102  1.00 22.18 ? 24  THR A CB  1 
ATOM 38   O OG1 . THR A 1 6   ? -10.015 1.414   -0.869  1.00 31.63 ? 24  THR A OG1 1 
ATOM 39   C CG2 . THR A 1 6   ? -10.601 1.452   -3.227  1.00 9.88  ? 24  THR A CG2 1 
ATOM 40   N N   . PRO A 1 7   ? -11.918 -1.974  -3.450  1.00 17.67 ? 25  PRO A N   1 
ATOM 41   C CA  . PRO A 1 7   ? -12.280 -2.785  -4.608  1.00 18.02 ? 25  PRO A CA  1 
ATOM 42   C C   . PRO A 1 7   ? -12.761 -2.042  -5.836  1.00 20.08 ? 25  PRO A C   1 
ATOM 43   O O   . PRO A 1 7   ? -13.965 -1.878  -6.065  1.00 24.87 ? 25  PRO A O   1 
ATOM 44   C CB  . PRO A 1 7   ? -13.407 -3.625  -4.061  1.00 9.28  ? 25  PRO A CB  1 
ATOM 45   C CG  . PRO A 1 7   ? -14.154 -2.654  -3.266  1.00 21.95 ? 25  PRO A CG  1 
ATOM 46   C CD  . PRO A 1 7   ? -13.130 -1.689  -2.667  1.00 25.04 ? 25  PRO A CD  1 
ATOM 47   N N   . ILE A 1 8   ? -11.810 -1.591  -6.636  1.00 23.23 ? 26  ILE A N   1 
ATOM 48   C CA  . ILE A 1 8   ? -12.125 -0.892  -7.854  1.00 20.30 ? 26  ILE A CA  1 
ATOM 49   C C   . ILE A 1 8   ? -12.640 -1.865  -8.900  1.00 27.84 ? 26  ILE A C   1 
ATOM 50   O O   . ILE A 1 8   ? -11.978 -2.853  -9.193  1.00 29.27 ? 26  ILE A O   1 
ATOM 51   C CB  . ILE A 1 8   ? -10.892 -0.254  -8.384  1.00 25.30 ? 26  ILE A CB  1 
ATOM 52   C CG1 . ILE A 1 8   ? -10.485 0.883   -7.439  1.00 28.10 ? 26  ILE A CG1 1 
ATOM 53   C CG2 . ILE A 1 8   ? -11.120 0.149   -9.848  1.00 18.54 ? 26  ILE A CG2 1 
ATOM 54   C CD1 . ILE A 1 8   ? -9.087  1.435   -7.670  1.00 33.91 ? 26  ILE A CD1 1 
ATOM 55   N N   . GLU A 1 9   ? -13.858 -1.636  -9.379  1.00 28.80 ? 27  GLU A N   1 
ATOM 56   C CA  . GLU A 1 9   ? -14.464 -2.452  -10.426 1.00 22.07 ? 27  GLU A CA  1 
ATOM 57   C C   . GLU A 1 9   ? -14.793 -1.571  -11.622 1.00 17.38 ? 27  GLU A C   1 
ATOM 58   O O   . GLU A 1 9   ? -15.349 -0.490  -11.513 1.00 13.36 ? 27  GLU A O   1 
ATOM 59   C CB  . GLU A 1 9   ? -15.688 -3.218  -9.917  1.00 32.57 ? 27  GLU A CB  1 
ATOM 60   C CG  . GLU A 1 9   ? -15.303 -4.545  -9.246  1.00 60.23 ? 27  GLU A CG  1 
ATOM 61   C CD  . GLU A 1 9   ? -16.086 -5.758  -9.738  1.00 69.86 ? 27  GLU A CD  1 
ATOM 62   O OE1 . GLU A 1 9   ? -17.319 -5.797  -9.530  1.00 75.93 ? 27  GLU A OE1 1 
ATOM 63   O OE2 . GLU A 1 9   ? -15.466 -6.701  -10.292 1.00 69.00 ? 27  GLU A OE2 1 
ATOM 64   N N   . ALA A 1 10  ? -14.425 -2.042  -12.781 1.00 20.11 ? 28  ALA A N   1 
ATOM 65   C CA  . ALA A 1 10  ? -14.622 -1.274  -13.969 1.00 18.27 ? 28  ALA A CA  1 
ATOM 66   C C   . ALA A 1 10  ? -16.036 -0.856  -14.095 1.00 19.17 ? 28  ALA A C   1 
ATOM 67   O O   . ALA A 1 10  ? -16.939 -1.678  -14.043 1.00 32.15 ? 28  ALA A O   1 
ATOM 68   C CB  . ALA A 1 10  ? -14.219 -2.069  -15.157 1.00 40.83 ? 28  ALA A CB  1 
ATOM 69   N N   . ASN A 1 11  ? -16.210 0.451   -14.174 1.00 25.13 ? 29  ASN A N   1 
ATOM 70   C CA  . ASN A 1 11  ? -17.504 1.089   -14.363 1.00 35.06 ? 29  ASN A CA  1 
ATOM 71   C C   . ASN A 1 11  ? -18.424 1.011   -13.127 1.00 32.01 ? 29  ASN A C   1 
ATOM 72   O O   . ASN A 1 11  ? -19.582 1.461   -13.167 1.00 46.26 ? 29  ASN A O   1 
ATOM 73   C CB  . ASN A 1 11  ? -18.175 0.515   -15.643 1.00 39.65 ? 29  ASN A CB  1 
ATOM 74   C CG  . ASN A 1 11  ? -17.240 0.551   -16.912 1.00 40.91 ? 29  ASN A CG  1 
ATOM 75   O OD1 . ASN A 1 11  ? -17.297 -0.339  -17.744 1.00 38.34 ? 29  ASN A OD1 1 
ATOM 76   N ND2 . ASN A 1 11  ? -16.429 1.599   -17.062 1.00 37.32 ? 29  ASN A ND2 1 
ATOM 77   N N   . GLY A 1 12  ? -17.854 0.534   -12.016 1.00 26.37 ? 30  GLY A N   1 
ATOM 78   C CA  . GLY A 1 12  ? -18.551 0.370   -10.747 1.00 13.14 ? 30  GLY A CA  1 
ATOM 79   C C   . GLY A 1 12  ? -18.592 1.563   -9.792  1.00 21.90 ? 30  GLY A C   1 
ATOM 80   O O   . GLY A 1 12  ? -18.533 2.724   -10.207 1.00 27.59 ? 30  GLY A O   1 
ATOM 81   N N   . TYR A 1 13  ? -18.757 1.263   -8.502  1.00 21.22 ? 31  TYR A N   1 
ATOM 82   C CA  . TYR A 1 13  ? -18.864 2.290   -7.459  1.00 8.51  ? 31  TYR A CA  1 
ATOM 83   C C   . TYR A 1 13  ? -17.573 3.066   -7.435  1.00 11.83 ? 31  TYR A C   1 
ATOM 84   O O   . TYR A 1 13  ? -17.408 3.958   -8.221  1.00 8.90  ? 31  TYR A O   1 
ATOM 85   C CB  . TYR A 1 13  ? -19.155 1.641   -6.115  1.00 8.55  ? 31  TYR A CB  1 
ATOM 86   C CG  . TYR A 1 13  ? -19.342 2.621   -4.998  1.00 3.83  ? 31  TYR A CG  1 
ATOM 87   C CD1 . TYR A 1 13  ? -20.019 3.808   -5.190  1.00 17.61 ? 31  TYR A CD1 1 
ATOM 88   C CD2 . TYR A 1 13  ? -18.815 2.381   -3.763  1.00 14.64 ? 31  TYR A CD2 1 
ATOM 89   C CE1 . TYR A 1 13  ? -20.146 4.740   -4.168  1.00 8.94  ? 31  TYR A CE1 1 
ATOM 90   C CE2 . TYR A 1 13  ? -18.929 3.308   -2.742  1.00 24.36 ? 31  TYR A CE2 1 
ATOM 91   C CZ  . TYR A 1 13  ? -19.580 4.487   -2.954  1.00 22.18 ? 31  TYR A CZ  1 
ATOM 92   O OH  . TYR A 1 13  ? -19.537 5.460   -1.987  1.00 38.15 ? 31  TYR A OH  1 
ATOM 93   N N   . LEU A 1 14  ? -16.663 2.770   -6.522  1.00 21.47 ? 32  LEU A N   1 
ATOM 94   C CA  . LEU A 1 14  ? -15.383 3.474   -6.523  1.00 22.15 ? 32  LEU A CA  1 
ATOM 95   C C   . LEU A 1 14  ? -14.437 3.012   -7.603  1.00 26.62 ? 32  LEU A C   1 
ATOM 96   O O   . LEU A 1 14  ? -13.561 2.209   -7.333  1.00 37.07 ? 32  LEU A O   1 
ATOM 97   C CB  . LEU A 1 14  ? -14.652 3.348   -5.194  1.00 19.86 ? 32  LEU A CB  1 
ATOM 98   C CG  . LEU A 1 14  ? -15.143 2.276   -4.260  1.00 11.70 ? 32  LEU A CG  1 
ATOM 99   C CD1 . LEU A 1 14  ? -14.612 0.949   -4.608  1.00 23.01 ? 32  LEU A CD1 1 
ATOM 100  C CD2 . LEU A 1 14  ? -14.700 2.595   -2.888  1.00 39.54 ? 32  LEU A CD2 1 
ATOM 101  N N   . ASP A 1 15  ? -14.634 3.504   -8.827  1.00 33.23 ? 33  ASP A N   1 
ATOM 102  C CA  . ASP A 1 15  ? -13.794 3.179   -9.984  1.00 33.50 ? 33  ASP A CA  1 
ATOM 103  C C   . ASP A 1 15  ? -13.209 4.509   -10.459 1.00 43.37 ? 33  ASP A C   1 
ATOM 104  O O   . ASP A 1 15  ? -12.848 4.674   -11.626 1.00 50.06 ? 33  ASP A O   1 
ATOM 105  C CB  . ASP A 1 15  ? -14.637 2.490   -11.091 1.00 33.74 ? 33  ASP A CB  1 
ATOM 106  C CG  . ASP A 1 15  ? -13.881 2.318   -12.434 1.00 31.04 ? 33  ASP A CG  1 
ATOM 107  O OD1 . ASP A 1 15  ? -12.695 1.955   -12.469 1.00 35.57 ? 33  ASP A OD1 1 
ATOM 108  O OD2 . ASP A 1 15  ? -14.480 2.563   -13.493 1.00 36.29 ? 33  ASP A OD2 1 
ATOM 109  N N   . PHE A 1 16  ? -13.138 5.467   -9.542  1.00 37.79 ? 34  PHE A N   1 
ATOM 110  C CA  . PHE A 1 16  ? -12.569 6.758   -9.849  1.00 26.60 ? 34  PHE A CA  1 
ATOM 111  C C   . PHE A 1 16  ? -11.070 6.748   -9.470  1.00 28.80 ? 34  PHE A C   1 
ATOM 112  O O   . PHE A 1 16  ? -10.566 5.792   -8.845  1.00 33.56 ? 34  PHE A O   1 
ATOM 113  C CB  . PHE A 1 16  ? -13.371 7.875   -9.151  1.00 17.40 ? 34  PHE A CB  1 
ATOM 114  C CG  . PHE A 1 16  ? -13.612 7.649   -7.676  1.00 21.86 ? 34  PHE A CG  1 
ATOM 115  C CD1 . PHE A 1 16  ? -12.689 8.084   -6.716  1.00 42.97 ? 34  PHE A CD1 1 
ATOM 116  C CD2 . PHE A 1 16  ? -14.747 6.996   -7.231  1.00 33.79 ? 34  PHE A CD2 1 
ATOM 117  C CE1 . PHE A 1 16  ? -12.902 7.876   -5.316  1.00 19.22 ? 34  PHE A CE1 1 
ATOM 118  C CE2 . PHE A 1 16  ? -14.962 6.785   -5.834  1.00 32.87 ? 34  PHE A CE2 1 
ATOM 119  C CZ  . PHE A 1 16  ? -14.033 7.230   -4.884  1.00 13.94 ? 34  PHE A CZ  1 
ATOM 120  N N   . PHE A 1 17  ? -10.332 7.747   -9.942  1.00 18.99 ? 35  PHE A N   1 
ATOM 121  C CA  . PHE A 1 17  ? -8.901  7.819   -9.659  1.00 17.83 ? 35  PHE A CA  1 
ATOM 122  C C   . PHE A 1 17  ? -8.670  8.658   -8.450  1.00 21.86 ? 35  PHE A C   1 
ATOM 123  O O   . PHE A 1 17  ? -9.114  9.796   -8.439  1.00 36.28 ? 35  PHE A O   1 
ATOM 124  C CB  . PHE A 1 17  ? -8.166  8.528   -10.777 1.00 11.79 ? 35  PHE A CB  1 
ATOM 125  C CG  . PHE A 1 17  ? -7.519  7.613   -11.761 1.00 22.45 ? 35  PHE A CG  1 
ATOM 126  C CD1 . PHE A 1 17  ? -8.257  7.064   -12.793 1.00 21.34 ? 35  PHE A CD1 1 
ATOM 127  C CD2 . PHE A 1 17  ? -6.166  7.319   -11.672 1.00 24.94 ? 35  PHE A CD2 1 
ATOM 128  C CE1 . PHE A 1 17  ? -7.669  6.237   -13.728 1.00 27.77 ? 35  PHE A CE1 1 
ATOM 129  C CE2 . PHE A 1 17  ? -5.576  6.495   -12.601 1.00 18.08 ? 35  PHE A CE2 1 
ATOM 130  C CZ  . PHE A 1 17  ? -6.335  5.953   -13.631 1.00 26.58 ? 35  PHE A CZ  1 
ATOM 131  N N   . ILE A 1 18  ? -7.950  8.154   -7.451  1.00 19.63 ? 36  ILE A N   1 
ATOM 132  C CA  . ILE A 1 18  ? -7.675  8.991   -6.288  1.00 20.29 ? 36  ILE A CA  1 
ATOM 133  C C   . ILE A 1 18  ? -6.649  10.017  -6.792  1.00 32.11 ? 36  ILE A C   1 
ATOM 134  O O   . ILE A 1 18  ? -5.671  9.657   -7.490  1.00 30.00 ? 36  ILE A O   1 
ATOM 135  C CB  . ILE A 1 18  ? -7.191  8.160   -5.062  1.00 24.87 ? 36  ILE A CB  1 
ATOM 136  C CG1 . ILE A 1 18  ? -5.692  7.948   -5.066  1.00 32.50 ? 36  ILE A CG1 1 
ATOM 137  C CG2 . ILE A 1 18  ? -7.936  6.800   -4.980  1.00 23.31 ? 36  ILE A CG2 1 
ATOM 138  C CD1 . ILE A 1 18  ? -4.897  9.069   -4.487  1.00 40.28 ? 36  ILE A CD1 1 
ATOM 139  N N   . ASP A 1 19  ? -6.842  11.287  -6.430  1.00 32.49 ? 37  ASP A N   1 
ATOM 140  C CA  . ASP A 1 19  ? -5.943  12.338  -6.928  1.00 23.19 ? 37  ASP A CA  1 
ATOM 141  C C   . ASP A 1 19  ? -5.564  13.391  -5.890  1.00 28.23 ? 37  ASP A C   1 
ATOM 142  O O   . ASP A 1 19  ? -6.184  14.436  -5.816  1.00 42.17 ? 37  ASP A O   1 
ATOM 143  C CB  . ASP A 1 19  ? -6.608  12.956  -8.163  1.00 22.21 ? 37  ASP A CB  1 
ATOM 144  C CG  . ASP A 1 19  ? -6.172  14.369  -8.457  1.00 34.13 ? 37  ASP A CG  1 
ATOM 145  O OD1 . ASP A 1 19  ? -5.038  14.541  -8.934  1.00 33.47 ? 37  ASP A OD1 1 
ATOM 146  O OD2 . ASP A 1 19  ? -6.969  15.311  -8.204  1.00 44.92 ? 37  ASP A OD2 1 
ATOM 147  N N   . ARG A 1 20  ? -4.563  13.078  -5.075  1.00 27.16 ? 38  ARG A N   1 
ATOM 148  C CA  . ARG A 1 20  ? -4.040  13.950  -4.008  1.00 30.07 ? 38  ARG A CA  1 
ATOM 149  C C   . ARG A 1 20  ? -2.652  14.401  -4.463  1.00 29.89 ? 38  ARG A C   1 
ATOM 150  O O   . ARG A 1 20  ? -1.639  13.894  -4.014  1.00 29.63 ? 38  ARG A O   1 
ATOM 151  C CB  . ARG A 1 20  ? -3.902  13.172  -2.681  1.00 38.36 ? 38  ARG A CB  1 
ATOM 152  C CG  . ARG A 1 20  ? -5.198  12.858  -1.882  1.00 54.75 ? 38  ARG A CG  1 
ATOM 153  C CD  . ARG A 1 20  ? -5.885  11.569  -2.332  1.00 58.56 ? 38  ARG A CD  1 
ATOM 154  N NE  . ARG A 1 20  ? -6.604  10.925  -1.235  1.00 50.83 ? 38  ARG A NE  1 
ATOM 155  C CZ  . ARG A 1 20  ? -7.361  9.844   -1.369  1.00 48.51 ? 38  ARG A CZ  1 
ATOM 156  N NH1 . ARG A 1 20  ? -7.528  9.258   -2.545  1.00 51.03 ? 38  ARG A NH1 1 
ATOM 157  N NH2 . ARG A 1 20  ? -7.942  9.315   -0.314  1.00 39.07 ? 38  ARG A NH2 1 
ATOM 158  N N   . PRO A 1 21  ? -2.594  15.405  -5.322  1.00 28.21 ? 39  PRO A N   1 
ATOM 159  C CA  . PRO A 1 21  ? -1.367  15.960  -5.883  1.00 34.13 ? 39  PRO A CA  1 
ATOM 160  C C   . PRO A 1 21  ? -0.373  16.614  -4.901  1.00 41.67 ? 39  PRO A C   1 
ATOM 161  O O   . PRO A 1 21  ? 0.785   16.933  -5.270  1.00 37.14 ? 39  PRO A O   1 
ATOM 162  C CB  . PRO A 1 21  ? -1.893  16.942  -6.889  1.00 33.66 ? 39  PRO A CB  1 
ATOM 163  C CG  . PRO A 1 21  ? -3.107  17.461  -6.221  1.00 32.23 ? 39  PRO A CG  1 
ATOM 164  C CD  . PRO A 1 21  ? -3.753  16.237  -5.654  1.00 29.01 ? 39  PRO A CD  1 
ATOM 165  N N   . LEU A 1 22  ? -0.806  16.814  -3.662  1.00 34.91 ? 40  LEU A N   1 
ATOM 166  C CA  . LEU A 1 22  ? 0.069   17.437  -2.677  1.00 28.89 ? 40  LEU A CA  1 
ATOM 167  C C   . LEU A 1 22  ? 0.245   16.526  -1.475  1.00 30.06 ? 40  LEU A C   1 
ATOM 168  O O   . LEU A 1 22  ? 0.712   16.948  -0.415  1.00 25.81 ? 40  LEU A O   1 
ATOM 169  C CB  . LEU A 1 22  ? -0.527  18.790  -2.243  1.00 28.57 ? 40  LEU A CB  1 
ATOM 170  C CG  . LEU A 1 22  ? -0.945  19.709  -3.421  1.00 35.94 ? 40  LEU A CG  1 
ATOM 171  C CD1 . LEU A 1 22  ? -1.814  20.839  -2.913  1.00 39.42 ? 40  LEU A CD1 1 
ATOM 172  C CD2 . LEU A 1 22  ? 0.277   20.241  -4.216  1.00 26.47 ? 40  LEU A CD2 1 
ATOM 173  N N   . GLY A 1 23  ? -0.117  15.263  -1.660  1.00 27.13 ? 41  GLY A N   1 
ATOM 174  C CA  . GLY A 1 23  ? 0.034   14.285  -0.603  1.00 38.11 ? 41  GLY A CA  1 
ATOM 175  C C   . GLY A 1 23  ? -0.767  14.444  0.681   1.00 38.54 ? 41  GLY A C   1 
ATOM 176  O O   . GLY A 1 23  ? -1.830  15.093  0.729   1.00 29.70 ? 41  GLY A O   1 
ATOM 177  N N   . MET A 1 24  ? -0.302  13.713  1.690   1.00 38.15 ? 42  MET A N   1 
ATOM 178  C CA  . MET A 1 24  ? -0.893  13.725  3.012   1.00 41.82 ? 42  MET A CA  1 
ATOM 179  C C   . MET A 1 24  ? 0.263   13.719  4.017   1.00 38.20 ? 42  MET A C   1 
ATOM 180  O O   . MET A 1 24  ? 1.422   13.501  3.662   1.00 30.51 ? 42  MET A O   1 
ATOM 181  C CB  . MET A 1 24  ? -1.790  12.489  3.245   1.00 42.04 ? 42  MET A CB  1 
ATOM 182  C CG  . MET A 1 24  ? -2.992  12.365  2.344   1.00 25.83 ? 42  MET A CG  1 
ATOM 183  S SD  . MET A 1 24  ? -2.723  10.924  1.309   1.00 33.11 ? 42  MET A SD  1 
ATOM 184  C CE  . MET A 1 24  ? -2.622  9.738   2.506   1.00 31.22 ? 42  MET A CE  1 
ATOM 185  N N   . LYS A 1 25  ? -0.082  13.965  5.274   1.00 39.87 ? 43  LYS A N   1 
ATOM 186  C CA  . LYS A 1 25  ? 0.869   13.985  6.373   1.00 34.47 ? 43  LYS A CA  1 
ATOM 187  C C   . LYS A 1 25  ? 1.297   12.576  6.759   1.00 31.34 ? 43  LYS A C   1 
ATOM 188  O O   . LYS A 1 25  ? 2.245   12.399  7.517   1.00 46.42 ? 43  LYS A O   1 
ATOM 189  C CB  . LYS A 1 25  ? 0.231   14.653  7.574   1.00 40.98 ? 43  LYS A CB  1 
ATOM 190  N N   . GLY A 1 26  ? 0.612   11.572  6.237   1.00 25.78 ? 44  GLY A N   1 
ATOM 191  C CA  . GLY A 1 26  ? 0.924   10.213  6.622   1.00 20.72 ? 44  GLY A CA  1 
ATOM 192  C C   . GLY A 1 26  ? 1.325   9.291   5.503   1.00 25.76 ? 44  GLY A C   1 
ATOM 193  O O   . GLY A 1 26  ? 1.017   9.520   4.324   1.00 31.40 ? 44  GLY A O   1 
ATOM 194  N N   . TYR A 1 27  ? 2.021   8.234   5.904   1.00 26.94 ? 45  TYR A N   1 
ATOM 195  C CA  . TYR A 1 27  ? 2.523   7.216   5.000   1.00 23.13 ? 45  TYR A CA  1 
ATOM 196  C C   . TYR A 1 27  ? 1.385   6.296   4.625   1.00 13.73 ? 45  TYR A C   1 
ATOM 197  O O   . TYR A 1 27  ? 0.522   6.001   5.441   1.00 21.51 ? 45  TYR A O   1 
ATOM 198  C CB  . TYR A 1 27  ? 3.665   6.384   5.660   1.00 25.90 ? 45  TYR A CB  1 
ATOM 199  C CG  . TYR A 1 27  ? 5.102   6.952   5.589   1.00 25.36 ? 45  TYR A CG  1 
ATOM 200  C CD1 . TYR A 1 27  ? 5.581   7.871   6.546   1.00 14.86 ? 45  TYR A CD1 1 
ATOM 201  C CD2 . TYR A 1 27  ? 5.980   6.546   4.576   1.00 19.92 ? 45  TYR A CD2 1 
ATOM 202  C CE1 . TYR A 1 27  ? 6.904   8.364   6.488   1.00 29.97 ? 45  TYR A CE1 1 
ATOM 203  C CE2 . TYR A 1 27  ? 7.290   7.034   4.504   1.00 28.65 ? 45  TYR A CE2 1 
ATOM 204  C CZ  . TYR A 1 27  ? 7.744   7.943   5.465   1.00 37.76 ? 45  TYR A CZ  1 
ATOM 205  O OH  . TYR A 1 27  ? 9.025   8.447   5.394   1.00 22.66 ? 45  TYR A OH  1 
ATOM 206  N N   . ILE A 1 28  ? 1.419   5.848   3.384   1.00 7.19  ? 46  ILE A N   1 
ATOM 207  C CA  . ILE A 1 28  ? 0.441   4.949   2.819   1.00 15.68 ? 46  ILE A CA  1 
ATOM 208  C C   . ILE A 1 28  ? 1.112   3.809   2.014   1.00 15.00 ? 46  ILE A C   1 
ATOM 209  O O   . ILE A 1 28  ? 1.845   4.054   1.041   1.00 21.06 ? 46  ILE A O   1 
ATOM 210  C CB  . ILE A 1 28  ? -0.563  5.775   1.906   1.00 22.84 ? 46  ILE A CB  1 
ATOM 211  C CG1 . ILE A 1 28  ? -1.868  6.084   2.654   1.00 5.88  ? 46  ILE A CG1 1 
ATOM 212  C CG2 . ILE A 1 28  ? -0.844  5.081   0.596   1.00 8.81  ? 46  ILE A CG2 1 
ATOM 213  C CD1 . ILE A 1 28  ? -3.044  5.154   2.330   1.00 27.76 ? 46  ILE A CD1 1 
ATOM 214  N N   . LEU A 1 29  ? 1.001   2.589   2.529   1.00 10.93 ? 47  LEU A N   1 
ATOM 215  C CA  . LEU A 1 29  ? 1.512   1.394   1.857   1.00 10.58 ? 47  LEU A CA  1 
ATOM 216  C C   . LEU A 1 29  ? 0.344   0.919   1.054   1.00 8.16  ? 47  LEU A C   1 
ATOM 217  O O   . LEU A 1 29  ? -0.767  0.793   1.583   1.00 15.65 ? 47  LEU A O   1 
ATOM 218  C CB  . LEU A 1 29  ? 1.824   0.287   2.851   1.00 2.58  ? 47  LEU A CB  1 
ATOM 219  C CG  . LEU A 1 29  ? 3.158   0.359   3.573   1.00 18.33 ? 47  LEU A CG  1 
ATOM 220  C CD1 . LEU A 1 29  ? 3.058   -0.264  4.983   1.00 6.95  ? 47  LEU A CD1 1 
ATOM 221  C CD2 . LEU A 1 29  ? 4.167   -0.360  2.761   1.00 10.85 ? 47  LEU A CD2 1 
ATOM 222  N N   . ASN A 1 30  ? 0.617   0.513   -0.174  1.00 16.83 ? 48  ASN A N   1 
ATOM 223  C CA  . ASN A 1 30  ? -0.432  0.054   -1.072  1.00 24.16 ? 48  ASN A CA  1 
ATOM 224  C C   . ASN A 1 30  ? -0.106  -1.311  -1.661  1.00 22.10 ? 48  ASN A C   1 
ATOM 225  O O   . ASN A 1 30  ? 0.926   -1.455  -2.301  1.00 36.41 ? 48  ASN A O   1 
ATOM 226  C CB  . ASN A 1 30  ? -0.573  1.078   -2.193  1.00 37.76 ? 48  ASN A CB  1 
ATOM 227  C CG  . ASN A 1 30  ? -1.628  0.684   -3.221  1.00 35.66 ? 48  ASN A CG  1 
ATOM 228  O OD1 . ASN A 1 30  ? -2.667  1.336   -3.360  1.00 19.98 ? 48  ASN A OD1 1 
ATOM 229  N ND2 . ASN A 1 30  ? -1.329  -0.352  -3.991  1.00 29.01 ? 48  ASN A ND2 1 
ATOM 230  N N   . LEU A 1 31  ? -0.986  -2.289  -1.465  1.00 26.67 ? 49  LEU A N   1 
ATOM 231  C CA  . LEU A 1 31  ? -0.799  -3.664  -1.951  1.00 18.18 ? 49  LEU A CA  1 
ATOM 232  C C   . LEU A 1 31  ? -1.883  -4.145  -2.890  1.00 21.95 ? 49  LEU A C   1 
ATOM 233  O O   . LEU A 1 31  ? -3.036  -4.353  -2.482  1.00 24.29 ? 49  LEU A O   1 
ATOM 234  C CB  . LEU A 1 31  ? -0.662  -4.648  -0.765  1.00 20.92 ? 49  LEU A CB  1 
ATOM 235  C CG  . LEU A 1 31  ? -0.955  -6.141  -0.969  1.00 16.81 ? 49  LEU A CG  1 
ATOM 236  C CD1 . LEU A 1 31  ? -0.159  -6.710  -2.134  1.00 30.70 ? 49  LEU A CD1 1 
ATOM 237  C CD2 . LEU A 1 31  ? -0.644  -6.877  0.268   1.00 20.26 ? 49  LEU A CD2 1 
ATOM 238  N N   . THR A 1 32  ? -1.523  -4.336  -4.152  1.00 14.46 ? 50  THR A N   1 
ATOM 239  C CA  . THR A 1 32  ? -2.519  -4.794  -5.100  1.00 12.22 ? 50  THR A CA  1 
ATOM 240  C C   . THR A 1 32  ? -2.823  -6.238  -4.840  1.00 19.83 ? 50  THR A C   1 
ATOM 241  O O   . THR A 1 32  ? -1.912  -7.007  -4.610  1.00 13.09 ? 50  THR A O   1 
ATOM 242  C CB  . THR A 1 32  ? -2.009  -4.671  -6.537  1.00 4.12  ? 50  THR A CB  1 
ATOM 243  O OG1 . THR A 1 32  ? -1.822  -3.284  -6.854  1.00 23.62 ? 50  THR A OG1 1 
ATOM 244  C CG2 . THR A 1 32  ? -3.003  -5.245  -7.513  1.00 7.23  ? 50  THR A CG2 1 
ATOM 245  N N   . ILE A 1 33  ? -4.100  -6.615  -4.857  1.00 35.52 ? 51  ILE A N   1 
ATOM 246  C CA  . ILE A 1 33  ? -4.429  -8.023  -4.682  1.00 36.13 ? 51  ILE A CA  1 
ATOM 247  C C   . ILE A 1 33  ? -5.091  -8.589  -5.951  1.00 27.86 ? 51  ILE A C   1 
ATOM 248  O O   . ILE A 1 33  ? -4.735  -9.679  -6.421  1.00 29.09 ? 51  ILE A O   1 
ATOM 249  C CB  . ILE A 1 33  ? -5.254  -8.325  -3.378  1.00 32.23 ? 51  ILE A CB  1 
ATOM 250  C CG1 . ILE A 1 33  ? -6.610  -7.602  -3.365  1.00 36.20 ? 51  ILE A CG1 1 
ATOM 251  C CG2 . ILE A 1 33  ? -4.412  -7.983  -2.184  1.00 19.15 ? 51  ILE A CG2 1 
ATOM 252  C CD1 . ILE A 1 33  ? -7.289  -7.617  -2.008  1.00 26.68 ? 51  ILE A CD1 1 
ATOM 253  N N   . ARG A 1 34  ? -5.900  -7.772  -6.613  1.00 17.82 ? 52  ARG A N   1 
ATOM 254  C CA  . ARG A 1 34  ? -6.604  -8.231  -7.796  1.00 11.85 ? 52  ARG A CA  1 
ATOM 255  C C   . ARG A 1 34  ? -6.546  -7.184  -8.814  1.00 9.91  ? 52  ARG A C   1 
ATOM 256  O O   . ARG A 1 34  ? -6.505  -6.043  -8.442  1.00 18.71 ? 52  ARG A O   1 
ATOM 257  C CB  . ARG A 1 34  ? -8.059  -8.553  -7.441  1.00 18.08 ? 52  ARG A CB  1 
ATOM 258  C CG  . ARG A 1 34  ? -8.174  -9.923  -6.730  1.00 41.44 ? 52  ARG A CG  1 
ATOM 259  C CD  . ARG A 1 34  ? -9.542  -10.179 -6.188  1.00 29.81 ? 52  ARG A CD  1 
ATOM 260  N NE  . ARG A 1 34  ? -10.547 -9.750  -7.143  1.00 29.39 ? 52  ARG A NE  1 
ATOM 261  C CZ  . ARG A 1 34  ? -11.854 -9.920  -6.987  1.00 34.56 ? 52  ARG A CZ  1 
ATOM 262  N NH1 . ARG A 1 34  ? -12.328 -10.528 -5.899  1.00 22.13 ? 52  ARG A NH1 1 
ATOM 263  N NH2 . ARG A 1 34  ? -12.686 -9.430  -7.892  1.00 31.62 ? 52  ARG A NH2 1 
ATOM 264  N N   . GLY A 1 35  ? -6.584  -7.581  -10.095 1.00 30.62 ? 53  GLY A N   1 
ATOM 265  C CA  . GLY A 1 35  ? -6.531  -6.649  -11.208 1.00 27.97 ? 53  GLY A CA  1 
ATOM 266  C C   . GLY A 1 35  ? -5.193  -5.913  -11.234 1.00 39.55 ? 53  GLY A C   1 
ATOM 267  O O   . GLY A 1 35  ? -4.285  -6.191  -10.440 1.00 32.57 ? 53  GLY A O   1 
ATOM 268  N N   . GLN A 1 36  ? -5.029  -5.033  -12.206 1.00 40.60 ? 54  GLN A N   1 
ATOM 269  C CA  . GLN A 1 36  ? -3.806  -4.263  -12.322 1.00 30.74 ? 54  GLN A CA  1 
ATOM 270  C C   . GLN A 1 36  ? -4.114  -2.858  -11.899 1.00 30.49 ? 54  GLN A C   1 
ATOM 271  O O   . GLN A 1 36  ? -5.240  -2.396  -12.098 1.00 23.31 ? 54  GLN A O   1 
ATOM 272  C CB  . GLN A 1 36  ? -3.349  -4.220  -13.761 1.00 26.48 ? 54  GLN A CB  1 
ATOM 273  C CG  . GLN A 1 36  ? -2.514  -5.359  -14.189 1.00 37.45 ? 54  GLN A CG  1 
ATOM 274  C CD  . GLN A 1 36  ? -1.779  -5.002  -15.437 1.00 41.94 ? 54  GLN A CD  1 
ATOM 275  O OE1 . GLN A 1 36  ? -2.092  -4.000  -16.089 1.00 42.84 ? 54  GLN A OE1 1 
ATOM 276  N NE2 . GLN A 1 36  ? -0.773  -5.794  -15.773 1.00 48.10 ? 54  GLN A NE2 1 
ATOM 277  N N   . GLY A 1 37  ? -3.096  -2.157  -11.396 1.00 21.36 ? 55  GLY A N   1 
ATOM 278  C CA  . GLY A 1 37  ? -3.270  -0.776  -10.985 1.00 26.40 ? 55  GLY A CA  1 
ATOM 279  C C   . GLY A 1 37  ? -2.374  0.084   -11.838 1.00 25.47 ? 55  GLY A C   1 
ATOM 280  O O   . GLY A 1 37  ? -1.500  -0.460  -12.502 1.00 35.47 ? 55  GLY A O   1 
ATOM 281  N N   . VAL A 1 38  ? -2.639  1.386   -11.925 1.00 17.81 ? 56  VAL A N   1 
ATOM 282  C CA  . VAL A 1 38  ? -1.751  2.256   -12.683 1.00 17.10 ? 56  VAL A CA  1 
ATOM 283  C C   . VAL A 1 38  ? -1.332  3.518   -11.918 1.00 21.10 ? 56  VAL A C   1 
ATOM 284  O O   . VAL A 1 38  ? -2.080  4.485   -11.853 1.00 30.52 ? 56  VAL A O   1 
ATOM 285  C CB  . VAL A 1 38  ? -2.256  2.555   -14.126 1.00 16.47 ? 56  VAL A CB  1 
ATOM 286  C CG1 . VAL A 1 38  ? -3.464  3.471   -14.165 1.00 18.52 ? 56  VAL A CG1 1 
ATOM 287  C CG2 . VAL A 1 38  ? -1.149  3.212   -14.895 1.00 33.43 ? 56  VAL A CG2 1 
ATOM 288  N N   . VAL A 1 39  ? -0.202  3.445   -11.213 1.00 15.90 ? 57  VAL A N   1 
ATOM 289  C CA  . VAL A 1 39  ? 0.324   4.585   -10.454 1.00 10.50 ? 57  VAL A CA  1 
ATOM 290  C C   . VAL A 1 39  ? 0.964   5.598   -11.430 1.00 15.12 ? 57  VAL A C   1 
ATOM 291  O O   . VAL A 1 39  ? 1.979   5.294   -12.023 1.00 29.10 ? 57  VAL A O   1 
ATOM 292  C CB  . VAL A 1 39  ? 1.397   4.079   -9.468  1.00 9.71  ? 57  VAL A CB  1 
ATOM 293  C CG1 . VAL A 1 39  ? 1.632   5.079   -8.346  1.00 12.97 ? 57  VAL A CG1 1 
ATOM 294  C CG2 . VAL A 1 39  ? 0.978   2.732   -8.918  1.00 10.09 ? 57  VAL A CG2 1 
ATOM 295  N N   . LYS A 1 40  ? 0.371   6.785   -11.603 1.00 20.46 ? 58  LYS A N   1 
ATOM 296  C CA  . LYS A 1 40  ? 0.876   7.841   -12.518 1.00 19.16 ? 58  LYS A CA  1 
ATOM 297  C C   . LYS A 1 40  ? 1.619   8.960   -11.752 1.00 24.62 ? 58  LYS A C   1 
ATOM 298  O O   . LYS A 1 40  ? 1.276   9.251   -10.593 1.00 36.73 ? 58  LYS A O   1 
ATOM 299  C CB  . LYS A 1 40  ? -0.297  8.486   -13.318 1.00 23.99 ? 58  LYS A CB  1 
ATOM 300  C CG  . LYS A 1 40  ? -1.120  7.537   -14.273 1.00 23.22 ? 58  LYS A CG  1 
ATOM 301  C CD  . LYS A 1 40  ? -2.067  8.247   -15.271 1.00 20.36 ? 58  LYS A CD  1 
ATOM 302  C CE  . LYS A 1 40  ? -3.162  9.039   -14.560 1.00 37.63 ? 58  LYS A CE  1 
ATOM 303  N NZ  . LYS A 1 40  ? -3.548  10.355  -15.208 1.00 31.72 ? 58  LYS A NZ  1 
ATOM 304  N N   . ASN A 1 41  ? 2.543   9.663   -12.429 1.00 28.63 ? 59  ASN A N   1 
ATOM 305  C CA  . ASN A 1 41  ? 3.311   10.782  -11.823 1.00 30.43 ? 59  ASN A CA  1 
ATOM 306  C C   . ASN A 1 41  ? 4.072   11.534  -12.886 1.00 27.65 ? 59  ASN A C   1 
ATOM 307  O O   . ASN A 1 41  ? 4.936   10.945  -13.518 1.00 28.30 ? 59  ASN A O   1 
ATOM 308  C CB  . ASN A 1 41  ? 4.351   10.287  -10.806 1.00 27.43 ? 59  ASN A CB  1 
ATOM 309  C CG  . ASN A 1 41  ? 5.240   11.424  -10.240 1.00 28.78 ? 59  ASN A CG  1 
ATOM 310  O OD1 . ASN A 1 41  ? 5.742   12.263  -10.980 1.00 25.50 ? 59  ASN A OD1 1 
ATOM 311  N ND2 . ASN A 1 41  ? 5.446   11.433  -8.916  1.00 14.03 ? 59  ASN A ND2 1 
ATOM 312  N N   . GLN A 1 42  ? 3.837   12.850  -12.982 1.00 30.73 ? 60  GLN A N   1 
ATOM 313  C CA  . GLN A 1 42  ? 4.480   13.710  -13.974 1.00 32.72 ? 60  GLN A CA  1 
ATOM 314  C C   . GLN A 1 42  ? 4.682   13.001  -15.281 1.00 46.34 ? 60  GLN A C   1 
ATOM 315  O O   . GLN A 1 42  ? 5.785   12.499  -15.561 1.00 44.16 ? 60  GLN A O   1 
ATOM 316  C CB  . GLN A 1 42  ? 5.821   14.192  -13.491 1.00 19.34 ? 60  GLN A CB  1 
ATOM 317  C CG  . GLN A 1 42  ? 5.745   15.477  -12.779 1.00 28.87 ? 60  GLN A CG  1 
ATOM 318  C CD  . GLN A 1 42  ? 6.852   15.601  -11.777 1.00 43.96 ? 60  GLN A CD  1 
ATOM 319  O OE1 . GLN A 1 42  ? 6.775   15.067  -10.661 1.00 47.31 ? 60  GLN A OE1 1 
ATOM 320  N NE2 . GLN A 1 42  ? 7.913   16.276  -12.176 1.00 49.67 ? 60  GLN A NE2 1 
ATOM 321  N N   . GLY A 1 43  ? 3.589   12.916  -16.039 1.00 57.92 ? 61  GLY A N   1 
ATOM 322  C CA  . GLY A 1 43  ? 3.593   12.273  -17.341 1.00 65.48 ? 61  GLY A CA  1 
ATOM 323  C C   . GLY A 1 43  ? 3.972   10.799  -17.413 1.00 69.91 ? 61  GLY A C   1 
ATOM 324  O O   . GLY A 1 43  ? 3.723   10.138  -18.428 1.00 77.21 ? 61  GLY A O   1 
ATOM 325  N N   . ARG A 1 44  ? 4.555   10.274  -16.342 1.00 60.41 ? 62  ARG A N   1 
ATOM 326  C CA  . ARG A 1 44  ? 4.980   8.887   -16.313 1.00 53.38 ? 62  ARG A CA  1 
ATOM 327  C C   . ARG A 1 44  ? 3.813   7.999   -15.877 1.00 55.68 ? 62  ARG A C   1 
ATOM 328  O O   . ARG A 1 44  ? 2.779   8.489   -15.379 1.00 53.74 ? 62  ARG A O   1 
ATOM 329  C CB  . ARG A 1 44  ? 6.172   8.737   -15.369 1.00 41.13 ? 62  ARG A CB  1 
ATOM 330  C CG  . ARG A 1 44  ? 7.170   9.874   -15.448 1.00 18.34 ? 62  ARG A CG  1 
ATOM 331  C CD  . ARG A 1 44  ? 7.725   10.162  -14.077 1.00 39.38 ? 62  ARG A CD  1 
ATOM 332  N NE  . ARG A 1 44  ? 8.560   11.354  -14.010 1.00 48.66 ? 62  ARG A NE  1 
ATOM 333  C CZ  . ARG A 1 44  ? 9.343   11.654  -12.973 1.00 60.37 ? 62  ARG A CZ  1 
ATOM 334  N NH1 . ARG A 1 44  ? 9.396   10.849  -11.917 1.00 58.89 ? 62  ARG A NH1 1 
ATOM 335  N NH2 . ARG A 1 44  ? 10.093  12.747  -12.983 1.00 69.52 ? 62  ARG A NH2 1 
ATOM 336  N N   . GLU A 1 45  ? 3.988   6.692   -16.071 1.00 48.55 ? 63  GLU A N   1 
ATOM 337  C CA  . GLU A 1 45  ? 2.975   5.718   -15.708 1.00 34.76 ? 63  GLU A CA  1 
ATOM 338  C C   . GLU A 1 45  ? 3.501   4.316   -15.378 1.00 32.08 ? 63  GLU A C   1 
ATOM 339  O O   . GLU A 1 45  ? 3.867   3.567   -16.276 1.00 45.00 ? 63  GLU A O   1 
ATOM 340  C CB  . GLU A 1 45  ? 1.972   5.598   -16.827 1.00 16.36 ? 63  GLU A CB  1 
ATOM 341  C CG  . GLU A 1 45  ? 1.240   6.845   -17.096 1.00 23.24 ? 63  GLU A CG  1 
ATOM 342  C CD  . GLU A 1 45  ? 0.265   6.674   -18.228 1.00 36.32 ? 63  GLU A CD  1 
ATOM 343  O OE1 . GLU A 1 45  ? -0.072  5.494   -18.537 1.00 29.90 ? 63  GLU A OE1 1 
ATOM 344  O OE2 . GLU A 1 45  ? -0.170  7.717   -18.790 1.00 46.97 ? 63  GLU A OE2 1 
ATOM 345  N N   . PHE A 1 46  ? 3.580   3.981   -14.104 1.00 27.46 ? 64  PHE A N   1 
ATOM 346  C CA  . PHE A 1 46  ? 3.995   2.643   -13.703 1.00 24.61 ? 64  PHE A CA  1 
ATOM 347  C C   . PHE A 1 46  ? 2.712   1.777   -13.872 1.00 28.88 ? 64  PHE A C   1 
ATOM 348  O O   . PHE A 1 46  ? 1.698   2.274   -14.364 1.00 39.21 ? 64  PHE A O   1 
ATOM 349  C CB  . PHE A 1 46  ? 4.440   2.689   -12.235 1.00 20.45 ? 64  PHE A CB  1 
ATOM 350  C CG  . PHE A 1 46  ? 4.891   1.375   -11.695 1.00 31.84 ? 64  PHE A CG  1 
ATOM 351  C CD1 . PHE A 1 46  ? 5.797   0.581   -12.414 1.00 37.79 ? 64  PHE A CD1 1 
ATOM 352  C CD2 . PHE A 1 46  ? 4.417   0.907   -10.470 1.00 29.72 ? 64  PHE A CD2 1 
ATOM 353  C CE1 . PHE A 1 46  ? 6.241   -0.689  -11.908 1.00 36.88 ? 64  PHE A CE1 1 
ATOM 354  C CE2 . PHE A 1 46  ? 4.846   -0.357  -9.952  1.00 39.78 ? 64  PHE A CE2 1 
ATOM 355  C CZ  . PHE A 1 46  ? 5.765   -1.166  -10.677 1.00 20.37 ? 64  PHE A CZ  1 
ATOM 356  N N   . VAL A 1 47  ? 2.739   0.524   -13.439 1.00 13.39 ? 65  VAL A N   1 
ATOM 357  C CA  . VAL A 1 47  ? 1.575   -0.360  -13.568 1.00 15.30 ? 65  VAL A CA  1 
ATOM 358  C C   . VAL A 1 47  ? 1.752   -1.484  -12.599 1.00 17.13 ? 65  VAL A C   1 
ATOM 359  O O   . VAL A 1 47  ? 2.635   -2.279  -12.799 1.00 27.44 ? 65  VAL A O   1 
ATOM 360  C CB  . VAL A 1 47  ? 1.460   -0.909  -15.018 1.00 4.88  ? 65  VAL A CB  1 
ATOM 361  N N   . CYS A 1 48  ? 1.025   -1.482  -11.499 1.00 25.75 ? 66  CYS A N   1 
ATOM 362  C CA  . CYS A 1 48  ? 1.179   -2.520  -10.507 1.00 18.95 ? 66  CYS A CA  1 
ATOM 363  C C   . CYS A 1 48  ? 0.479   -3.833  -10.896 1.00 24.29 ? 66  CYS A C   1 
ATOM 364  O O   . CYS A 1 48  ? -0.325  -3.880  -11.831 1.00 26.76 ? 66  CYS A O   1 
ATOM 365  C CB  . CYS A 1 48  ? 0.799   -2.031  -9.093  1.00 8.49  ? 66  CYS A CB  1 
ATOM 366  S SG  . CYS A 1 48  ? -0.484  -0.773  -9.075  1.00 39.70 ? 66  CYS A SG  1 
ATOM 367  N N   . ARG A 1 49  ? 0.929   -4.909  -10.266 1.00 23.42 ? 67  ARG A N   1 
ATOM 368  C CA  . ARG A 1 49  ? 0.416   -6.244  -10.482 1.00 25.73 ? 67  ARG A CA  1 
ATOM 369  C C   . ARG A 1 49  ? 0.218   -6.719  -9.078  1.00 24.21 ? 67  ARG A C   1 
ATOM 370  O O   . ARG A 1 49  ? 0.808   -6.185  -8.140  1.00 26.75 ? 67  ARG A O   1 
ATOM 371  C CB  . ARG A 1 49  ? 1.439   -7.138  -11.178 1.00 43.10 ? 67  ARG A CB  1 
ATOM 372  C CG  . ARG A 1 49  ? 2.211   -6.468  -12.298 1.00 61.26 ? 67  ARG A CG  1 
ATOM 373  C CD  . ARG A 1 49  ? 2.660   -7.445  -13.371 1.00 65.37 ? 67  ARG A CD  1 
ATOM 374  N NE  . ARG A 1 49  ? 2.046   -7.097  -14.655 1.00 69.40 ? 67  ARG A NE  1 
ATOM 375  C CZ  . ARG A 1 49  ? 2.546   -6.225  -15.541 1.00 64.70 ? 67  ARG A CZ  1 
ATOM 376  N NH1 . ARG A 1 49  ? 3.701   -5.599  -15.311 1.00 65.53 ? 67  ARG A NH1 1 
ATOM 377  N NH2 . ARG A 1 49  ? 1.829   -5.896  -16.605 1.00 41.34 ? 67  ARG A NH2 1 
ATOM 378  N N   . PRO A 1 50  ? -0.567  -7.767  -8.901  1.00 23.06 ? 68  PRO A N   1 
ATOM 379  C CA  . PRO A 1 50  ? -0.802  -8.255  -7.548  1.00 21.48 ? 68  PRO A CA  1 
ATOM 380  C C   . PRO A 1 50  ? 0.472   -8.677  -6.887  1.00 23.86 ? 68  PRO A C   1 
ATOM 381  O O   . PRO A 1 50  ? 1.377   -9.145  -7.555  1.00 29.03 ? 68  PRO A O   1 
ATOM 382  C CB  . PRO A 1 50  ? -1.756  -9.418  -7.761  1.00 20.76 ? 68  PRO A CB  1 
ATOM 383  C CG  . PRO A 1 50  ? -2.521  -8.998  -8.980  1.00 10.34 ? 68  PRO A CG  1 
ATOM 384  C CD  . PRO A 1 50  ? -1.414  -8.465  -9.875  1.00 18.63 ? 68  PRO A CD  1 
ATOM 385  N N   . GLY A 1 51  ? 0.536   -8.452  -5.571  1.00 41.18 ? 69  GLY A N   1 
ATOM 386  C CA  . GLY A 1 51  ? 1.702   -8.778  -4.768  1.00 39.90 ? 69  GLY A CA  1 
ATOM 387  C C   . GLY A 1 51  ? 2.640   -7.582  -4.594  1.00 38.76 ? 69  GLY A C   1 
ATOM 388  O O   . GLY A 1 51  ? 3.671   -7.651  -3.905  1.00 45.91 ? 69  GLY A O   1 
ATOM 389  N N   . ASP A 1 52  ? 2.285   -6.477  -5.234  1.00 30.07 ? 70  ASP A N   1 
ATOM 390  C CA  . ASP A 1 52  ? 3.096   -5.273  -5.168  1.00 29.05 ? 70  ASP A CA  1 
ATOM 391  C C   . ASP A 1 52  ? 2.702   -4.389  -3.998  1.00 32.74 ? 70  ASP A C   1 
ATOM 392  O O   . ASP A 1 52  ? 1.516   -4.135  -3.773  1.00 42.03 ? 70  ASP A O   1 
ATOM 393  C CB  . ASP A 1 52  ? 2.967   -4.469  -6.483  1.00 25.78 ? 70  ASP A CB  1 
ATOM 394  C CG  . ASP A 1 52  ? 3.646   -5.162  -7.655  1.00 30.23 ? 70  ASP A CG  1 
ATOM 395  O OD1 . ASP A 1 52  ? 4.532   -5.992  -7.426  1.00 42.41 ? 70  ASP A OD1 1 
ATOM 396  O OD2 . ASP A 1 52  ? 3.311   -4.909  -8.822  1.00 27.15 ? 70  ASP A OD2 1 
ATOM 397  N N   . ILE A 1 53  ? 3.692   -4.021  -3.186  1.00 28.65 ? 71  ILE A N   1 
ATOM 398  C CA  . ILE A 1 53  ? 3.486   -3.101  -2.081  1.00 12.81 ? 71  ILE A CA  1 
ATOM 399  C C   . ILE A 1 53  ? 4.276   -1.823  -2.424  1.00 19.10 ? 71  ILE A C   1 
ATOM 400  O O   . ILE A 1 53  ? 5.489   -1.858  -2.638  1.00 13.46 ? 71  ILE A O   1 
ATOM 401  C CB  . ILE A 1 53  ? 4.008   -3.640  -0.785  1.00 15.18 ? 71  ILE A CB  1 
ATOM 402  C CG1 . ILE A 1 53  ? 3.307   -4.957  -0.389  1.00 19.84 ? 71  ILE A CG1 1 
ATOM 403  C CG2 . ILE A 1 53  ? 3.845   -2.556  0.284   1.00 7.23  ? 71  ILE A CG2 1 
ATOM 404  C CD1 . ILE A 1 53  ? 3.443   -5.317  1.153   1.00 4.86  ? 71  ILE A CD1 1 
ATOM 405  N N   . LEU A 1 54  ? 3.559   -0.714  -2.559  1.00 22.37 ? 72  LEU A N   1 
ATOM 406  C CA  . LEU A 1 54  ? 4.164   0.567   -2.894  1.00 31.21 ? 72  LEU A CA  1 
ATOM 407  C C   . LEU A 1 54  ? 4.115   1.534   -1.697  1.00 25.98 ? 72  LEU A C   1 
ATOM 408  O O   . LEU A 1 54  ? 3.138   1.532   -0.955  1.00 22.10 ? 72  LEU A O   1 
ATOM 409  C CB  . LEU A 1 54  ? 3.417   1.189   -4.079  1.00 37.28 ? 72  LEU A CB  1 
ATOM 410  C CG  . LEU A 1 54  ? 3.648   0.829   -5.546  1.00 28.87 ? 72  LEU A CG  1 
ATOM 411  C CD1 . LEU A 1 54  ? 3.442   -0.615  -5.838  1.00 40.51 ? 72  LEU A CD1 1 
ATOM 412  C CD2 . LEU A 1 54  ? 2.676   1.655   -6.374  1.00 39.15 ? 72  LEU A CD2 1 
ATOM 413  N N   . LEU A 1 55  ? 5.170   2.334   -1.512  1.00 19.43 ? 73  LEU A N   1 
ATOM 414  C CA  . LEU A 1 55  ? 5.228   3.273   -0.403  1.00 27.22 ? 73  LEU A CA  1 
ATOM 415  C C   . LEU A 1 55  ? 5.007   4.667   -0.896  1.00 21.36 ? 73  LEU A C   1 
ATOM 416  O O   . LEU A 1 55  ? 5.593   5.089   -1.884  1.00 21.88 ? 73  LEU A O   1 
ATOM 417  C CB  . LEU A 1 55  ? 6.560   3.213   0.367   1.00 30.54 ? 73  LEU A CB  1 
ATOM 418  C CG  . LEU A 1 55  ? 6.562   3.960   1.706   1.00 32.32 ? 73  LEU A CG  1 
ATOM 419  C CD1 . LEU A 1 55  ? 5.595   3.298   2.661   1.00 11.80 ? 73  LEU A CD1 1 
ATOM 420  C CD2 . LEU A 1 55  ? 7.979   4.012   2.269   1.00 19.12 ? 73  LEU A CD2 1 
ATOM 421  N N   . PHE A 1 56  ? 4.144   5.368   -0.185  1.00 17.31 ? 74  PHE A N   1 
ATOM 422  C CA  . PHE A 1 56  ? 3.787   6.735   -0.500  1.00 19.36 ? 74  PHE A CA  1 
ATOM 423  C C   . PHE A 1 56  ? 4.111   7.578   0.714   1.00 20.36 ? 74  PHE A C   1 
ATOM 424  O O   . PHE A 1 56  ? 3.248   7.772   1.577   1.00 27.44 ? 74  PHE A O   1 
ATOM 425  C CB  . PHE A 1 56  ? 2.295   6.772   -0.761  1.00 20.17 ? 74  PHE A CB  1 
ATOM 426  C CG  . PHE A 1 56  ? 1.915   6.134   -2.047  1.00 3.22  ? 74  PHE A CG  1 
ATOM 427  C CD1 . PHE A 1 56  ? 1.963   6.830   -3.211  1.00 2.00  ? 74  PHE A CD1 1 
ATOM 428  C CD2 . PHE A 1 56  ? 1.484   4.848   -2.093  1.00 14.19 ? 74  PHE A CD2 1 
ATOM 429  C CE1 . PHE A 1 56  ? 1.582   6.235   -4.383  1.00 3.39  ? 74  PHE A CE1 1 
ATOM 430  C CE2 . PHE A 1 56  ? 1.107   4.281   -3.284  1.00 9.29  ? 74  PHE A CE2 1 
ATOM 431  C CZ  . PHE A 1 56  ? 1.161   4.981   -4.404  1.00 16.22 ? 74  PHE A CZ  1 
ATOM 432  N N   . PRO A 1 57  ? 5.351   8.088   0.805   1.00 23.15 ? 75  PRO A N   1 
ATOM 433  C CA  . PRO A 1 57  ? 5.762   8.898   1.954   1.00 22.91 ? 75  PRO A CA  1 
ATOM 434  C C   . PRO A 1 57  ? 5.014   10.214  2.025   1.00 26.61 ? 75  PRO A C   1 
ATOM 435  O O   . PRO A 1 57  ? 4.243   10.523  1.121   1.00 29.73 ? 75  PRO A O   1 
ATOM 436  C CB  . PRO A 1 57  ? 7.266   9.051   1.729   1.00 29.28 ? 75  PRO A CB  1 
ATOM 437  C CG  . PRO A 1 57  ? 7.414   9.004   0.212   1.00 24.11 ? 75  PRO A CG  1 
ATOM 438  C CD  . PRO A 1 57  ? 6.467   7.885   -0.134  1.00 23.51 ? 75  PRO A CD  1 
ATOM 439  N N   . PRO A 1 58  ? 5.126   10.934  3.154   1.00 26.94 ? 76  PRO A N   1 
ATOM 440  C CA  . PRO A 1 58  ? 4.487   12.231  3.417   1.00 20.02 ? 76  PRO A CA  1 
ATOM 441  C C   . PRO A 1 58  ? 4.893   13.185  2.324   1.00 18.94 ? 76  PRO A C   1 
ATOM 442  O O   . PRO A 1 58  ? 6.077   13.280  2.023   1.00 32.06 ? 76  PRO A O   1 
ATOM 443  C CB  . PRO A 1 58  ? 5.118   12.647  4.741   1.00 20.47 ? 76  PRO A CB  1 
ATOM 444  C CG  . PRO A 1 58  ? 5.307   11.324  5.440   1.00 32.03 ? 76  PRO A CG  1 
ATOM 445  C CD  . PRO A 1 58  ? 5.858   10.460  4.338   1.00 25.39 ? 76  PRO A CD  1 
ATOM 446  N N   . GLY A 1 59  ? 3.927   13.865  1.719   1.00 29.52 ? 77  GLY A N   1 
ATOM 447  C CA  . GLY A 1 59  ? 4.209   14.809  0.646   1.00 35.49 ? 77  GLY A CA  1 
ATOM 448  C C   . GLY A 1 59  ? 4.187   14.251  -0.768  1.00 33.13 ? 77  GLY A C   1 
ATOM 449  O O   . GLY A 1 59  ? 4.207   15.001  -1.750  1.00 26.42 ? 77  GLY A O   1 
ATOM 450  N N   . GLU A 1 60  ? 4.168   12.927  -0.887  1.00 46.64 ? 78  GLU A N   1 
ATOM 451  C CA  . GLU A 1 60  ? 4.153   12.309  -2.209  1.00 46.45 ? 78  GLU A CA  1 
ATOM 452  C C   . GLU A 1 60  ? 2.798   12.565  -2.875  1.00 42.77 ? 78  GLU A C   1 
ATOM 453  O O   . GLU A 1 60  ? 1.752   12.613  -2.226  1.00 38.62 ? 78  GLU A O   1 
ATOM 454  C CB  . GLU A 1 60  ? 4.441   10.778  -2.137  1.00 40.56 ? 78  GLU A CB  1 
ATOM 455  C CG  . GLU A 1 60  ? 4.782   10.108  -3.486  1.00 30.78 ? 78  GLU A CG  1 
ATOM 456  C CD  . GLU A 1 60  ? 6.133   10.531  -3.967  1.00 38.56 ? 78  GLU A CD  1 
ATOM 457  O OE1 . GLU A 1 60  ? 7.106   10.073  -3.361  1.00 32.82 ? 78  GLU A OE1 1 
ATOM 458  O OE2 . GLU A 1 60  ? 6.233   11.357  -4.901  1.00 44.31 ? 78  GLU A OE2 1 
ATOM 459  N N   . ILE A 1 61  ? 2.836   12.801  -4.173  1.00 34.53 ? 79  ILE A N   1 
ATOM 460  C CA  . ILE A 1 61  ? 1.628   12.992  -4.938  1.00 27.72 ? 79  ILE A CA  1 
ATOM 461  C C   . ILE A 1 61  ? 1.007   11.612  -4.972  1.00 30.64 ? 79  ILE A C   1 
ATOM 462  O O   . ILE A 1 61  ? 1.707   10.615  -5.137  1.00 42.63 ? 79  ILE A O   1 
ATOM 463  C CB  . ILE A 1 61  ? 1.994   13.441  -6.365  1.00 37.61 ? 79  ILE A CB  1 
ATOM 464  C CG1 . ILE A 1 61  ? 2.359   14.917  -6.363  1.00 45.50 ? 79  ILE A CG1 1 
ATOM 465  C CG2 . ILE A 1 61  ? 0.899   13.136  -7.371  1.00 33.10 ? 79  ILE A CG2 1 
ATOM 466  C CD1 . ILE A 1 61  ? 2.602   15.485  -7.754  1.00 73.74 ? 79  ILE A CD1 1 
ATOM 467  N N   . HIS A 1 62  ? -0.282  11.532  -4.696  1.00 32.50 ? 80  HIS A N   1 
ATOM 468  C CA  . HIS A 1 62  ? -0.998  10.267  -4.751  1.00 26.57 ? 80  HIS A CA  1 
ATOM 469  C C   . HIS A 1 62  ? -1.908  10.401  -5.991  1.00 24.52 ? 80  HIS A C   1 
ATOM 470  O O   . HIS A 1 62  ? -2.738  11.300  -6.070  1.00 25.33 ? 80  HIS A O   1 
ATOM 471  C CB  . HIS A 1 62  ? -1.827  10.069  -3.462  1.00 18.55 ? 80  HIS A CB  1 
ATOM 472  C CG  . HIS A 1 62  ? -0.992  9.944   -2.215  1.00 7.61  ? 80  HIS A CG  1 
ATOM 473  N ND1 . HIS A 1 62  ? -1.179  8.936   -1.292  1.00 17.44 ? 80  HIS A ND1 1 
ATOM 474  C CD2 . HIS A 1 62  ? 0.036   10.689  -1.753  1.00 19.31 ? 80  HIS A CD2 1 
ATOM 475  C CE1 . HIS A 1 62  ? -0.298  9.066   -0.312  1.00 18.39 ? 80  HIS A CE1 1 
ATOM 476  N NE2 . HIS A 1 62  ? 0.452   10.123  -0.566  1.00 22.78 ? 80  HIS A NE2 1 
ATOM 477  N N   . HIS A 1 63  ? -1.706  9.535   -6.977  1.00 28.81 ? 81  HIS A N   1 
ATOM 478  C CA  . HIS A 1 63  ? -2.523  9.538   -8.193  1.00 28.97 ? 81  HIS A CA  1 
ATOM 479  C C   . HIS A 1 63  ? -2.436  8.160   -8.874  1.00 30.98 ? 81  HIS A C   1 
ATOM 480  O O   . HIS A 1 63  ? -1.454  7.849   -9.533  1.00 37.21 ? 81  HIS A O   1 
ATOM 481  C CB  . HIS A 1 63  ? -2.042  10.632  -9.129  1.00 23.44 ? 81  HIS A CB  1 
ATOM 482  C CG  . HIS A 1 63  ? -2.902  10.825  -10.327 1.00 12.75 ? 81  HIS A CG  1 
ATOM 483  N ND1 . HIS A 1 63  ? -2.470  11.465  -11.455 1.00 24.15 ? 81  HIS A ND1 1 
ATOM 484  C CD2 . HIS A 1 63  ? -4.162  10.411  -10.588 1.00 19.36 ? 81  HIS A CD2 1 
ATOM 485  C CE1 . HIS A 1 63  ? -3.417  11.440  -12.373 1.00 7.10  ? 81  HIS A CE1 1 
ATOM 486  N NE2 . HIS A 1 63  ? -4.460  10.806  -11.868 1.00 25.30 ? 81  HIS A NE2 1 
ATOM 487  N N   . TYR A 1 64  ? -3.490  7.363   -8.741  1.00 21.48 ? 82  TYR A N   1 
ATOM 488  C CA  . TYR A 1 64  ? -3.519  6.009   -9.261  1.00 11.55 ? 82  TYR A CA  1 
ATOM 489  C C   . TYR A 1 64  ? -4.955  5.518   -9.285  1.00 26.46 ? 82  TYR A C   1 
ATOM 490  O O   . TYR A 1 64  ? -5.797  5.934   -8.481  1.00 26.54 ? 82  TYR A O   1 
ATOM 491  C CB  . TYR A 1 64  ? -2.711  5.101   -8.332  1.00 13.98 ? 82  TYR A CB  1 
ATOM 492  C CG  . TYR A 1 64  ? -2.885  5.382   -6.841  1.00 16.14 ? 82  TYR A CG  1 
ATOM 493  C CD1 . TYR A 1 64  ? -3.961  4.827   -6.101  1.00 4.80  ? 82  TYR A CD1 1 
ATOM 494  C CD2 . TYR A 1 64  ? -1.939  6.204   -6.164  1.00 3.78  ? 82  TYR A CD2 1 
ATOM 495  C CE1 . TYR A 1 64  ? -4.081  5.077   -4.696  1.00 2.31  ? 82  TYR A CE1 1 
ATOM 496  C CE2 . TYR A 1 64  ? -2.033  6.466   -4.817  1.00 2.00  ? 82  TYR A CE2 1 
ATOM 497  C CZ  . TYR A 1 64  ? -3.100  5.901   -4.063  1.00 19.74 ? 82  TYR A CZ  1 
ATOM 498  O OH  . TYR A 1 64  ? -3.109  6.104   -2.689  1.00 13.42 ? 82  TYR A OH  1 
ATOM 499  N N   . GLY A 1 65  ? -5.195  4.525   -10.127 1.00 25.48 ? 83  GLY A N   1 
ATOM 500  C CA  . GLY A 1 65  ? -6.525  3.950   -10.266 1.00 17.78 ? 83  GLY A CA  1 
ATOM 501  C C   . GLY A 1 65  ? -6.493  2.614   -11.000 1.00 23.68 ? 83  GLY A C   1 
ATOM 502  O O   . GLY A 1 65  ? -5.558  1.837   -10.829 1.00 36.61 ? 83  GLY A O   1 
ATOM 503  N N   . ARG A 1 66  ? -7.500  2.313   -11.799 1.00 13.68 ? 84  ARG A N   1 
ATOM 504  C CA  . ARG A 1 66  ? -7.513  1.052   -12.522 1.00 13.30 ? 84  ARG A CA  1 
ATOM 505  C C   . ARG A 1 66  ? -6.862  1.329   -13.878 1.00 21.96 ? 84  ARG A C   1 
ATOM 506  O O   . ARG A 1 66  ? -7.166  2.337   -14.509 1.00 30.47 ? 84  ARG A O   1 
ATOM 507  C CB  . ARG A 1 66  ? -8.949  0.613   -12.733 1.00 16.74 ? 84  ARG A CB  1 
ATOM 508  C CG  . ARG A 1 66  ? -9.134  -0.659  -13.542 1.00 23.11 ? 84  ARG A CG  1 
ATOM 509  C CD  . ARG A 1 66  ? -10.595 -0.937  -13.769 1.00 17.01 ? 84  ARG A CD  1 
ATOM 510  N NE  . ARG A 1 66  ? -11.191 0.271   -14.285 1.00 21.27 ? 84  ARG A NE  1 
ATOM 511  C CZ  . ARG A 1 66  ? -11.420 0.477   -15.567 1.00 16.25 ? 84  ARG A CZ  1 
ATOM 512  N NH1 . ARG A 1 66  ? -11.125 -0.448  -16.463 1.00 19.20 ? 84  ARG A NH1 1 
ATOM 513  N NH2 . ARG A 1 66  ? -11.887 1.641   -15.964 1.00 32.16 ? 84  ARG A NH2 1 
ATOM 514  N N   . HIS A 1 67  ? -5.894  0.505   -14.277 1.00 30.11 ? 85  HIS A N   1 
ATOM 515  C CA  . HIS A 1 67  ? -5.220  0.668   -15.564 1.00 33.18 ? 85  HIS A CA  1 
ATOM 516  C C   . HIS A 1 67  ? -6.304  0.321   -16.581 1.00 29.52 ? 85  HIS A C   1 
ATOM 517  O O   . HIS A 1 67  ? -6.840  -0.756  -16.538 1.00 39.55 ? 85  HIS A O   1 
ATOM 518  C CB  . HIS A 1 67  ? -4.044  -0.309  -15.650 1.00 43.02 ? 85  HIS A CB  1 
ATOM 519  C CG  . HIS A 1 67  ? -3.236  -0.182  -16.905 1.00 55.10 ? 85  HIS A CG  1 
ATOM 520  N ND1 . HIS A 1 67  ? -3.640  -0.712  -18.114 1.00 57.51 ? 85  HIS A ND1 1 
ATOM 521  C CD2 . HIS A 1 67  ? -2.052  0.433   -17.146 1.00 60.38 ? 85  HIS A CD2 1 
ATOM 522  C CE1 . HIS A 1 67  ? -2.743  -0.422  -19.042 1.00 65.43 ? 85  HIS A CE1 1 
ATOM 523  N NE2 . HIS A 1 67  ? -1.771  0.274   -18.483 1.00 54.22 ? 85  HIS A NE2 1 
ATOM 524  N N   . PRO A 1 68  ? -6.573  1.196   -17.560 1.00 33.50 ? 86  PRO A N   1 
ATOM 525  C CA  . PRO A 1 68  ? -7.590  1.051   -18.613 1.00 34.33 ? 86  PRO A CA  1 
ATOM 526  C C   . PRO A 1 68  ? -7.866  -0.282  -19.285 1.00 35.46 ? 86  PRO A C   1 
ATOM 527  O O   . PRO A 1 68  ? -8.884  -0.424  -19.954 1.00 53.84 ? 86  PRO A O   1 
ATOM 528  C CB  . PRO A 1 68  ? -7.181  2.105   -19.636 1.00 46.75 ? 86  PRO A CB  1 
ATOM 529  C CG  . PRO A 1 68  ? -6.690  3.188   -18.767 1.00 50.15 ? 86  PRO A CG  1 
ATOM 530  C CD  . PRO A 1 68  ? -5.808  2.430   -17.780 1.00 40.15 ? 86  PRO A CD  1 
ATOM 531  N N   . GLU A 1 69  ? -6.970  -1.247  -19.162 1.00 30.86 ? 87  GLU A N   1 
ATOM 532  C CA  . GLU A 1 69  ? -7.214  -2.541  -19.778 1.00 16.27 ? 87  GLU A CA  1 
ATOM 533  C C   . GLU A 1 69  ? -7.576  -3.589  -18.742 1.00 25.53 ? 87  GLU A C   1 
ATOM 534  O O   . GLU A 1 69  ? -7.891  -4.722  -19.103 1.00 29.92 ? 87  GLU A O   1 
ATOM 535  C CB  . GLU A 1 69  ? -6.002  -2.987  -20.580 1.00 41.04 ? 87  GLU A CB  1 
ATOM 536  N N   . ALA A 1 70  ? -7.443  -3.232  -17.459 1.00 23.03 ? 88  ALA A N   1 
ATOM 537  C CA  . ALA A 1 70  ? -7.758  -4.101  -16.312 1.00 14.14 ? 88  ALA A CA  1 
ATOM 538  C C   . ALA A 1 70  ? -9.243  -4.000  -16.018 1.00 21.17 ? 88  ALA A C   1 
ATOM 539  O O   . ALA A 1 70  ? -9.819  -2.923  -16.151 1.00 25.38 ? 88  ALA A O   1 
ATOM 540  C CB  . ALA A 1 70  ? -6.973  -3.666  -15.057 1.00 4.02  ? 88  ALA A CB  1 
ATOM 541  N N   . ARG A 1 71  ? -9.856  -5.098  -15.567 1.00 32.61 ? 89  ARG A N   1 
ATOM 542  C CA  . ARG A 1 71  ? -11.290 -5.088  -15.226 1.00 24.00 ? 89  ARG A CA  1 
ATOM 543  C C   . ARG A 1 71  ? -11.589 -4.579  -13.786 1.00 19.87 ? 89  ARG A C   1 
ATOM 544  O O   . ARG A 1 71  ? -12.733 -4.328  -13.419 1.00 12.62 ? 89  ARG A O   1 
ATOM 545  C CB  . ARG A 1 71  ? -11.930 -6.475  -15.471 1.00 32.09 ? 89  ARG A CB  1 
ATOM 546  C CG  . ARG A 1 71  ? -12.282 -6.792  -16.932 1.00 27.66 ? 89  ARG A CG  1 
ATOM 547  C CD  . ARG A 1 71  ? -13.503 -7.728  -17.069 1.00 46.83 ? 89  ARG A CD  1 
ATOM 548  N NE  . ARG A 1 71  ? -13.349 -9.058  -16.441 1.00 47.82 ? 89  ARG A NE  1 
ATOM 549  C CZ  . ARG A 1 71  ? -13.615 -10.227 -17.029 1.00 34.84 ? 89  ARG A CZ  1 
ATOM 550  N NH1 . ARG A 1 71  ? -14.045 -10.247 -18.260 1.00 37.81 ? 89  ARG A NH1 1 
ATOM 551  N NH2 . ARG A 1 71  ? -13.455 -11.378 -16.381 1.00 20.90 ? 89  ARG A NH2 1 
ATOM 552  N N   . GLU A 1 72  ? -10.540 -4.387  -12.985 1.00 6.35  ? 90  GLU A N   1 
ATOM 553  C CA  . GLU A 1 72  ? -10.677 -3.911  -11.613 1.00 12.57 ? 90  GLU A CA  1 
ATOM 554  C C   . GLU A 1 72  ? -9.283  -3.648  -11.051 1.00 10.17 ? 90  GLU A C   1 
ATOM 555  O O   . GLU A 1 72  ? -8.308  -3.813  -11.771 1.00 20.80 ? 90  GLU A O   1 
ATOM 556  C CB  . GLU A 1 72  ? -11.378 -4.992  -10.788 1.00 16.16 ? 90  GLU A CB  1 
ATOM 557  C CG  . GLU A 1 72  ? -10.552 -6.262  -10.565 1.00 24.10 ? 90  GLU A CG  1 
ATOM 558  C CD  . GLU A 1 72  ? -11.360 -7.430  -10.008 1.00 23.95 ? 90  GLU A CD  1 
ATOM 559  O OE1 . GLU A 1 72  ? -12.519 -7.260  -9.578  1.00 28.73 ? 90  GLU A OE1 1 
ATOM 560  O OE2 . GLU A 1 72  ? -10.826 -8.550  -10.011 1.00 27.31 ? 90  GLU A OE2 1 
ATOM 561  N N   . TRP A 1 73  ? -9.197  -3.251  -9.776  1.00 18.84 ? 91  TRP A N   1 
ATOM 562  C CA  . TRP A 1 73  ? -7.921  -3.042  -9.060  1.00 16.79 ? 91  TRP A CA  1 
ATOM 563  C C   . TRP A 1 73  ? -8.184  -3.097  -7.533  1.00 21.65 ? 91  TRP A C   1 
ATOM 564  O O   . TRP A 1 73  ? -8.286  -2.050  -6.879  1.00 17.27 ? 91  TRP A O   1 
ATOM 565  C CB  . TRP A 1 73  ? -7.221  -1.715  -9.425  1.00 15.00 ? 91  TRP A CB  1 
ATOM 566  C CG  . TRP A 1 73  ? -5.866  -1.566  -8.711  1.00 2.68  ? 91  TRP A CG  1 
ATOM 567  C CD1 . TRP A 1 73  ? -5.011  -2.578  -8.381  1.00 16.11 ? 91  TRP A CD1 1 
ATOM 568  C CD2 . TRP A 1 73  ? -5.283  -0.361  -8.162  1.00 8.97  ? 91  TRP A CD2 1 
ATOM 569  N NE1 . TRP A 1 73  ? -3.971  -2.100  -7.636  1.00 2.00  ? 91  TRP A NE1 1 
ATOM 570  C CE2 . TRP A 1 73  ? -4.104  -0.748  -7.500  1.00 8.57  ? 91  TRP A CE2 1 
ATOM 571  C CE3 . TRP A 1 73  ? -5.645  0.994   -8.176  1.00 19.63 ? 91  TRP A CE3 1 
ATOM 572  C CZ2 . TRP A 1 73  ? -3.286  0.171   -6.863  1.00 9.19  ? 91  TRP A CZ2 1 
ATOM 573  C CZ3 . TRP A 1 73  ? -4.822  1.898   -7.551  1.00 19.00 ? 91  TRP A CZ3 1 
ATOM 574  C CH2 . TRP A 1 73  ? -3.649  1.480   -6.902  1.00 16.37 ? 91  TRP A CH2 1 
ATOM 575  N N   . TYR A 1 74  ? -8.343  -4.312  -6.985  1.00 14.94 ? 92  TYR A N   1 
ATOM 576  C CA  . TYR A 1 74  ? -8.584  -4.427  -5.571  1.00 8.78  ? 92  TYR A CA  1 
ATOM 577  C C   . TYR A 1 74  ? -7.270  -4.271  -4.892  1.00 19.02 ? 92  TYR A C   1 
ATOM 578  O O   . TYR A 1 74  ? -6.282  -4.894  -5.292  1.00 26.22 ? 92  TYR A O   1 
ATOM 579  C CB  . TYR A 1 74  ? -9.200  -5.758  -5.189  1.00 10.65 ? 92  TYR A CB  1 
ATOM 580  C CG  . TYR A 1 74  ? -10.685 -5.836  -5.502  1.00 17.65 ? 92  TYR A CG  1 
ATOM 581  C CD1 . TYR A 1 74  ? -11.195 -5.322  -6.710  1.00 9.03  ? 92  TYR A CD1 1 
ATOM 582  C CD2 . TYR A 1 74  ? -11.546 -6.606  -4.694  1.00 18.39 ? 92  TYR A CD2 1 
ATOM 583  C CE1 . TYR A 1 74  ? -12.488 -5.614  -7.092  1.00 13.83 ? 92  TYR A CE1 1 
ATOM 584  C CE2 . TYR A 1 74  ? -12.842 -6.912  -5.070  1.00 12.96 ? 92  TYR A CE2 1 
ATOM 585  C CZ  . TYR A 1 74  ? -13.311 -6.418  -6.272  1.00 22.70 ? 92  TYR A CZ  1 
ATOM 586  O OH  . TYR A 1 74  ? -14.584 -6.772  -6.706  1.00 20.97 ? 92  TYR A OH  1 
ATOM 587  N N   . HIS A 1 75  ? -7.264  -3.452  -3.851  1.00 19.04 ? 93  HIS A N   1 
ATOM 588  C CA  . HIS A 1 75  ? -6.048  -3.200  -3.120  1.00 10.80 ? 93  HIS A CA  1 
ATOM 589  C C   . HIS A 1 75  ? -6.261  -2.734  -1.718  1.00 9.37  ? 93  HIS A C   1 
ATOM 590  O O   . HIS A 1 75  ? -7.104  -1.882  -1.493  1.00 8.68  ? 93  HIS A O   1 
ATOM 591  C CB  . HIS A 1 75  ? -5.263  -2.126  -3.818  1.00 21.17 ? 93  HIS A CB  1 
ATOM 592  C CG  . HIS A 1 75  ? -5.976  -0.807  -3.872  1.00 9.14  ? 93  HIS A CG  1 
ATOM 593  N ND1 . HIS A 1 75  ? -6.833  -0.462  -4.889  1.00 16.58 ? 93  HIS A ND1 1 
ATOM 594  C CD2 . HIS A 1 75  ? -5.828  0.311   -3.121  1.00 2.00  ? 93  HIS A CD2 1 
ATOM 595  C CE1 . HIS A 1 75  ? -7.158  0.817   -4.793  1.00 9.29  ? 93  HIS A CE1 1 
ATOM 596  N NE2 . HIS A 1 75  ? -6.556  1.305   -3.718  1.00 5.18  ? 93  HIS A NE2 1 
ATOM 597  N N   . GLN A 1 76  ? -5.451  -3.249  -0.804  1.00 7.18  ? 94  GLN A N   1 
ATOM 598  C CA  . GLN A 1 76  ? -5.550  -2.860  0.598   1.00 18.41 ? 94  GLN A CA  1 
ATOM 599  C C   . GLN A 1 76  ? -4.599  -1.704  0.720   1.00 19.06 ? 94  GLN A C   1 
ATOM 600  O O   . GLN A 1 76  ? -3.585  -1.651  0.021   1.00 24.51 ? 94  GLN A O   1 
ATOM 601  C CB  . GLN A 1 76  ? -5.162  -3.990  1.577   1.00 28.02 ? 94  GLN A CB  1 
ATOM 602  C CG  . GLN A 1 76  ? -4.926  -5.359  0.909   1.00 24.42 ? 94  GLN A CG  1 
ATOM 603  C CD  . GLN A 1 76  ? -5.342  -6.498  1.767   1.00 19.47 ? 94  GLN A CD  1 
ATOM 604  O OE1 . GLN A 1 76  ? -4.599  -7.452  1.953   1.00 37.47 ? 94  GLN A OE1 1 
ATOM 605  N NE2 . GLN A 1 76  ? -6.537  -6.410  2.311   1.00 32.50 ? 94  GLN A NE2 1 
ATOM 606  N N   . TRP A 1 77  ? -4.909  -0.803  1.615   1.00 14.30 ? 95  TRP A N   1 
ATOM 607  C CA  . TRP A 1 77  ? -4.097  0.371   1.819   1.00 17.91 ? 95  TRP A CA  1 
ATOM 608  C C   . TRP A 1 77  ? -3.977  0.602   3.323   1.00 18.58 ? 95  TRP A C   1 
ATOM 609  O O   . TRP A 1 77  ? -4.868  0.241   4.112   1.00 18.08 ? 95  TRP A O   1 
ATOM 610  C CB  . TRP A 1 77  ? -4.793  1.570   1.149   1.00 14.17 ? 95  TRP A CB  1 
ATOM 611  C CG  . TRP A 1 77  ? -6.224  1.877   1.710   1.00 25.36 ? 95  TRP A CG  1 
ATOM 612  C CD1 . TRP A 1 77  ? -7.387  1.452   1.206   1.00 8.99  ? 95  TRP A CD1 1 
ATOM 613  C CD2 . TRP A 1 77  ? -6.560  2.688   2.849   1.00 8.59  ? 95  TRP A CD2 1 
ATOM 614  N NE1 . TRP A 1 77  ? -8.438  1.932   1.934   1.00 12.85 ? 95  TRP A NE1 1 
ATOM 615  C CE2 . TRP A 1 77  ? -7.958  2.701   2.961   1.00 3.59  ? 95  TRP A CE2 1 
ATOM 616  C CE3 . TRP A 1 77  ? -5.814  3.420   3.786   1.00 3.55  ? 95  TRP A CE3 1 
ATOM 617  C CZ2 . TRP A 1 77  ? -8.641  3.410   3.963   1.00 7.88  ? 95  TRP A CZ2 1 
ATOM 618  C CZ3 . TRP A 1 77  ? -6.494  4.120   4.784   1.00 15.61 ? 95  TRP A CZ3 1 
ATOM 619  C CH2 . TRP A 1 77  ? -7.894  4.105   4.860   1.00 8.06  ? 95  TRP A CH2 1 
ATOM 620  N N   . VAL A 1 78  ? -2.841  1.087   3.760   1.00 19.93 ? 96  VAL A N   1 
ATOM 621  C CA  . VAL A 1 78  ? -2.752  1.389   5.178   1.00 28.10 ? 96  VAL A CA  1 
ATOM 622  C C   . VAL A 1 78  ? -2.090  2.752   5.334   1.00 26.32 ? 96  VAL A C   1 
ATOM 623  O O   . VAL A 1 78  ? -1.045  3.032   4.745   1.00 31.49 ? 96  VAL A O   1 
ATOM 624  C CB  . VAL A 1 78  ? -2.147  0.251   6.007   1.00 27.41 ? 96  VAL A CB  1 
ATOM 625  C CG1 . VAL A 1 78  ? -0.965  -0.358  5.304   1.00 37.46 ? 96  VAL A CG1 1 
ATOM 626  C CG2 . VAL A 1 78  ? -1.761  0.766   7.372   1.00 35.85 ? 96  VAL A CG2 1 
ATOM 627  N N   . TYR A 1 79  ? -2.807  3.641   6.008   1.00 20.40 ? 97  TYR A N   1 
ATOM 628  C CA  . TYR A 1 79  ? -2.381  5.014   6.217   1.00 11.56 ? 97  TYR A CA  1 
ATOM 629  C C   . TYR A 1 79  ? -1.868  5.091   7.627   1.00 13.38 ? 97  TYR A C   1 
ATOM 630  O O   . TYR A 1 79  ? -2.552  4.649   8.555   1.00 16.76 ? 97  TYR A O   1 
ATOM 631  C CB  . TYR A 1 79  ? -3.578  5.958   6.006   1.00 20.90 ? 97  TYR A CB  1 
ATOM 632  C CG  . TYR A 1 79  ? -3.300  7.394   6.374   1.00 22.03 ? 97  TYR A CG  1 
ATOM 633  C CD1 . TYR A 1 79  ? -2.670  8.273   5.468   1.00 21.65 ? 97  TYR A CD1 1 
ATOM 634  C CD2 . TYR A 1 79  ? -3.525  7.838   7.677   1.00 26.87 ? 97  TYR A CD2 1 
ATOM 635  C CE1 . TYR A 1 79  ? -2.239  9.538   5.873   1.00 16.56 ? 97  TYR A CE1 1 
ATOM 636  C CE2 . TYR A 1 79  ? -3.102  9.084   8.090   1.00 29.48 ? 97  TYR A CE2 1 
ATOM 637  C CZ  . TYR A 1 79  ? -2.455  9.927   7.194   1.00 29.27 ? 97  TYR A CZ  1 
ATOM 638  O OH  . TYR A 1 79  ? -1.944  11.113  7.688   1.00 50.32 ? 97  TYR A OH  1 
ATOM 639  N N   . PHE A 1 80  ? -0.677  5.651   7.798   1.00 9.15  ? 98  PHE A N   1 
ATOM 640  C CA  . PHE A 1 80  ? -0.089  5.734   9.122   1.00 15.91 ? 98  PHE A CA  1 
ATOM 641  C C   . PHE A 1 80  ? 0.977   6.814   9.298   1.00 18.77 ? 98  PHE A C   1 
ATOM 642  O O   . PHE A 1 80  ? 1.561   7.300   8.330   1.00 22.88 ? 98  PHE A O   1 
ATOM 643  C CB  . PHE A 1 80  ? 0.563   4.393   9.461   1.00 7.94  ? 98  PHE A CB  1 
ATOM 644  C CG  . PHE A 1 80  ? 1.711   4.034   8.566   1.00 21.12 ? 98  PHE A CG  1 
ATOM 645  C CD1 . PHE A 1 80  ? 1.492   3.591   7.244   1.00 11.02 ? 98  PHE A CD1 1 
ATOM 646  C CD2 . PHE A 1 80  ? 3.021   4.096   9.049   1.00 21.23 ? 98  PHE A CD2 1 
ATOM 647  C CE1 . PHE A 1 80  ? 2.582   3.203   6.414   1.00 17.96 ? 98  PHE A CE1 1 
ATOM 648  C CE2 . PHE A 1 80  ? 4.099   3.716   8.243   1.00 24.28 ? 98  PHE A CE2 1 
ATOM 649  C CZ  . PHE A 1 80  ? 3.883   3.264   6.912   1.00 23.22 ? 98  PHE A CZ  1 
ATOM 650  N N   . ARG A 1 81  ? 1.168   7.208   10.557  1.00 29.65 ? 99  ARG A N   1 
ATOM 651  C CA  . ARG A 1 81  ? 2.189   8.171   10.980  1.00 36.67 ? 99  ARG A CA  1 
ATOM 652  C C   . ARG A 1 81  ? 3.124   7.222   11.761  1.00 37.68 ? 99  ARG A C   1 
ATOM 653  O O   . ARG A 1 81  ? 2.758   6.695   12.817  1.00 42.72 ? 99  ARG A O   1 
ATOM 654  C CB  . ARG A 1 81  ? 1.580   9.242   11.890  1.00 44.13 ? 99  ARG A CB  1 
ATOM 655  C CG  . ARG A 1 81  ? 0.611   10.210  11.175  1.00 54.25 ? 99  ARG A CG  1 
ATOM 656  C CD  . ARG A 1 81  ? 1.294   11.514  10.753  1.00 52.79 ? 99  ARG A CD  1 
ATOM 657  N NE  . ARG A 1 81  ? 1.731   12.300  11.906  1.00 74.42 ? 99  ARG A NE  1 
ATOM 658  C CZ  . ARG A 1 81  ? 1.176   13.447  12.297  1.00 85.98 ? 99  ARG A CZ  1 
ATOM 659  N NH1 . ARG A 1 81  ? 0.152   13.976  11.635  1.00 84.87 ? 99  ARG A NH1 1 
ATOM 660  N NH2 . ARG A 1 81  ? 1.652   14.076  13.365  1.00 98.97 ? 99  ARG A NH2 1 
ATOM 661  N N   . PRO A 1 82  ? 4.293   6.910   11.186  1.00 28.15 ? 100 PRO A N   1 
ATOM 662  C CA  . PRO A 1 82  ? 5.375   6.026   11.651  1.00 27.38 ? 100 PRO A CA  1 
ATOM 663  C C   . PRO A 1 82  ? 5.945   6.193   13.017  1.00 27.06 ? 100 PRO A C   1 
ATOM 664  O O   . PRO A 1 82  ? 6.086   7.310   13.514  1.00 27.65 ? 100 PRO A O   1 
ATOM 665  C CB  . PRO A 1 82  ? 6.459   6.223   10.609  1.00 22.89 ? 100 PRO A CB  1 
ATOM 666  C CG  . PRO A 1 82  ? 6.200   7.657   10.168  1.00 31.52 ? 100 PRO A CG  1 
ATOM 667  C CD  . PRO A 1 82  ? 4.723   7.689   10.022  1.00 13.45 ? 100 PRO A CD  1 
ATOM 668  N N   . ARG A 1 83  ? 6.343   5.064   13.599  1.00 26.23 ? 101 ARG A N   1 
ATOM 669  C CA  . ARG A 1 83  ? 6.963   5.091   14.916  1.00 32.38 ? 101 ARG A CA  1 
ATOM 670  C C   . ARG A 1 83  ? 8.375   5.559   14.722  1.00 33.09 ? 101 ARG A C   1 
ATOM 671  O O   . ARG A 1 83  ? 8.959   5.356   13.635  1.00 32.80 ? 101 ARG A O   1 
ATOM 672  C CB  . ARG A 1 83  ? 7.016   3.717   15.600  1.00 27.04 ? 101 ARG A CB  1 
ATOM 673  C CG  . ARG A 1 83  ? 5.931   3.479   16.637  1.00 39.16 ? 101 ARG A CG  1 
ATOM 674  C CD  . ARG A 1 83  ? 6.074   2.128   17.325  1.00 39.61 ? 101 ARG A CD  1 
ATOM 675  N NE  . ARG A 1 83  ? 4.789   1.460   17.606  1.00 40.39 ? 101 ARG A NE  1 
ATOM 676  C CZ  . ARG A 1 83  ? 4.038   1.668   18.690  1.00 35.13 ? 101 ARG A CZ  1 
ATOM 677  N NH1 . ARG A 1 83  ? 4.416   2.538   19.605  1.00 44.35 ? 101 ARG A NH1 1 
ATOM 678  N NH2 . ARG A 1 83  ? 2.934   0.955   18.891  1.00 41.88 ? 101 ARG A NH2 1 
ATOM 679  N N   . ALA A 1 84  ? 8.937   6.109   15.804  1.00 33.69 ? 102 ALA A N   1 
ATOM 680  C CA  . ALA A 1 84  ? 10.317  6.633   15.833  1.00 46.59 ? 102 ALA A CA  1 
ATOM 681  C C   . ALA A 1 84  ? 11.389  5.859   15.002  1.00 47.29 ? 102 ALA A C   1 
ATOM 682  O O   . ALA A 1 84  ? 11.885  6.348   13.971  1.00 31.28 ? 102 ALA A O   1 
ATOM 683  C CB  . ALA A 1 84  ? 10.771  6.738   17.275  1.00 47.11 ? 102 ALA A CB  1 
ATOM 684  N N   . TYR A 1 85  ? 11.739  4.666   15.490  1.00 44.66 ? 103 TYR A N   1 
ATOM 685  C CA  . TYR A 1 85  ? 12.710  3.786   14.853  1.00 36.22 ? 103 TYR A CA  1 
ATOM 686  C C   . TYR A 1 85  ? 12.313  3.390   13.457  1.00 32.48 ? 103 TYR A C   1 
ATOM 687  O O   . TYR A 1 85  ? 13.145  3.371   12.565  1.00 43.58 ? 103 TYR A O   1 
ATOM 688  C CB  . TYR A 1 85  ? 12.977  2.533   15.691  1.00 28.11 ? 103 TYR A CB  1 
ATOM 689  C CG  . TYR A 1 85  ? 11.787  1.975   16.439  1.00 14.19 ? 103 TYR A CG  1 
ATOM 690  C CD1 . TYR A 1 85  ? 11.115  2.741   17.418  1.00 35.31 ? 103 TYR A CD1 1 
ATOM 691  C CD2 . TYR A 1 85  ? 11.360  0.664   16.225  1.00 30.75 ? 103 TYR A CD2 1 
ATOM 692  C CE1 . TYR A 1 85  ? 10.060  2.206   18.184  1.00 27.30 ? 103 TYR A CE1 1 
ATOM 693  C CE2 . TYR A 1 85  ? 10.305  0.115   16.979  1.00 26.72 ? 103 TYR A CE2 1 
ATOM 694  C CZ  . TYR A 1 85  ? 9.662   0.890   17.954  1.00 34.05 ? 103 TYR A CZ  1 
ATOM 695  O OH  . TYR A 1 85  ? 8.668   0.367   18.757  1.00 32.01 ? 103 TYR A OH  1 
ATOM 696  N N   . TRP A 1 86  ? 11.023  3.151   13.249  1.00 25.61 ? 104 TRP A N   1 
ATOM 697  C CA  . TRP A 1 86  ? 10.500  2.746   11.948  1.00 21.71 ? 104 TRP A CA  1 
ATOM 698  C C   . TRP A 1 86  ? 11.183  3.436   10.792  1.00 17.23 ? 104 TRP A C   1 
ATOM 699  O O   . TRP A 1 86  ? 11.432  2.806   9.788   1.00 23.77 ? 104 TRP A O   1 
ATOM 700  C CB  . TRP A 1 86  ? 9.008   3.045   11.866  1.00 32.57 ? 104 TRP A CB  1 
ATOM 701  C CG  . TRP A 1 86  ? 8.159   2.195   12.756  1.00 23.84 ? 104 TRP A CG  1 
ATOM 702  C CD1 . TRP A 1 86  ? 8.544   1.569   13.899  1.00 30.99 ? 104 TRP A CD1 1 
ATOM 703  C CD2 . TRP A 1 86  ? 6.780   1.856   12.536  1.00 26.98 ? 104 TRP A CD2 1 
ATOM 704  N NE1 . TRP A 1 86  ? 7.489   0.843   14.417  1.00 33.00 ? 104 TRP A NE1 1 
ATOM 705  C CE2 . TRP A 1 86  ? 6.395   0.990   13.607  1.00 22.40 ? 104 TRP A CE2 1 
ATOM 706  C CE3 . TRP A 1 86  ? 5.813   2.181   11.559  1.00 27.83 ? 104 TRP A CE3 1 
ATOM 707  C CZ2 . TRP A 1 86  ? 5.108   0.458   13.712  1.00 30.64 ? 104 TRP A CZ2 1 
ATOM 708  C CZ3 . TRP A 1 86  ? 4.522   1.650   11.663  1.00 27.78 ? 104 TRP A CZ3 1 
ATOM 709  C CH2 . TRP A 1 86  ? 4.186   0.792   12.740  1.00 31.55 ? 104 TRP A CH2 1 
ATOM 710  N N   . HIS A 1 87  ? 11.488  4.725   10.954  1.00 34.00 ? 105 HIS A N   1 
ATOM 711  C CA  . HIS A 1 87  ? 12.117  5.562   9.916   1.00 39.74 ? 105 HIS A CA  1 
ATOM 712  C C   . HIS A 1 87  ? 13.119  4.840   9.045   1.00 41.23 ? 105 HIS A C   1 
ATOM 713  O O   . HIS A 1 87  ? 13.133  5.007   7.821   1.00 44.42 ? 105 HIS A O   1 
ATOM 714  C CB  . HIS A 1 87  ? 12.822  6.781   10.535  1.00 50.19 ? 105 HIS A CB  1 
ATOM 715  C CG  . HIS A 1 87  ? 11.909  7.729   11.273  1.00 72.50 ? 105 HIS A CG  1 
ATOM 716  N ND1 . HIS A 1 87  ? 12.367  8.604   12.231  1.00 76.29 ? 105 HIS A ND1 1 
ATOM 717  C CD2 . HIS A 1 87  ? 10.576  7.961   11.158  1.00 73.52 ? 105 HIS A CD2 1 
ATOM 718  C CE1 . HIS A 1 87  ? 11.364  9.343   12.677  1.00 81.62 ? 105 HIS A CE1 1 
ATOM 719  N NE2 . HIS A 1 87  ? 10.264  8.968   12.037  1.00 77.85 ? 105 HIS A NE2 1 
ATOM 720  N N   . GLU A 1 88  ? 14.002  4.097   9.699   1.00 45.04 ? 106 GLU A N   1 
ATOM 721  C CA  . GLU A 1 88  ? 15.060  3.354   9.028   1.00 39.92 ? 106 GLU A CA  1 
ATOM 722  C C   . GLU A 1 88  ? 14.574  2.306   8.019   1.00 37.32 ? 106 GLU A C   1 
ATOM 723  O O   . GLU A 1 88  ? 15.164  2.156   6.947   1.00 31.07 ? 106 GLU A O   1 
ATOM 724  C CB  . GLU A 1 88  ? 15.978  2.717   10.066  1.00 38.60 ? 106 GLU A CB  1 
ATOM 725  N N   . TRP A 1 89  ? 13.482  1.607   8.347   1.00 41.88 ? 107 TRP A N   1 
ATOM 726  C CA  . TRP A 1 89  ? 12.937  0.578   7.455   1.00 41.06 ? 107 TRP A CA  1 
ATOM 727  C C   . TRP A 1 89  ? 11.976  1.128   6.395   1.00 33.67 ? 107 TRP A C   1 
ATOM 728  O O   . TRP A 1 89  ? 11.276  0.366   5.723   1.00 38.34 ? 107 TRP A O   1 
ATOM 729  C CB  . TRP A 1 89  ? 12.311  -0.593  8.247   1.00 39.85 ? 107 TRP A CB  1 
ATOM 730  C CG  . TRP A 1 89  ? 13.060  -0.875  9.533   1.00 33.81 ? 107 TRP A CG  1 
ATOM 731  C CD1 . TRP A 1 89  ? 14.411  -0.884  9.701   1.00 21.42 ? 107 TRP A CD1 1 
ATOM 732  C CD2 . TRP A 1 89  ? 12.485  -1.045  10.836  1.00 24.33 ? 107 TRP A CD2 1 
ATOM 733  N NE1 . TRP A 1 89  ? 14.710  -1.023  11.026  1.00 18.83 ? 107 TRP A NE1 1 
ATOM 734  C CE2 . TRP A 1 89  ? 13.556  -1.130  11.747  1.00 9.35  ? 107 TRP A CE2 1 
ATOM 735  C CE3 . TRP A 1 89  ? 11.173  -1.127  11.325  1.00 21.69 ? 107 TRP A CE3 1 
ATOM 736  C CZ2 . TRP A 1 89  ? 13.353  -1.286  13.118  1.00 17.21 ? 107 TRP A CZ2 1 
ATOM 737  C CZ3 . TRP A 1 89  ? 10.972  -1.289  12.705  1.00 18.42 ? 107 TRP A CZ3 1 
ATOM 738  C CH2 . TRP A 1 89  ? 12.056  -1.361  13.578  1.00 10.14 ? 107 TRP A CH2 1 
ATOM 739  N N   . LEU A 1 90  ? 12.000  2.445   6.208   1.00 29.31 ? 108 LEU A N   1 
ATOM 740  C CA  . LEU A 1 90  ? 11.154  3.101   5.231   1.00 21.07 ? 108 LEU A CA  1 
ATOM 741  C C   . LEU A 1 90  ? 11.901  3.726   4.012   1.00 24.53 ? 108 LEU A C   1 
ATOM 742  O O   . LEU A 1 90  ? 11.312  4.448   3.247   1.00 25.59 ? 108 LEU A O   1 
ATOM 743  C CB  . LEU A 1 90  ? 10.232  4.089   5.937   1.00 10.13 ? 108 LEU A CB  1 
ATOM 744  C CG  . LEU A 1 90  ? 9.246   3.420   6.911   1.00 16.93 ? 108 LEU A CG  1 
ATOM 745  C CD1 . LEU A 1 90  ? 8.950   4.286   8.136   1.00 28.10 ? 108 LEU A CD1 1 
ATOM 746  C CD2 . LEU A 1 90  ? 7.927   3.057   6.221   1.00 14.61 ? 108 LEU A CD2 1 
ATOM 747  N N   . ASN A 1 91  ? 13.187  3.438   3.813   1.00 21.82 ? 109 ASN A N   1 
ATOM 748  C CA  . ASN A 1 91  ? 13.905  3.935   2.628   1.00 14.10 ? 109 ASN A CA  1 
ATOM 749  C C   . ASN A 1 91  ? 13.683  2.791   1.667   1.00 25.16 ? 109 ASN A C   1 
ATOM 750  O O   . ASN A 1 91  ? 14.290  1.725   1.806   1.00 39.36 ? 109 ASN A O   1 
ATOM 751  C CB  . ASN A 1 91  ? 15.394  4.025   2.893   1.00 42.76 ? 109 ASN A CB  1 
ATOM 752  C CG  . ASN A 1 91  ? 16.222  4.124   1.618   1.00 56.92 ? 109 ASN A CG  1 
ATOM 753  O OD1 . ASN A 1 91  ? 16.780  3.139   1.120   1.00 70.44 ? 109 ASN A OD1 1 
ATOM 754  N ND2 . ASN A 1 91  ? 16.347  5.333   1.114   1.00 80.65 ? 109 ASN A ND2 1 
ATOM 755  N N   . TRP A 1 92  ? 12.816  3.006   0.701   1.00 25.49 ? 110 TRP A N   1 
ATOM 756  C CA  . TRP A 1 92  ? 12.448  1.975   -0.248  1.00 18.70 ? 110 TRP A CA  1 
ATOM 757  C C   . TRP A 1 92  ? 12.769  2.359   -1.672  1.00 27.65 ? 110 TRP A C   1 
ATOM 758  O O   . TRP A 1 92  ? 12.512  3.494   -2.091  1.00 40.20 ? 110 TRP A O   1 
ATOM 759  C CB  . TRP A 1 92  ? 10.937  1.796   -0.185  1.00 19.29 ? 110 TRP A CB  1 
ATOM 760  C CG  . TRP A 1 92  ? 10.427  1.083   1.000   1.00 7.52  ? 110 TRP A CG  1 
ATOM 761  C CD1 . TRP A 1 92  ? 10.844  1.207   2.283   1.00 3.90  ? 110 TRP A CD1 1 
ATOM 762  C CD2 . TRP A 1 92  ? 9.376   0.115   1.000   1.00 3.03  ? 110 TRP A CD2 1 
ATOM 763  N NE1 . TRP A 1 92  ? 10.113  0.376   3.094   1.00 20.96 ? 110 TRP A NE1 1 
ATOM 764  C CE2 . TRP A 1 92  ? 9.203   -0.302  2.328   1.00 16.39 ? 110 TRP A CE2 1 
ATOM 765  C CE3 . TRP A 1 92  ? 8.559   -0.438  0.002   1.00 17.79 ? 110 TRP A CE3 1 
ATOM 766  C CZ2 . TRP A 1 92  ? 8.252   -1.243  2.674   1.00 22.88 ? 110 TRP A CZ2 1 
ATOM 767  C CZ3 . TRP A 1 92  ? 7.619   -1.368  0.351   1.00 20.42 ? 110 TRP A CZ3 1 
ATOM 768  C CH2 . TRP A 1 92  ? 7.467   -1.766  1.678   1.00 21.56 ? 110 TRP A CH2 1 
ATOM 769  N N   . PRO A 1 93  ? 13.185  1.384   -2.487  1.00 28.29 ? 111 PRO A N   1 
ATOM 770  C CA  . PRO A 1 93  ? 13.498  1.699   -3.890  1.00 34.82 ? 111 PRO A CA  1 
ATOM 771  C C   . PRO A 1 93  ? 12.274  2.255   -4.684  1.00 38.17 ? 111 PRO A C   1 
ATOM 772  O O   . PRO A 1 93  ? 11.252  1.587   -4.869  1.00 37.34 ? 111 PRO A O   1 
ATOM 773  C CB  . PRO A 1 93  ? 13.972  0.355   -4.445  1.00 27.96 ? 111 PRO A CB  1 
ATOM 774  C CG  . PRO A 1 93  ? 14.594  -0.322  -3.220  1.00 37.62 ? 111 PRO A CG  1 
ATOM 775  C CD  . PRO A 1 93  ? 13.597  0.015   -2.134  1.00 22.40 ? 111 PRO A CD  1 
ATOM 776  N N   . SER A 1 94  ? 12.409  3.483   -5.166  1.00 43.59 ? 112 SER A N   1 
ATOM 777  C CA  . SER A 1 94  ? 11.366  4.162   -5.929  1.00 44.73 ? 112 SER A CA  1 
ATOM 778  C C   . SER A 1 94  ? 11.164  3.592   -7.318  1.00 34.75 ? 112 SER A C   1 
ATOM 779  O O   . SER A 1 94  ? 11.720  2.559   -7.644  1.00 36.19 ? 112 SER A O   1 
ATOM 780  C CB  . SER A 1 94  ? 11.753  5.633   -6.055  1.00 48.51 ? 112 SER A CB  1 
ATOM 781  O OG  . SER A 1 94  ? 13.061  5.770   -6.597  1.00 59.37 ? 112 SER A OG  1 
ATOM 782  N N   . ILE A 1 95  ? 10.329  4.272   -8.107  1.00 39.65 ? 113 ILE A N   1 
ATOM 783  C CA  . ILE A 1 95  ? 10.047  3.927   -9.507  1.00 38.58 ? 113 ILE A CA  1 
ATOM 784  C C   . ILE A 1 95  ? 10.133  5.276   -10.245 1.00 43.03 ? 113 ILE A C   1 
ATOM 785  O O   . ILE A 1 95  ? 10.634  5.360   -11.380 1.00 35.85 ? 113 ILE A O   1 
ATOM 786  C CB  . ILE A 1 95  ? 8.598   3.297   -9.751  1.00 32.12 ? 113 ILE A CB  1 
ATOM 787  C CG1 . ILE A 1 95  ? 7.503   4.065   -9.005  1.00 36.73 ? 113 ILE A CG1 1 
ATOM 788  C CG2 . ILE A 1 95  ? 8.550   1.836   -9.374  1.00 34.91 ? 113 ILE A CG2 1 
ATOM 789  C CD1 . ILE A 1 95  ? 6.102   3.429   -9.156  1.00 24.66 ? 113 ILE A CD1 1 
ATOM 790  N N   . PHE A 1 96  ? 9.691   6.324   -9.544  1.00 36.29 ? 114 PHE A N   1 
ATOM 791  C CA  . PHE A 1 96  ? 9.668   7.695   -10.029 1.00 40.04 ? 114 PHE A CA  1 
ATOM 792  C C   . PHE A 1 96  ? 9.362   8.581   -8.835  1.00 34.92 ? 114 PHE A C   1 
ATOM 793  O O   . PHE A 1 96  ? 8.430   8.297   -8.089  1.00 35.13 ? 114 PHE A O   1 
ATOM 794  C CB  . PHE A 1 96  ? 8.654   7.925   -11.174 1.00 41.35 ? 114 PHE A CB  1 
ATOM 795  C CG  . PHE A 1 96  ? 7.302   7.262   -10.993 1.00 38.86 ? 114 PHE A CG  1 
ATOM 796  C CD1 . PHE A 1 96  ? 6.714   7.118   -9.740  1.00 33.20 ? 114 PHE A CD1 1 
ATOM 797  C CD2 . PHE A 1 96  ? 6.612   6.795   -12.107 1.00 43.87 ? 114 PHE A CD2 1 
ATOM 798  C CE1 . PHE A 1 96  ? 5.487   6.525   -9.602  1.00 24.92 ? 114 PHE A CE1 1 
ATOM 799  C CE2 . PHE A 1 96  ? 5.389   6.204   -11.974 1.00 33.23 ? 114 PHE A CE2 1 
ATOM 800  C CZ  . PHE A 1 96  ? 4.827   6.068   -10.715 1.00 31.86 ? 114 PHE A CZ  1 
ATOM 801  N N   . ALA A 1 97  ? 10.155  9.629   -8.636  1.00 33.08 ? 115 ALA A N   1 
ATOM 802  C CA  . ALA A 1 97  ? 9.995   10.488  -7.464  1.00 33.04 ? 115 ALA A CA  1 
ATOM 803  C C   . ALA A 1 97  ? 10.247  9.550   -6.273  1.00 27.84 ? 115 ALA A C   1 
ATOM 804  O O   . ALA A 1 97  ? 10.948  8.568   -6.468  1.00 38.00 ? 115 ALA A O   1 
ATOM 805  C CB  . ALA A 1 97  ? 8.621   11.116  -7.416  1.00 46.24 ? 115 ALA A CB  1 
ATOM 806  N N   . ASN A 1 98  ? 9.705   9.784   -5.075  1.00 21.10 ? 116 ASN A N   1 
ATOM 807  C CA  . ASN A 1 98  ? 10.018  8.875   -3.947  1.00 28.72 ? 116 ASN A CA  1 
ATOM 808  C C   . ASN A 1 98  ? 8.871   7.955   -3.517  1.00 35.44 ? 116 ASN A C   1 
ATOM 809  O O   . ASN A 1 98  ? 8.487   7.874   -2.346  1.00 34.57 ? 116 ASN A O   1 
ATOM 810  C CB  . ASN A 1 98  ? 10.604  9.649   -2.751  1.00 26.55 ? 116 ASN A CB  1 
ATOM 811  C CG  . ASN A 1 98  ? 11.859  8.994   -2.172  1.00 45.79 ? 116 ASN A CG  1 
ATOM 812  O OD1 . ASN A 1 98  ? 12.078  9.030   -0.964  1.00 48.87 ? 116 ASN A OD1 1 
ATOM 813  N ND2 . ASN A 1 98  ? 12.707  8.423   -3.042  1.00 61.51 ? 116 ASN A ND2 1 
ATOM 814  N N   . THR A 1 99  ? 8.293   7.306   -4.516  1.00 40.50 ? 117 THR A N   1 
ATOM 815  C CA  . THR A 1 99  ? 7.192   6.372   -4.345  1.00 34.54 ? 117 THR A CA  1 
ATOM 816  C C   . THR A 1 99  ? 7.860   5.005   -4.251  1.00 39.15 ? 117 THR A C   1 
ATOM 817  O O   . THR A 1 99  ? 8.343   4.471   -5.249  1.00 30.99 ? 117 THR A O   1 
ATOM 818  C CB  . THR A 1 99  ? 6.271   6.458   -5.575  1.00 31.67 ? 117 THR A CB  1 
ATOM 819  O OG1 . THR A 1 99  ? 5.631   7.747   -5.593  1.00 27.66 ? 117 THR A OG1 1 
ATOM 820  C CG2 . THR A 1 99  ? 5.221   5.360   -5.565  1.00 46.41 ? 117 THR A CG2 1 
ATOM 821  N N   . GLY A 1 100 ? 7.953   4.495   -3.033  1.00 46.29 ? 118 GLY A N   1 
ATOM 822  C CA  . GLY A 1 100 ? 8.606   3.216   -2.792  1.00 45.33 ? 118 GLY A CA  1 
ATOM 823  C C   . GLY A 1 100 ? 8.071   1.990   -3.512  1.00 34.33 ? 118 GLY A C   1 
ATOM 824  O O   . GLY A 1 100 ? 6.901   1.926   -3.883  1.00 42.77 ? 118 GLY A O   1 
ATOM 825  N N   . PHE A 1 101 ? 8.926   0.993   -3.637  1.00 18.76 ? 119 PHE A N   1 
ATOM 826  C CA  . PHE A 1 101 ? 8.554   -0.222  -4.308  1.00 16.52 ? 119 PHE A CA  1 
ATOM 827  C C   . PHE A 1 101 ? 9.088   -1.501  -3.675  1.00 24.59 ? 119 PHE A C   1 
ATOM 828  O O   . PHE A 1 101 ? 10.231  -1.575  -3.237  1.00 26.17 ? 119 PHE A O   1 
ATOM 829  C CB  . PHE A 1 101 ? 8.963   -0.182  -5.770  1.00 16.74 ? 119 PHE A CB  1 
ATOM 830  C CG  . PHE A 1 101 ? 8.451   -1.350  -6.560  1.00 23.33 ? 119 PHE A CG  1 
ATOM 831  C CD1 . PHE A 1 101 ? 9.114   -2.558  -6.564  1.00 24.57 ? 119 PHE A CD1 1 
ATOM 832  C CD2 . PHE A 1 101 ? 7.282   -1.244  -7.265  1.00 12.46 ? 119 PHE A CD2 1 
ATOM 833  C CE1 . PHE A 1 101 ? 8.597   -3.618  -7.252  1.00 31.38 ? 119 PHE A CE1 1 
ATOM 834  C CE2 . PHE A 1 101 ? 6.787   -2.291  -7.937  1.00 23.63 ? 119 PHE A CE2 1 
ATOM 835  C CZ  . PHE A 1 101 ? 7.436   -3.479  -7.930  1.00 30.41 ? 119 PHE A CZ  1 
ATOM 836  N N   . PHE A 1 102 ? 8.238   -2.514  -3.669  1.00 31.48 ? 120 PHE A N   1 
ATOM 837  C CA  . PHE A 1 102 ? 8.527   -3.843  -3.129  1.00 27.25 ? 120 PHE A CA  1 
ATOM 838  C C   . PHE A 1 102 ? 7.858   -4.783  -4.136  1.00 33.62 ? 120 PHE A C   1 
ATOM 839  O O   . PHE A 1 102 ? 7.124   -4.348  -5.032  1.00 38.39 ? 120 PHE A O   1 
ATOM 840  C CB  . PHE A 1 102 ? 7.882   -3.985  -1.765  1.00 29.91 ? 120 PHE A CB  1 
ATOM 841  C CG  . PHE A 1 102 ? 8.415   -5.129  -0.937  1.00 22.04 ? 120 PHE A CG  1 
ATOM 842  C CD1 . PHE A 1 102 ? 9.563   -5.825  -1.314  1.00 19.93 ? 120 PHE A CD1 1 
ATOM 843  C CD2 . PHE A 1 102 ? 7.772   -5.488  0.246   1.00 15.05 ? 120 PHE A CD2 1 
ATOM 844  C CE1 . PHE A 1 102 ? 10.046  -6.869  -0.536  1.00 25.21 ? 120 PHE A CE1 1 
ATOM 845  C CE2 . PHE A 1 102 ? 8.234   -6.530  1.044   1.00 19.09 ? 120 PHE A CE2 1 
ATOM 846  C CZ  . PHE A 1 102 ? 9.385   -7.221  0.656   1.00 30.73 ? 120 PHE A CZ  1 
ATOM 847  N N   . ARG A 1 103 ? 8.097   -6.071  -3.979  1.00 35.33 ? 121 ARG A N   1 
ATOM 848  C CA  . ARG A 1 103 ? 7.568   -7.092  -4.886  1.00 33.70 ? 121 ARG A CA  1 
ATOM 849  C C   . ARG A 1 103 ? 8.336   -8.320  -4.472  1.00 27.19 ? 121 ARG A C   1 
ATOM 850  O O   . ARG A 1 103 ? 9.391   -8.593  -5.012  1.00 40.08 ? 121 ARG A O   1 
ATOM 851  C CB  . ARG A 1 103 ? 7.907   -6.728  -6.337  1.00 32.28 ? 121 ARG A CB  1 
ATOM 852  C CG  . ARG A 1 103 ? 7.333   -7.652  -7.416  1.00 44.22 ? 121 ARG A CG  1 
ATOM 853  C CD  . ARG A 1 103 ? 7.351   -6.877  -8.747  1.00 38.84 ? 121 ARG A CD  1 
ATOM 854  N NE  . ARG A 1 103 ? 6.711   -7.531  -9.886  1.00 48.94 ? 121 ARG A NE  1 
ATOM 855  C CZ  . ARG A 1 103 ? 5.513   -8.110  -9.866  1.00 62.62 ? 121 ARG A CZ  1 
ATOM 856  N NH1 . ARG A 1 103 ? 4.788   -8.135  -8.752  1.00 66.29 ? 121 ARG A NH1 1 
ATOM 857  N NH2 . ARG A 1 103 ? 5.040   -8.683  -10.966 1.00 59.17 ? 121 ARG A NH2 1 
ATOM 858  N N   . PRO A 1 104 ? 7.863   -9.021  -3.459  1.00 32.36 ? 122 PRO A N   1 
ATOM 859  C CA  . PRO A 1 104 ? 8.524   -10.219 -2.949  1.00 39.34 ? 122 PRO A CA  1 
ATOM 860  C C   . PRO A 1 104 ? 8.888   -11.284 -3.980  1.00 58.36 ? 122 PRO A C   1 
ATOM 861  O O   . PRO A 1 104 ? 8.433   -11.251 -5.140  1.00 64.59 ? 122 PRO A O   1 
ATOM 862  C CB  . PRO A 1 104 ? 7.486   -10.772 -1.979  1.00 25.24 ? 122 PRO A CB  1 
ATOM 863  C CG  . PRO A 1 104 ? 6.674   -9.561  -1.551  1.00 25.66 ? 122 PRO A CG  1 
ATOM 864  C CD  . PRO A 1 104 ? 6.544   -8.794  -2.815  1.00 35.43 ? 122 PRO A CD  1 
ATOM 865  N N   . ASP A 1 105 ? 9.717   -12.233 -3.545  1.00 75.28 ? 123 ASP A N   1 
ATOM 866  C CA  . ASP A 1 105 ? 10.090  -13.390 -4.342  1.00 80.78 ? 123 ASP A CA  1 
ATOM 867  C C   . ASP A 1 105 ? 8.922   -14.383 -4.140  1.00 84.73 ? 123 ASP A C   1 
ATOM 868  O O   . ASP A 1 105 ? 8.333   -14.378 -3.055  1.00 88.84 ? 123 ASP A O   1 
ATOM 869  C CB  . ASP A 1 105 ? 11.373  -14.018 -3.797  1.00 86.00 ? 123 ASP A CB  1 
ATOM 870  N N   . GLU A 1 106 ? 8.662   -15.218 -5.123  1.00 76.04 ? 124 GLU A N   1 
ATOM 871  C CA  . GLU A 1 106 ? 7.567   -16.205 -5.076  1.00 60.75 ? 124 GLU A CA  1 
ATOM 872  C C   . GLU A 1 106 ? 7.198   -16.726 -3.675  1.00 54.85 ? 124 GLU A C   1 
ATOM 873  O O   . GLU A 1 106 ? 6.018   -16.693 -3.293  1.00 62.40 ? 124 GLU A O   1 
ATOM 874  C CB  . GLU A 1 106 ? 7.865   -17.386 -6.017  1.00 57.03 ? 124 GLU A CB  1 
ATOM 875  N N   . ALA A 1 107 ? 8.197   -17.149 -2.907  1.00 42.85 ? 125 ALA A N   1 
ATOM 876  C CA  . ALA A 1 107 ? 7.993   -17.696 -1.557  1.00 37.05 ? 125 ALA A CA  1 
ATOM 877  C C   . ALA A 1 107 ? 7.570   -16.710 -0.496  1.00 46.66 ? 125 ALA A C   1 
ATOM 878  O O   . ALA A 1 107 ? 6.798   -17.056 0.399   1.00 51.46 ? 125 ALA A O   1 
ATOM 879  C CB  . ALA A 1 107 ? 9.290   -18.320 -1.122  1.00 36.88 ? 125 ALA A CB  1 
ATOM 880  N N   . HIS A 1 108 ? 8.120   -15.501 -0.544  1.00 53.30 ? 126 HIS A N   1 
ATOM 881  C CA  . HIS A 1 108 ? 7.818   -14.477 0.448   1.00 55.88 ? 126 HIS A CA  1 
ATOM 882  C C   . HIS A 1 108 ? 6.471   -13.786 0.258   1.00 59.16 ? 126 HIS A C   1 
ATOM 883  O O   . HIS A 1 108 ? 5.833   -13.362 1.216   1.00 64.80 ? 126 HIS A O   1 
ATOM 884  C CB  . HIS A 1 108 ? 8.909   -13.417 0.419   1.00 67.72 ? 126 HIS A CB  1 
ATOM 885  C CG  . HIS A 1 108 ? 10.176  -13.829 1.103   1.00 84.48 ? 126 HIS A CG  1 
ATOM 886  N ND1 . HIS A 1 108 ? 11.003  -14.817 0.609   1.00 75.67 ? 126 HIS A ND1 1 
ATOM 887  C CD2 . HIS A 1 108 ? 10.750  -13.390 2.247   1.00 92.28 ? 126 HIS A CD2 1 
ATOM 888  C CE1 . HIS A 1 108 ? 12.037  -14.962 1.421   1.00 85.00 ? 126 HIS A CE1 1 
ATOM 889  N NE2 . HIS A 1 108 ? 11.905  -14.107 2.422   1.00 88.80 ? 126 HIS A NE2 1 
ATOM 890  N N   . GLN A 1 109 ? 6.049   -13.708 -0.995  1.00 55.52 ? 127 GLN A N   1 
ATOM 891  C CA  . GLN A 1 109 ? 4.826   -13.014 -1.351  1.00 49.17 ? 127 GLN A CA  1 
ATOM 892  C C   . GLN A 1 109 ? 3.553   -13.373 -0.528  1.00 47.98 ? 127 GLN A C   1 
ATOM 893  O O   . GLN A 1 109 ? 3.036   -12.503 0.172   1.00 38.42 ? 127 GLN A O   1 
ATOM 894  C CB  . GLN A 1 109 ? 4.573   -13.113 -2.887  1.00 41.96 ? 127 GLN A CB  1 
ATOM 895  N N   . PRO A 1 110 ? 3.089   -14.654 -0.547  1.00 51.36 ? 128 PRO A N   1 
ATOM 896  C CA  . PRO A 1 110 ? 1.882   -15.047 0.200   1.00 44.89 ? 128 PRO A CA  1 
ATOM 897  C C   . PRO A 1 110 ? 1.859   -14.542 1.619   1.00 34.63 ? 128 PRO A C   1 
ATOM 898  O O   . PRO A 1 110 ? 0.923   -13.892 2.016   1.00 35.52 ? 128 PRO A O   1 
ATOM 899  C CB  . PRO A 1 110 ? 1.870   -16.560 0.069   1.00 41.22 ? 128 PRO A CB  1 
ATOM 900  C CG  . PRO A 1 110 ? 3.295   -16.915 -0.116  1.00 40.82 ? 128 PRO A CG  1 
ATOM 901  C CD  . PRO A 1 110 ? 3.759   -15.851 -1.082  1.00 41.67 ? 128 PRO A CD  1 
ATOM 902  N N   . HIS A 1 111 ? 2.924   -14.794 2.361   1.00 43.47 ? 129 HIS A N   1 
ATOM 903  C CA  . HIS A 1 111 ? 3.006   -14.361 3.765   1.00 44.97 ? 129 HIS A CA  1 
ATOM 904  C C   . HIS A 1 111 ? 2.970   -12.848 3.888   1.00 42.27 ? 129 HIS A C   1 
ATOM 905  O O   . HIS A 1 111 ? 2.503   -12.354 4.896   1.00 46.38 ? 129 HIS A O   1 
ATOM 906  C CB  . HIS A 1 111 ? 4.293   -14.914 4.412   1.00 54.08 ? 129 HIS A CB  1 
ATOM 907  C CG  . HIS A 1 111 ? 4.583   -14.389 5.784   1.00 75.45 ? 129 HIS A CG  1 
ATOM 908  N ND1 . HIS A 1 111 ? 3.694   -14.490 6.833   1.00 79.85 ? 129 HIS A ND1 1 
ATOM 909  C CD2 . HIS A 1 111 ? 5.701   -13.814 6.289   1.00 79.65 ? 129 HIS A CD2 1 
ATOM 910  C CE1 . HIS A 1 111 ? 4.259   -14.008 7.930   1.00 81.19 ? 129 HIS A CE1 1 
ATOM 911  N NE2 . HIS A 1 111 ? 5.477   -13.596 7.623   1.00 78.89 ? 129 HIS A NE2 1 
ATOM 912  N N   . PHE A 1 112 ? 3.470   -12.122 2.886   1.00 36.98 ? 130 PHE A N   1 
ATOM 913  C CA  . PHE A 1 112 ? 3.462   -10.673 2.915   1.00 35.39 ? 130 PHE A CA  1 
ATOM 914  C C   . PHE A 1 112 ? 2.064   -10.119 2.656   1.00 44.10 ? 130 PHE A C   1 
ATOM 915  O O   . PHE A 1 112 ? 1.634   -9.192  3.347   1.00 48.69 ? 130 PHE A O   1 
ATOM 916  C CB  . PHE A 1 112 ? 4.454   -10.108 1.916   1.00 26.86 ? 130 PHE A CB  1 
ATOM 917  C CG  . PHE A 1 112 ? 5.774   -9.724  2.523   1.00 24.65 ? 130 PHE A CG  1 
ATOM 918  C CD1 . PHE A 1 112 ? 5.824   -9.047  3.731   1.00 16.33 ? 130 PHE A CD1 1 
ATOM 919  C CD2 . PHE A 1 112 ? 6.975   -10.025 1.880   1.00 34.61 ? 130 PHE A CD2 1 
ATOM 920  C CE1 . PHE A 1 112 ? 7.044   -8.666  4.299   1.00 25.84 ? 130 PHE A CE1 1 
ATOM 921  C CE2 . PHE A 1 112 ? 8.208   -9.649  2.431   1.00 26.77 ? 130 PHE A CE2 1 
ATOM 922  C CZ  . PHE A 1 112 ? 8.234   -8.963  3.656   1.00 30.33 ? 130 PHE A CZ  1 
ATOM 923  N N   . SER A 1 113 ? 1.347   -10.651 1.662   1.00 51.49 ? 131 SER A N   1 
ATOM 924  C CA  . SER A 1 113 ? -0.028  -10.180 1.395   1.00 49.63 ? 131 SER A CA  1 
ATOM 925  C C   . SER A 1 113 ? -0.919  -10.712 2.532   1.00 44.16 ? 131 SER A C   1 
ATOM 926  O O   . SER A 1 113 ? -2.022  -10.221 2.774   1.00 39.54 ? 131 SER A O   1 
ATOM 927  C CB  . SER A 1 113 ? -0.536  -10.704 0.029   1.00 49.54 ? 131 SER A CB  1 
ATOM 928  O OG  . SER A 1 113 ? 0.238   -10.229 -1.069  1.00 34.31 ? 131 SER A OG  1 
ATOM 929  N N   . ASP A 1 114 ? -0.396  -11.716 3.236   1.00 44.06 ? 132 ASP A N   1 
ATOM 930  C CA  . ASP A 1 114 ? -1.073  -12.371 4.340   1.00 44.75 ? 132 ASP A CA  1 
ATOM 931  C C   . ASP A 1 114 ? -0.807  -11.584 5.604   1.00 49.31 ? 132 ASP A C   1 
ATOM 932  O O   . ASP A 1 114 ? -1.709  -11.407 6.437   1.00 52.66 ? 132 ASP A O   1 
ATOM 933  C CB  . ASP A 1 114 ? -0.518  -13.780 4.479   1.00 57.98 ? 132 ASP A CB  1 
ATOM 934  C CG  . ASP A 1 114 ? -1.280  -14.640 5.471   1.00 75.60 ? 132 ASP A CG  1 
ATOM 935  O OD1 . ASP A 1 114 ? -2.355  -14.226 5.978   1.00 81.18 ? 132 ASP A OD1 1 
ATOM 936  O OD2 . ASP A 1 114 ? -0.795  -15.764 5.734   1.00 87.95 ? 132 ASP A OD2 1 
ATOM 937  N N   . LEU A 1 115 ? 0.439   -11.156 5.781   1.00 41.96 ? 133 LEU A N   1 
ATOM 938  C CA  . LEU A 1 115 ? 0.795   -10.368 6.955   1.00 33.04 ? 133 LEU A CA  1 
ATOM 939  C C   . LEU A 1 115 ? 0.196   -8.956  6.755   1.00 29.96 ? 133 LEU A C   1 
ATOM 940  O O   . LEU A 1 115 ? -0.325  -8.335  7.692   1.00 24.93 ? 133 LEU A O   1 
ATOM 941  C CB  . LEU A 1 115 ? 2.313   -10.330 7.148   1.00 22.45 ? 133 LEU A CB  1 
ATOM 942  C CG  . LEU A 1 115 ? 2.731   -9.862  8.536   1.00 13.77 ? 133 LEU A CG  1 
ATOM 943  C CD1 . LEU A 1 115 ? 3.240   -8.510  8.504   1.00 20.33 ? 133 LEU A CD1 1 
ATOM 944  C CD2 . LEU A 1 115 ? 1.589   -9.890  9.463   1.00 9.69  ? 133 LEU A CD2 1 
ATOM 945  N N   . PHE A 1 116 ? 0.234   -8.459  5.525   1.00 11.51 ? 134 PHE A N   1 
ATOM 946  C CA  . PHE A 1 116 ? -0.365  -7.150  5.243   1.00 22.47 ? 134 PHE A CA  1 
ATOM 947  C C   . PHE A 1 116 ? -1.863  -7.238  5.536   1.00 20.50 ? 134 PHE A C   1 
ATOM 948  O O   . PHE A 1 116 ? -2.416  -6.379  6.201   1.00 31.57 ? 134 PHE A O   1 
ATOM 949  C CB  . PHE A 1 116 ? -0.210  -6.770  3.788   1.00 18.30 ? 134 PHE A CB  1 
ATOM 950  C CG  . PHE A 1 116 ? -0.430  -5.308  3.530   1.00 17.06 ? 134 PHE A CG  1 
ATOM 951  C CD1 . PHE A 1 116 ? -1.693  -4.813  3.289   1.00 10.51 ? 134 PHE A CD1 1 
ATOM 952  C CD2 . PHE A 1 116 ? 0.638   -4.430  3.525   1.00 14.10 ? 134 PHE A CD2 1 
ATOM 953  C CE1 . PHE A 1 116 ? -1.881  -3.481  3.049   1.00 19.59 ? 134 PHE A CE1 1 
ATOM 954  C CE2 . PHE A 1 116 ? 0.434   -3.113  3.287   1.00 22.54 ? 134 PHE A CE2 1 
ATOM 955  C CZ  . PHE A 1 116 ? -0.831  -2.642  3.046   1.00 8.30  ? 134 PHE A CZ  1 
ATOM 956  N N   . GLY A 1 117 ? -2.512  -8.250  4.985   1.00 26.41 ? 135 GLY A N   1 
ATOM 957  C CA  . GLY A 1 117 ? -3.929  -8.437  5.203   1.00 31.05 ? 135 GLY A CA  1 
ATOM 958  C C   . GLY A 1 117 ? -4.268  -8.423  6.674   1.00 31.70 ? 135 GLY A C   1 
ATOM 959  O O   . GLY A 1 117 ? -5.234  -7.777  7.056   1.00 39.08 ? 135 GLY A O   1 
ATOM 960  N N   . GLN A 1 118 ? -3.449  -9.071  7.497   1.00 31.15 ? 136 GLN A N   1 
ATOM 961  C CA  . GLN A 1 118 ? -3.673  -9.106  8.930   1.00 26.01 ? 136 GLN A CA  1 
ATOM 962  C C   . GLN A 1 118 ? -3.729  -7.713  9.538   1.00 23.54 ? 136 GLN A C   1 
ATOM 963  O O   . GLN A 1 118 ? -4.425  -7.493  10.530  1.00 24.87 ? 136 GLN A O   1 
ATOM 964  C CB  . GLN A 1 118 ? -2.592  -9.922  9.601   1.00 30.85 ? 136 GLN A CB  1 
ATOM 965  C CG  . GLN A 1 118 ? -2.720  -11.404 9.340   1.00 31.72 ? 136 GLN A CG  1 
ATOM 966  C CD  . GLN A 1 118 ? -1.913  -12.203 10.320  1.00 33.13 ? 136 GLN A CD  1 
ATOM 967  O OE1 . GLN A 1 118 ? -2.345  -12.462 11.444  1.00 41.59 ? 136 GLN A OE1 1 
ATOM 968  N NE2 . GLN A 1 118 ? -0.693  -12.523 9.938   1.00 41.90 ? 136 GLN A NE2 1 
ATOM 969  N N   . ILE A 1 119 ? -2.984  -6.782  8.949   1.00 23.24 ? 137 ILE A N   1 
ATOM 970  C CA  . ILE A 1 119 ? -2.961  -5.410  9.421   1.00 19.55 ? 137 ILE A CA  1 
ATOM 971  C C   . ILE A 1 119 ? -4.325  -4.824  9.207   1.00 25.62 ? 137 ILE A C   1 
ATOM 972  O O   . ILE A 1 119 ? -4.922  -4.391  10.187  1.00 28.27 ? 137 ILE A O   1 
ATOM 973  C CB  . ILE A 1 119 ? -1.959  -4.541  8.669   1.00 19.08 ? 137 ILE A CB  1 
ATOM 974  C CG1 . ILE A 1 119 ? -0.527  -5.025  8.921   1.00 5.48  ? 137 ILE A CG1 1 
ATOM 975  C CG2 . ILE A 1 119 ? -2.058  -3.132  9.175   1.00 21.81 ? 137 ILE A CG2 1 
ATOM 976  C CD1 . ILE A 1 119 ? 0.463   -4.647  7.766   1.00 2.00  ? 137 ILE A CD1 1 
ATOM 977  N N   . ILE A 1 120 ? -4.774  -4.760  7.937   1.00 26.66 ? 138 ILE A N   1 
ATOM 978  C CA  . ILE A 1 120 ? -6.111  -4.227  7.561   1.00 23.08 ? 138 ILE A CA  1 
ATOM 979  C C   . ILE A 1 120 ? -7.167  -4.641  8.615   1.00 31.22 ? 138 ILE A C   1 
ATOM 980  O O   . ILE A 1 120 ? -7.669  -3.794  9.352   1.00 43.12 ? 138 ILE A O   1 
ATOM 981  C CB  . ILE A 1 120 ? -6.639  -4.816  6.224   1.00 23.85 ? 138 ILE A CB  1 
ATOM 982  C CG1 . ILE A 1 120 ? -5.646  -4.606  5.061   1.00 13.23 ? 138 ILE A CG1 1 
ATOM 983  C CG2 . ILE A 1 120 ? -8.017  -4.234  5.943   1.00 2.00  ? 138 ILE A CG2 1 
ATOM 984  C CD1 . ILE A 1 120 ? -5.394  -3.153  4.714   1.00 25.96 ? 138 ILE A CD1 1 
ATOM 985  N N   . ASN A 1 121 ? -7.429  -5.950  8.734   1.00 29.87 ? 139 ASN A N   1 
ATOM 986  C CA  . ASN A 1 121 ? -8.398  -6.492  9.701   1.00 32.71 ? 139 ASN A CA  1 
ATOM 987  C C   . ASN A 1 121 ? -8.182  -5.861  11.084  1.00 31.00 ? 139 ASN A C   1 
ATOM 988  O O   . ASN A 1 121 ? -9.021  -5.107  11.540  1.00 43.11 ? 139 ASN A O   1 
ATOM 989  C CB  . ASN A 1 121 ? -8.295  -8.051  9.773   1.00 36.73 ? 139 ASN A CB  1 
ATOM 990  N N   . ALA A 1 122 ? -7.038  -6.106  11.706  1.00 28.76 ? 140 ALA A N   1 
ATOM 991  C CA  . ALA A 1 122 ? -6.710  -5.548  13.010  1.00 27.36 ? 140 ALA A CA  1 
ATOM 992  C C   . ALA A 1 122 ? -7.194  -4.089  13.129  1.00 24.52 ? 140 ALA A C   1 
ATOM 993  O O   . ALA A 1 122 ? -7.993  -3.717  14.005  1.00 24.52 ? 140 ALA A O   1 
ATOM 994  C CB  . ALA A 1 122 ? -5.151  -5.598  13.208  1.00 11.13 ? 140 ALA A CB  1 
ATOM 995  N N   . GLY A 1 123 ? -6.750  -3.296  12.173  1.00 12.39 ? 141 GLY A N   1 
ATOM 996  C CA  . GLY A 1 123 ? -7.047  -1.890  12.163  1.00 19.91 ? 141 GLY A CA  1 
ATOM 997  C C   . GLY A 1 123 ? -8.486  -1.575  11.972  1.00 16.83 ? 141 GLY A C   1 
ATOM 998  O O   . GLY A 1 123 ? -8.950  -0.583  12.486  1.00 37.51 ? 141 GLY A O   1 
ATOM 999  N N   . GLN A 1 124 ? -9.188  -2.376  11.202  1.00 20.32 ? 142 GLN A N   1 
ATOM 1000 C CA  . GLN A 1 124 ? -10.605 -2.135  10.975  1.00 28.92 ? 142 GLN A CA  1 
ATOM 1001 C C   . GLN A 1 124 ? -11.429 -2.915  11.971  1.00 41.16 ? 142 GLN A C   1 
ATOM 1002 O O   . GLN A 1 124 ? -12.617 -3.133  11.712  1.00 53.43 ? 142 GLN A O   1 
ATOM 1003 C CB  . GLN A 1 124 ? -11.013 -2.601  9.592   1.00 25.64 ? 142 GLN A CB  1 
ATOM 1004 C CG  . GLN A 1 124 ? -10.423 -1.746  8.470   1.00 41.75 ? 142 GLN A CG  1 
ATOM 1005 C CD  . GLN A 1 124 ? -11.080 -1.997  7.130   1.00 31.33 ? 142 GLN A CD  1 
ATOM 1006 O OE1 . GLN A 1 124 ? -11.289 -3.139  6.752   1.00 32.42 ? 142 GLN A OE1 1 
ATOM 1007 N NE2 . GLN A 1 124 ? -11.365 -0.931  6.386   1.00 25.45 ? 142 GLN A NE2 1 
ATOM 1008 N N   . GLY A 1 125 ? -10.811 -3.365  13.077  1.00 39.43 ? 143 GLY A N   1 
ATOM 1009 C CA  . GLY A 1 125 ? -11.508 -4.161  14.080  1.00 29.44 ? 143 GLY A CA  1 
ATOM 1010 C C   . GLY A 1 125 ? -12.232 -3.469  15.241  1.00 37.35 ? 143 GLY A C   1 
ATOM 1011 O O   . GLY A 1 125 ? -11.713 -2.562  15.898  1.00 27.50 ? 143 GLY A O   1 
ATOM 1012 N N   . GLU A 1 126 ? -13.455 -3.916  15.509  1.00 47.32 ? 144 GLU A N   1 
ATOM 1013 C CA  . GLU A 1 126 ? -14.250 -3.378  16.619  1.00 48.36 ? 144 GLU A CA  1 
ATOM 1014 C C   . GLU A 1 126 ? -13.641 -3.987  17.874  1.00 48.40 ? 144 GLU A C   1 
ATOM 1015 O O   . GLU A 1 126 ? -14.138 -4.995  18.401  1.00 39.15 ? 144 GLU A O   1 
ATOM 1016 C CB  . GLU A 1 126 ? -15.698 -3.808  16.485  1.00 48.73 ? 144 GLU A CB  1 
ATOM 1017 N N   . GLY A 1 127 ? -12.527 -3.409  18.315  1.00 48.26 ? 145 GLY A N   1 
ATOM 1018 C CA  . GLY A 1 127 ? -11.867 -3.960  19.481  1.00 56.86 ? 145 GLY A CA  1 
ATOM 1019 C C   . GLY A 1 127 ? -11.110 -2.996  20.370  1.00 60.02 ? 145 GLY A C   1 
ATOM 1020 O O   . GLY A 1 127 ? -10.882 -1.830  20.023  1.00 63.17 ? 145 GLY A O   1 
ATOM 1021 N N   . ARG A 1 128 ? -10.710 -3.508  21.532  1.00 60.25 ? 146 ARG A N   1 
ATOM 1022 C CA  . ARG A 1 128 ? -9.986  -2.733  22.535  1.00 55.40 ? 146 ARG A CA  1 
ATOM 1023 C C   . ARG A 1 128 ? -8.608  -2.296  22.078  1.00 54.08 ? 146 ARG A C   1 
ATOM 1024 O O   . ARG A 1 128 ? -8.388  -1.136  21.681  1.00 56.33 ? 146 ARG A O   1 
ATOM 1025 C CB  . ARG A 1 128 ? -9.870  -3.548  23.823  1.00 47.59 ? 146 ARG A CB  1 
ATOM 1026 N N   . TYR A 1 129 ? -7.677  -3.238  22.126  1.00 37.08 ? 147 TYR A N   1 
ATOM 1027 C CA  . TYR A 1 129 ? -6.316  -2.944  21.753  1.00 40.00 ? 147 TYR A CA  1 
ATOM 1028 C C   . TYR A 1 129 ? -5.986  -3.238  20.289  1.00 37.28 ? 147 TYR A C   1 
ATOM 1029 O O   . TYR A 1 129 ? -4.837  -3.072  19.881  1.00 22.37 ? 147 TYR A O   1 
ATOM 1030 C CB  . TYR A 1 129 ? -5.366  -3.693  22.705  1.00 31.16 ? 147 TYR A CB  1 
ATOM 1031 C CG  . TYR A 1 129 ? -5.632  -3.482  24.208  1.00 32.59 ? 147 TYR A CG  1 
ATOM 1032 C CD1 . TYR A 1 129 ? -6.527  -4.293  24.898  1.00 33.46 ? 147 TYR A CD1 1 
ATOM 1033 C CD2 . TYR A 1 129 ? -4.966  -2.491  24.940  1.00 40.44 ? 147 TYR A CD2 1 
ATOM 1034 C CE1 . TYR A 1 129 ? -6.741  -4.129  26.285  1.00 31.21 ? 147 TYR A CE1 1 
ATOM 1035 C CE2 . TYR A 1 129 ? -5.187  -2.319  26.322  1.00 35.85 ? 147 TYR A CE2 1 
ATOM 1036 C CZ  . TYR A 1 129 ? -6.067  -3.138  26.979  1.00 28.64 ? 147 TYR A CZ  1 
ATOM 1037 O OH  . TYR A 1 129 ? -6.228  -2.982  28.330  1.00 34.03 ? 147 TYR A OH  1 
ATOM 1038 N N   . SER A 1 130 ? -7.007  -3.555  19.484  1.00 41.58 ? 148 SER A N   1 
ATOM 1039 C CA  . SER A 1 130 ? -6.805  -3.872  18.074  1.00 47.93 ? 148 SER A CA  1 
ATOM 1040 C C   . SER A 1 130 ? -6.089  -2.806  17.233  1.00 48.96 ? 148 SER A C   1 
ATOM 1041 O O   . SER A 1 130 ? -5.417  -3.156  16.269  1.00 50.17 ? 148 SER A O   1 
ATOM 1042 C CB  . SER A 1 130 ? -8.111  -4.342  17.395  1.00 50.07 ? 148 SER A CB  1 
ATOM 1043 O OG  . SER A 1 130 ? -9.140  -3.399  17.546  1.00 47.29 ? 148 SER A OG  1 
ATOM 1044 N N   . GLU A 1 131 ? -6.160  -1.526  17.628  1.00 44.45 ? 149 GLU A N   1 
ATOM 1045 C CA  . GLU A 1 131 ? -5.476  -0.455  16.865  1.00 43.39 ? 149 GLU A CA  1 
ATOM 1046 C C   . GLU A 1 131 ? -3.959  -0.648  16.937  1.00 30.68 ? 149 GLU A C   1 
ATOM 1047 O O   . GLU A 1 131 ? -3.234  -0.369  15.993  1.00 37.21 ? 149 GLU A O   1 
ATOM 1048 C CB  . GLU A 1 131 ? -5.867  0.952   17.388  1.00 41.17 ? 149 GLU A CB  1 
ATOM 1049 N N   . LEU A 1 132 ? -3.502  -1.096  18.095  1.00 26.55 ? 150 LEU A N   1 
ATOM 1050 C CA  . LEU A 1 132 ? -2.089  -1.351  18.351  1.00 25.19 ? 150 LEU A CA  1 
ATOM 1051 C C   . LEU A 1 132 ? -1.584  -2.587  17.588  1.00 26.61 ? 150 LEU A C   1 
ATOM 1052 O O   . LEU A 1 132 ? -0.446  -2.610  17.131  1.00 29.37 ? 150 LEU A O   1 
ATOM 1053 C CB  . LEU A 1 132 ? -1.914  -1.594  19.856  1.00 19.34 ? 150 LEU A CB  1 
ATOM 1054 C CG  . LEU A 1 132 ? -2.114  -0.409  20.816  1.00 25.30 ? 150 LEU A CG  1 
ATOM 1055 C CD1 . LEU A 1 132 ? -2.304  -0.942  22.188  1.00 9.62  ? 150 LEU A CD1 1 
ATOM 1056 C CD2 . LEU A 1 132 ? -0.926  0.608   20.757  1.00 2.88  ? 150 LEU A CD2 1 
ATOM 1057 N N   . LEU A 1 133 ? -2.374  -3.647  17.540  1.00 19.62 ? 151 LEU A N   1 
ATOM 1058 C CA  . LEU A 1 133 ? -1.938  -4.830  16.842  1.00 15.67 ? 151 LEU A CA  1 
ATOM 1059 C C   . LEU A 1 133 ? -1.710  -4.448  15.384  1.00 24.94 ? 151 LEU A C   1 
ATOM 1060 O O   . LEU A 1 133 ? -0.765  -4.915  14.752  1.00 38.92 ? 151 LEU A O   1 
ATOM 1061 C CB  . LEU A 1 133 ? -2.971  -5.959  16.956  1.00 17.59 ? 151 LEU A CB  1 
ATOM 1062 C CG  . LEU A 1 133 ? -2.427  -7.336  17.325  1.00 20.90 ? 151 LEU A CG  1 
ATOM 1063 C CD1 . LEU A 1 133 ? -3.584  -8.306  17.343  1.00 35.09 ? 151 LEU A CD1 1 
ATOM 1064 C CD2 . LEU A 1 133 ? -1.358  -7.799  16.335  1.00 24.46 ? 151 LEU A CD2 1 
ATOM 1065 N N   . ALA A 1 134 ? -2.541  -3.559  14.865  1.00 20.59 ? 152 ALA A N   1 
ATOM 1066 C CA  . ALA A 1 134 ? -2.401  -3.144  13.487  1.00 21.29 ? 152 ALA A CA  1 
ATOM 1067 C C   . ALA A 1 134 ? -1.068  -2.467  13.369  1.00 27.35 ? 152 ALA A C   1 
ATOM 1068 O O   . ALA A 1 134 ? -0.301  -2.711  12.423  1.00 25.65 ? 152 ALA A O   1 
ATOM 1069 C CB  . ALA A 1 134 ? -3.518  -2.189  13.095  1.00 35.60 ? 152 ALA A CB  1 
ATOM 1070 N N   . ILE A 1 135 ? -0.809  -1.592  14.334  1.00 37.05 ? 153 ILE A N   1 
ATOM 1071 C CA  . ILE A 1 135 ? 0.448   -0.863  14.387  1.00 33.89 ? 153 ILE A CA  1 
ATOM 1072 C C   . ILE A 1 135 ? 1.611   -1.850  14.525  1.00 20.43 ? 153 ILE A C   1 
ATOM 1073 O O   . ILE A 1 135 ? 2.593   -1.724  13.791  1.00 17.47 ? 153 ILE A O   1 
ATOM 1074 C CB  . ILE A 1 135 ? 0.473   0.131   15.582  1.00 32.36 ? 153 ILE A CB  1 
ATOM 1075 C CG1 . ILE A 1 135 ? -0.047  1.513   15.144  1.00 25.64 ? 153 ILE A CG1 1 
ATOM 1076 C CG2 . ILE A 1 135 ? 1.902   0.340   16.058  1.00 47.67 ? 153 ILE A CG2 1 
ATOM 1077 C CD1 . ILE A 1 135 ? 1.045   2.342   14.378  1.00 15.21 ? 153 ILE A CD1 1 
ATOM 1078 N N   . ASN A 1 136 ? 1.421   -2.862  15.386  1.00 20.23 ? 154 ASN A N   1 
ATOM 1079 C CA  . ASN A 1 136 ? 2.391   -3.920  15.706  1.00 19.95 ? 154 ASN A CA  1 
ATOM 1080 C C   . ASN A 1 136 ? 2.667   -4.801  14.541  1.00 31.53 ? 154 ASN A C   1 
ATOM 1081 O O   . ASN A 1 136 ? 3.810   -5.227  14.359  1.00 37.58 ? 154 ASN A O   1 
ATOM 1082 C CB  . ASN A 1 136 ? 1.902   -4.810  16.848  1.00 30.38 ? 154 ASN A CB  1 
ATOM 1083 C CG  . ASN A 1 136 ? 2.728   -6.091  16.993  1.00 38.88 ? 154 ASN A CG  1 
ATOM 1084 O OD1 . ASN A 1 136 ? 2.314   -7.143  16.523  1.00 49.38 ? 154 ASN A OD1 1 
ATOM 1085 N ND2 . ASN A 1 136 ? 3.853   -6.020  17.707  1.00 52.12 ? 154 ASN A ND2 1 
ATOM 1086 N N   . LEU A 1 137 ? 1.618   -5.084  13.761  1.00 37.15 ? 155 LEU A N   1 
ATOM 1087 C CA  . LEU A 1 137 ? 1.734   -5.919  12.579  1.00 26.16 ? 155 LEU A CA  1 
ATOM 1088 C C   . LEU A 1 137 ? 2.355   -5.081  11.476  1.00 31.31 ? 155 LEU A C   1 
ATOM 1089 O O   . LEU A 1 137 ? 3.255   -5.556  10.768  1.00 24.50 ? 155 LEU A O   1 
ATOM 1090 C CB  . LEU A 1 137 ? 0.381   -6.491  12.179  1.00 15.93 ? 155 LEU A CB  1 
ATOM 1091 C CG  . LEU A 1 137 ? -0.138  -7.610  13.117  1.00 24.30 ? 155 LEU A CG  1 
ATOM 1092 C CD1 . LEU A 1 137 ? -1.489  -8.047  12.653  1.00 21.64 ? 155 LEU A CD1 1 
ATOM 1093 C CD2 . LEU A 1 137 ? 0.768   -8.809  13.161  1.00 2.72  ? 155 LEU A CD2 1 
ATOM 1094 N N   . LEU A 1 138 ? 1.958   -3.807  11.404  1.00 36.86 ? 156 LEU A N   1 
ATOM 1095 C CA  . LEU A 1 138 ? 2.541   -2.884  10.416  1.00 30.52 ? 156 LEU A CA  1 
ATOM 1096 C C   . LEU A 1 138 ? 4.077   -2.896  10.674  1.00 26.68 ? 156 LEU A C   1 
ATOM 1097 O O   . LEU A 1 138 ? 4.903   -2.923  9.749   1.00 13.93 ? 156 LEU A O   1 
ATOM 1098 C CB  . LEU A 1 138 ? 1.883   -1.477  10.527  1.00 8.83  ? 156 LEU A CB  1 
ATOM 1099 C CG  . LEU A 1 138 ? 2.646   -0.355  9.845   1.00 11.04 ? 156 LEU A CG  1 
ATOM 1100 C CD1 . LEU A 1 138 ? 3.179   -0.674  8.484   1.00 11.06 ? 156 LEU A CD1 1 
ATOM 1101 C CD2 . LEU A 1 138 ? 1.772   0.798   9.839   1.00 8.40  ? 156 LEU A CD2 1 
ATOM 1102 N N   . GLU A 1 139 ? 4.435   -2.999  11.952  1.00 17.43 ? 157 GLU A N   1 
ATOM 1103 C CA  . GLU A 1 139 ? 5.827   -3.062  12.365  1.00 20.87 ? 157 GLU A CA  1 
ATOM 1104 C C   . GLU A 1 139 ? 6.440   -4.325  11.837  1.00 22.30 ? 157 GLU A C   1 
ATOM 1105 O O   . GLU A 1 139 ? 7.408   -4.270  11.095  1.00 27.45 ? 157 GLU A O   1 
ATOM 1106 C CB  . GLU A 1 139 ? 5.916   -3.044  13.889  1.00 22.38 ? 157 GLU A CB  1 
ATOM 1107 C CG  . GLU A 1 139 ? 7.298   -3.300  14.472  1.00 18.80 ? 157 GLU A CG  1 
ATOM 1108 C CD  . GLU A 1 139 ? 7.543   -2.525  15.756  1.00 24.73 ? 157 GLU A CD  1 
ATOM 1109 O OE1 . GLU A 1 139 ? 6.834   -2.758  16.748  1.00 29.19 ? 157 GLU A OE1 1 
ATOM 1110 O OE2 . GLU A 1 139 ? 8.431   -1.658  15.791  1.00 34.97 ? 157 GLU A OE2 1 
ATOM 1111 N N   . GLN A 1 140 ? 5.892   -5.470  12.254  1.00 34.31 ? 158 GLN A N   1 
ATOM 1112 C CA  . GLN A 1 140 ? 6.380   -6.780  11.814  1.00 23.60 ? 158 GLN A CA  1 
ATOM 1113 C C   . GLN A 1 140 ? 6.574   -6.849  10.293  1.00 27.84 ? 158 GLN A C   1 
ATOM 1114 O O   . GLN A 1 140 ? 7.593   -7.340  9.808   1.00 36.10 ? 158 GLN A O   1 
ATOM 1115 C CB  . GLN A 1 140 ? 5.411   -7.872  12.253  1.00 13.75 ? 158 GLN A CB  1 
ATOM 1116 C CG  . GLN A 1 140 ? 5.733   -9.235  11.663  1.00 15.19 ? 158 GLN A CG  1 
ATOM 1117 C CD  . GLN A 1 140 ? 4.935   -10.370 12.294  1.00 29.52 ? 158 GLN A CD  1 
ATOM 1118 O OE1 . GLN A 1 140 ? 4.903   -11.497 11.772  1.00 31.17 ? 158 GLN A OE1 1 
ATOM 1119 N NE2 . GLN A 1 140 ? 4.338   -10.096 13.451  1.00 29.01 ? 158 GLN A NE2 1 
ATOM 1120 N N   . LEU A 1 141 ? 5.620   -6.299  9.549   1.00 31.19 ? 159 LEU A N   1 
ATOM 1121 C CA  . LEU A 1 141 ? 5.679   -6.305  8.085   1.00 28.04 ? 159 LEU A CA  1 
ATOM 1122 C C   . LEU A 1 141 ? 6.976   -5.698  7.574   1.00 28.73 ? 159 LEU A C   1 
ATOM 1123 O O   . LEU A 1 141 ? 7.682   -6.307  6.782   1.00 18.98 ? 159 LEU A O   1 
ATOM 1124 C CB  . LEU A 1 141 ? 4.497   -5.530  7.464   1.00 25.46 ? 159 LEU A CB  1 
ATOM 1125 C CG  . LEU A 1 141 ? 4.501   -5.689  5.927   1.00 18.63 ? 159 LEU A CG  1 
ATOM 1126 C CD1 . LEU A 1 141 ? 3.987   -7.078  5.618   1.00 23.89 ? 159 LEU A CD1 1 
ATOM 1127 C CD2 . LEU A 1 141 ? 3.678   -4.683  5.205   1.00 20.72 ? 159 LEU A CD2 1 
ATOM 1128 N N   . LEU A 1 142 ? 7.244   -4.467  7.994   1.00 37.81 ? 160 LEU A N   1 
ATOM 1129 C CA  . LEU A 1 142 ? 8.429   -3.749  7.551   1.00 37.73 ? 160 LEU A CA  1 
ATOM 1130 C C   . LEU A 1 142 ? 9.651   -4.565  7.920   1.00 38.87 ? 160 LEU A C   1 
ATOM 1131 O O   . LEU A 1 142 ? 10.503  -4.821  7.065   1.00 44.29 ? 160 LEU A O   1 
ATOM 1132 C CB  . LEU A 1 142 ? 8.516   -2.366  8.209   1.00 47.54 ? 160 LEU A CB  1 
ATOM 1133 C CG  . LEU A 1 142 ? 7.232   -1.540  8.230   1.00 30.82 ? 160 LEU A CG  1 
ATOM 1134 C CD1 . LEU A 1 142 ? 7.486   -0.247  8.831   1.00 12.08 ? 160 LEU A CD1 1 
ATOM 1135 C CD2 . LEU A 1 142 ? 6.716   -1.356  6.856   1.00 36.41 ? 160 LEU A CD2 1 
ATOM 1136 N N   . LEU A 1 143 ? 9.736   -4.991  9.180   1.00 38.49 ? 161 LEU A N   1 
ATOM 1137 C CA  . LEU A 1 143 ? 10.884  -5.799  9.614   1.00 42.02 ? 161 LEU A CA  1 
ATOM 1138 C C   . LEU A 1 143 ? 11.089  -6.929  8.587   1.00 49.45 ? 161 LEU A C   1 
ATOM 1139 O O   . LEU A 1 143 ? 12.199  -7.138  8.059   1.00 54.56 ? 161 LEU A O   1 
ATOM 1140 C CB  . LEU A 1 143 ? 10.698  -6.380  11.033  1.00 12.75 ? 161 LEU A CB  1 
ATOM 1141 C CG  . LEU A 1 143 ? 10.877  -5.416  12.213  1.00 15.19 ? 161 LEU A CG  1 
ATOM 1142 C CD1 . LEU A 1 143 ? 10.576  -6.185  13.490  1.00 10.57 ? 161 LEU A CD1 1 
ATOM 1143 C CD2 . LEU A 1 143 ? 12.294  -4.752  12.262  1.00 4.13  ? 161 LEU A CD2 1 
ATOM 1144 N N   . ARG A 1 144 ? 9.982   -7.579  8.237   1.00 53.60 ? 162 ARG A N   1 
ATOM 1145 C CA  . ARG A 1 144 ? 9.986   -8.681  7.282   1.00 49.59 ? 162 ARG A CA  1 
ATOM 1146 C C   . ARG A 1 144 ? 10.613  -8.297  5.967   1.00 38.77 ? 162 ARG A C   1 
ATOM 1147 O O   . ARG A 1 144 ? 11.284  -9.105  5.323   1.00 48.83 ? 162 ARG A O   1 
ATOM 1148 C CB  . ARG A 1 144 ? 8.567   -9.151  7.016   1.00 44.14 ? 162 ARG A CB  1 
ATOM 1149 C CG  . ARG A 1 144 ? 7.912   -9.880  8.160   1.00 39.70 ? 162 ARG A CG  1 
ATOM 1150 C CD  . ARG A 1 144 ? 8.603   -11.186 8.444   1.00 45.99 ? 162 ARG A CD  1 
ATOM 1151 N NE  . ARG A 1 144 ? 8.031   -11.845 9.609   1.00 46.64 ? 162 ARG A NE  1 
ATOM 1152 C CZ  . ARG A 1 144 ? 8.567   -12.904 10.199  1.00 58.25 ? 162 ARG A CZ  1 
ATOM 1153 N NH1 . ARG A 1 144 ? 9.700   -13.433 9.735   1.00 55.87 ? 162 ARG A NH1 1 
ATOM 1154 N NH2 . ARG A 1 144 ? 7.968   -13.432 11.252  1.00 64.72 ? 162 ARG A NH2 1 
ATOM 1155 N N   . ARG A 1 145 ? 10.347  -7.074  5.554   1.00 32.11 ? 163 ARG A N   1 
ATOM 1156 C CA  . ARG A 1 145 ? 10.867  -6.570  4.308   1.00 29.06 ? 163 ARG A CA  1 
ATOM 1157 C C   . ARG A 1 145 ? 12.396  -6.566  4.325   1.00 36.41 ? 163 ARG A C   1 
ATOM 1158 O O   . ARG A 1 145 ? 13.045  -6.904  3.324   1.00 40.21 ? 163 ARG A O   1 
ATOM 1159 C CB  . ARG A 1 145 ? 10.364  -5.156  4.090   1.00 26.62 ? 163 ARG A CB  1 
ATOM 1160 C CG  . ARG A 1 145 ? 10.690  -4.633  2.747   1.00 21.37 ? 163 ARG A CG  1 
ATOM 1161 C CD  . ARG A 1 145 ? 10.899  -3.150  2.796   1.00 30.52 ? 163 ARG A CD  1 
ATOM 1162 N NE  . ARG A 1 145 ? 11.281  -2.721  1.478   1.00 33.19 ? 163 ARG A NE  1 
ATOM 1163 C CZ  . ARG A 1 145 ? 12.362  -2.006  1.233   1.00 39.52 ? 163 ARG A CZ  1 
ATOM 1164 N NH1 . ARG A 1 145 ? 13.148  -1.623  2.238   1.00 41.26 ? 163 ARG A NH1 1 
ATOM 1165 N NH2 . ARG A 1 145 ? 12.714  -1.750  -0.026  1.00 39.09 ? 163 ARG A NH2 1 
ATOM 1166 N N   . MET A 1 146 ? 12.962  -6.132  5.456   1.00 36.60 ? 164 MET A N   1 
ATOM 1167 C CA  . MET A 1 146 ? 14.410  -6.047  5.658   1.00 25.20 ? 164 MET A CA  1 
ATOM 1168 C C   . MET A 1 146 ? 14.988  -7.435  5.523   1.00 35.22 ? 164 MET A C   1 
ATOM 1169 O O   . MET A 1 146 ? 15.704  -7.676  4.582   1.00 51.30 ? 164 MET A O   1 
ATOM 1170 C CB  . MET A 1 146 ? 14.738  -5.525  7.052   1.00 24.73 ? 164 MET A CB  1 
ATOM 1171 C CG  . MET A 1 146 ? 14.325  -4.093  7.313   1.00 38.81 ? 164 MET A CG  1 
ATOM 1172 S SD  . MET A 1 146 ? 14.788  -3.094  5.926   1.00 31.71 ? 164 MET A SD  1 
ATOM 1173 C CE  . MET A 1 146 ? 15.314  -1.634  6.706   1.00 24.57 ? 164 MET A CE  1 
ATOM 1174 N N   . GLU A 1 147 ? 14.643  -8.341  6.454   1.00 34.23 ? 165 GLU A N   1 
ATOM 1175 C CA  . GLU A 1 147 ? 15.110  -9.742  6.443   1.00 30.32 ? 165 GLU A CA  1 
ATOM 1176 C C   . GLU A 1 147 ? 14.957  -10.405 5.082   1.00 31.02 ? 165 GLU A C   1 
ATOM 1177 O O   . GLU A 1 147 ? 15.418  -11.534 4.904   1.00 48.02 ? 165 GLU A O   1 
ATOM 1178 C CB  . GLU A 1 147 ? 14.380  -10.554 7.459   1.00 45.04 ? 165 GLU A CB  1 
ATOM 1179 N N   . ALA A 1 148 ? 14.248  -9.749  4.168   1.00 32.32 ? 166 ALA A N   1 
ATOM 1180 C CA  . ALA A 1 148 ? 14.043  -10.234 2.820   1.00 35.40 ? 166 ALA A CA  1 
ATOM 1181 C C   . ALA A 1 148 ? 15.148  -9.769  1.859   1.00 33.60 ? 166 ALA A C   1 
ATOM 1182 O O   . ALA A 1 148 ? 15.802  -10.587 1.209   1.00 28.92 ? 166 ALA A O   1 
ATOM 1183 C CB  . ALA A 1 148 ? 12.670  -9.727  2.342   1.00 31.38 ? 166 ALA A CB  1 
ATOM 1184 N N   . ILE A 1 149 ? 15.374  -8.460  1.834   1.00 40.11 ? 167 ILE A N   1 
ATOM 1185 C CA  . ILE A 1 149 ? 16.348  -7.841  0.946   1.00 42.79 ? 167 ILE A CA  1 
ATOM 1186 C C   . ILE A 1 149 ? 17.804  -7.905  1.414   1.00 44.36 ? 167 ILE A C   1 
ATOM 1187 O O   . ILE A 1 149 ? 18.052  -8.210  2.601   1.00 40.22 ? 167 ILE A O   1 
ATOM 1188 C CB  . ILE A 1 149 ? 15.956  -6.369  0.634   1.00 48.75 ? 167 ILE A CB  1 
ATOM 1189 C CG1 . ILE A 1 149 ? 15.608  -5.641  1.931   1.00 52.61 ? 167 ILE A CG1 1 
ATOM 1190 C CG2 . ILE A 1 149 ? 14.752  -6.313  -0.287  1.00 43.43 ? 167 ILE A CG2 1 
ATOM 1191 C CD1 . ILE A 1 149 ? 15.081  -4.267  1.706   1.00 62.24 ? 167 ILE A CD1 1 
ATOM 1192 O OXT . ILE A 1 149 ? 18.696  -7.661  0.577   1.00 47.86 ? 167 ILE A OXT 1 
# 
